data_7XWF
# 
_entry.id   7XWF 
# 
_audit_conform.dict_name       mmcif_pdbx.dic 
_audit_conform.dict_version    5.380 
_audit_conform.dict_location   http://mmcif.pdb.org/dictionaries/ascii/mmcif_pdbx.dic 
# 
loop_
_database_2.database_id 
_database_2.database_code 
_database_2.pdbx_database_accession 
_database_2.pdbx_DOI 
PDB   7XWF         pdb_00007xwf 10.2210/pdb7xwf/pdb 
WWPDB D_1300029790 ?            ?                   
# 
_pdbx_database_status.status_code                     REL 
_pdbx_database_status.status_code_sf                  REL 
_pdbx_database_status.status_code_mr                  ? 
_pdbx_database_status.entry_id                        7XWF 
_pdbx_database_status.recvd_initial_deposition_date   2022-05-26 
_pdbx_database_status.SG_entry                        N 
_pdbx_database_status.deposit_site                    PDBJ 
_pdbx_database_status.process_site                    PDBJ 
_pdbx_database_status.status_code_cs                  ? 
_pdbx_database_status.status_code_nmr_data            ? 
_pdbx_database_status.methods_development_category    ? 
_pdbx_database_status.pdb_format_compatible           Y 
# 
loop_
_audit_author.name 
_audit_author.pdbx_ordinal 
_audit_author.identifier_ORCID 
'Kim, L.'    1 0000-0002-1266-7828 
'Song, H.K.' 2 0000-0001-5684-4059 
# 
_citation.abstract                  ? 
_citation.abstract_id_CAS           ? 
_citation.book_id_ISBN              ? 
_citation.book_publisher            ? 
_citation.book_publisher_city       ? 
_citation.book_title                ? 
_citation.coordinate_linkage        ? 
_citation.country                   ? 
_citation.database_id_Medline       ? 
_citation.details                   ? 
_citation.id                        primary 
_citation.journal_abbrev            'To Be Published' 
_citation.journal_id_ASTM           ? 
_citation.journal_id_CSD            0353 
_citation.journal_id_ISSN           ? 
_citation.journal_full              ? 
_citation.journal_issue             ? 
_citation.journal_volume            ? 
_citation.language                  ? 
_citation.page_first                ? 
_citation.page_last                 ? 
_citation.title                     
'Structural analyses of plant PRT6-UBR box for Cys-Arg/N-degron pathway and insights into the plant submergence resistance' 
_citation.year                      ? 
_citation.database_id_CSD           ? 
_citation.pdbx_database_id_DOI      ? 
_citation.pdbx_database_id_PubMed   ? 
_citation.pdbx_database_id_patent   ? 
_citation.unpublished_flag          ? 
# 
loop_
_citation_author.citation_id 
_citation_author.name 
_citation_author.ordinal 
_citation_author.identifier_ORCID 
primary 'Kim, L.'    1  0000-0002-1266-7828 
primary 'Lin, C.C.'  2  ?                   
primary 'Lin, T.J.'  3  ?                   
primary 'Cao, Y.C.'  4  ?                   
primary 'Chen, M.C.' 5  ?                   
primary 'Chou, M.Y.' 6  ?                   
primary 'Lin, W.H.'  7  ?                   
primary 'Kim, M.'    8  ?                   
primary 'Wu, J.L.'   9  ?                   
primary 'Shih, M.C.' 10 ?                   
primary 'Song, H.K.' 11 0000-0001-5684-4059 
primary 'Ho, M.C.'   12 ?                   
# 
_cell.angle_alpha                  90.00 
_cell.angle_alpha_esd              ? 
_cell.angle_beta                   90.00 
_cell.angle_beta_esd               ? 
_cell.angle_gamma                  90.00 
_cell.angle_gamma_esd              ? 
_cell.entry_id                     7XWF 
_cell.details                      ? 
_cell.formula_units_Z              ? 
_cell.length_a                     39.618 
_cell.length_a_esd                 ? 
_cell.length_b                     45.795 
_cell.length_b_esd                 ? 
_cell.length_c                     87.085 
_cell.length_c_esd                 ? 
_cell.volume                       ? 
_cell.volume_esd                   ? 
_cell.Z_PDB                        8 
_cell.reciprocal_angle_alpha       ? 
_cell.reciprocal_angle_beta        ? 
_cell.reciprocal_angle_gamma       ? 
_cell.reciprocal_angle_alpha_esd   ? 
_cell.reciprocal_angle_beta_esd    ? 
_cell.reciprocal_angle_gamma_esd   ? 
_cell.reciprocal_length_a          ? 
_cell.reciprocal_length_b          ? 
_cell.reciprocal_length_c          ? 
_cell.reciprocal_length_a_esd      ? 
_cell.reciprocal_length_b_esd      ? 
_cell.reciprocal_length_c_esd      ? 
_cell.pdbx_unique_axis             ? 
_cell.pdbx_esd_method              ? 
# 
_symmetry.entry_id                         7XWF 
_symmetry.cell_setting                     ? 
_symmetry.Int_Tables_number                23 
_symmetry.space_group_name_Hall            ? 
_symmetry.space_group_name_H-M             'I 2 2 2' 
_symmetry.pdbx_full_space_group_name_H-M   ? 
# 
loop_
_entity.id 
_entity.type 
_entity.src_method 
_entity.pdbx_description 
_entity.formula_weight 
_entity.pdbx_number_of_molecules 
_entity.pdbx_ec 
_entity.pdbx_mutation 
_entity.pdbx_fragment 
_entity.details 
1 polymer     man 'E3 ubiquitin-protein ligase PRT6' 8132.913 1  2.3.2.27 ? ? ? 
2 non-polymer syn 'ZINC ION'                         65.409   3  ?        ? ? ? 
3 water       nat water                              18.015   20 ?        ? ? ? 
# 
_entity_name_com.entity_id   1 
_entity_name_com.name        
'Protein GREENING AFTER EXTENDED DARKNESS 1,Protein PROTEOLYSIS 6,RING-type E3 ubiquitin transferase PRT6' 
# 
_entity_poly.entity_id                      1 
_entity_poly.type                           'polypeptide(L)' 
_entity_poly.nstd_linkage                   no 
_entity_poly.nstd_monomer                   no 
_entity_poly.pdbx_seq_one_letter_code       RLGSGGGVCGSVWGQNDIAYRCRTCENDPTCAICVPCFQNGDHNSHDYSIIYTGGGCCDCGDETAWKPDGFCSNHK 
_entity_poly.pdbx_seq_one_letter_code_can   RLGSGGGVCGSVWGQNDIAYRCRTCENDPTCAICVPCFQNGDHNSHDYSIIYTGGGCCDCGDETAWKPDGFCSNHK 
_entity_poly.pdbx_strand_id                 A 
_entity_poly.pdbx_target_identifier         ? 
# 
loop_
_entity_poly_seq.entity_id 
_entity_poly_seq.num 
_entity_poly_seq.mon_id 
_entity_poly_seq.hetero 
1 1  ARG n 
1 2  LEU n 
1 3  GLY n 
1 4  SER n 
1 5  GLY n 
1 6  GLY n 
1 7  GLY n 
1 8  VAL n 
1 9  CYS n 
1 10 GLY n 
1 11 SER n 
1 12 VAL n 
1 13 TRP n 
1 14 GLY n 
1 15 GLN n 
1 16 ASN n 
1 17 ASP n 
1 18 ILE n 
1 19 ALA n 
1 20 TYR n 
1 21 ARG n 
1 22 CYS n 
1 23 ARG n 
1 24 THR n 
1 25 CYS n 
1 26 GLU n 
1 27 ASN n 
1 28 ASP n 
1 29 PRO n 
1 30 THR n 
1 31 CYS n 
1 32 ALA n 
1 33 ILE n 
1 34 CYS n 
1 35 VAL n 
1 36 PRO n 
1 37 CYS n 
1 38 PHE n 
1 39 GLN n 
1 40 ASN n 
1 41 GLY n 
1 42 ASP n 
1 43 HIS n 
1 44 ASN n 
1 45 SER n 
1 46 HIS n 
1 47 ASP n 
1 48 TYR n 
1 49 SER n 
1 50 ILE n 
1 51 ILE n 
1 52 TYR n 
1 53 THR n 
1 54 GLY n 
1 55 GLY n 
1 56 GLY n 
1 57 CYS n 
1 58 CYS n 
1 59 ASP n 
1 60 CYS n 
1 61 GLY n 
1 62 ASP n 
1 63 GLU n 
1 64 THR n 
1 65 ALA n 
1 66 TRP n 
1 67 LYS n 
1 68 PRO n 
1 69 ASP n 
1 70 GLY n 
1 71 PHE n 
1 72 CYS n 
1 73 SER n 
1 74 ASN n 
1 75 HIS n 
1 76 LYS n 
# 
_entity_src_gen.entity_id                          1 
_entity_src_gen.pdbx_src_id                        1 
_entity_src_gen.pdbx_alt_source_flag               sample 
_entity_src_gen.pdbx_seq_type                      'Biological sequence' 
_entity_src_gen.pdbx_beg_seq_num                   1 
_entity_src_gen.pdbx_end_seq_num                   76 
_entity_src_gen.gene_src_common_name               'thale cress' 
_entity_src_gen.gene_src_genus                     ? 
_entity_src_gen.pdbx_gene_src_gene                 'PRT6, CER3, GED1, At5g02310/At5g02300, T1E22.70/T1E22.60' 
_entity_src_gen.gene_src_species                   ? 
_entity_src_gen.gene_src_strain                    ? 
_entity_src_gen.gene_src_tissue                    ? 
_entity_src_gen.gene_src_tissue_fraction           ? 
_entity_src_gen.gene_src_details                   ? 
_entity_src_gen.pdbx_gene_src_fragment             ? 
_entity_src_gen.pdbx_gene_src_scientific_name      'Arabidopsis thaliana' 
_entity_src_gen.pdbx_gene_src_ncbi_taxonomy_id     3702 
_entity_src_gen.pdbx_gene_src_variant              ? 
_entity_src_gen.pdbx_gene_src_cell_line            ? 
_entity_src_gen.pdbx_gene_src_atcc                 ? 
_entity_src_gen.pdbx_gene_src_organ                ? 
_entity_src_gen.pdbx_gene_src_organelle            ? 
_entity_src_gen.pdbx_gene_src_cell                 ? 
_entity_src_gen.pdbx_gene_src_cellular_location    ? 
_entity_src_gen.host_org_common_name               ? 
_entity_src_gen.pdbx_host_org_scientific_name      'Escherichia coli' 
_entity_src_gen.pdbx_host_org_ncbi_taxonomy_id     562 
_entity_src_gen.host_org_genus                     ? 
_entity_src_gen.pdbx_host_org_gene                 ? 
_entity_src_gen.pdbx_host_org_organ                ? 
_entity_src_gen.host_org_species                   ? 
_entity_src_gen.pdbx_host_org_tissue               ? 
_entity_src_gen.pdbx_host_org_tissue_fraction      ? 
_entity_src_gen.pdbx_host_org_strain               ? 
_entity_src_gen.pdbx_host_org_variant              ? 
_entity_src_gen.pdbx_host_org_cell_line            ? 
_entity_src_gen.pdbx_host_org_atcc                 ? 
_entity_src_gen.pdbx_host_org_culture_collection   ? 
_entity_src_gen.pdbx_host_org_cell                 ? 
_entity_src_gen.pdbx_host_org_organelle            ? 
_entity_src_gen.pdbx_host_org_cellular_location    ? 
_entity_src_gen.pdbx_host_org_vector_type          ? 
_entity_src_gen.pdbx_host_org_vector               ? 
_entity_src_gen.host_org_details                   ? 
_entity_src_gen.expression_system_id               ? 
_entity_src_gen.plasmid_name                       ? 
_entity_src_gen.plasmid_details                    ? 
_entity_src_gen.pdbx_description                   ? 
# 
_struct_ref.id                         1 
_struct_ref.db_name                    UNP 
_struct_ref.db_code                    PRT6_ARATH 
_struct_ref.pdbx_db_accession          F4KCC2 
_struct_ref.pdbx_db_isoform            ? 
_struct_ref.entity_id                  1 
_struct_ref.pdbx_seq_one_letter_code   GVCGSVWGQNDIAYRCRTCENDPTCAICVPCFQNGDHNSHDYSIIYTGGGCCDCGDETAWKPDGFCSNHK 
_struct_ref.pdbx_align_begin           119 
# 
_struct_ref_seq.align_id                      1 
_struct_ref_seq.ref_id                        1 
_struct_ref_seq.pdbx_PDB_id_code              7XWF 
_struct_ref_seq.pdbx_strand_id                A 
_struct_ref_seq.seq_align_beg                 7 
_struct_ref_seq.pdbx_seq_align_beg_ins_code   ? 
_struct_ref_seq.seq_align_end                 76 
_struct_ref_seq.pdbx_seq_align_end_ins_code   ? 
_struct_ref_seq.pdbx_db_accession             F4KCC2 
_struct_ref_seq.db_align_beg                  119 
_struct_ref_seq.pdbx_db_align_beg_ins_code    ? 
_struct_ref_seq.db_align_end                  188 
_struct_ref_seq.pdbx_db_align_end_ins_code    ? 
_struct_ref_seq.pdbx_auth_seq_align_beg       119 
_struct_ref_seq.pdbx_auth_seq_align_end       188 
# 
loop_
_struct_ref_seq_dif.align_id 
_struct_ref_seq_dif.pdbx_pdb_id_code 
_struct_ref_seq_dif.mon_id 
_struct_ref_seq_dif.pdbx_pdb_strand_id 
_struct_ref_seq_dif.seq_num 
_struct_ref_seq_dif.pdbx_pdb_ins_code 
_struct_ref_seq_dif.pdbx_seq_db_name 
_struct_ref_seq_dif.pdbx_seq_db_accession_code 
_struct_ref_seq_dif.db_mon_id 
_struct_ref_seq_dif.pdbx_seq_db_seq_num 
_struct_ref_seq_dif.details 
_struct_ref_seq_dif.pdbx_auth_seq_num 
_struct_ref_seq_dif.pdbx_ordinal 
1 7XWF ARG A 1 ? UNP F4KCC2 ? ? 'expression tag' 113 1 
1 7XWF LEU A 2 ? UNP F4KCC2 ? ? 'expression tag' 114 2 
1 7XWF GLY A 3 ? UNP F4KCC2 ? ? 'expression tag' 115 3 
1 7XWF SER A 4 ? UNP F4KCC2 ? ? 'expression tag' 116 4 
1 7XWF GLY A 5 ? UNP F4KCC2 ? ? 'expression tag' 117 5 
1 7XWF GLY A 6 ? UNP F4KCC2 ? ? 'expression tag' 118 6 
# 
loop_
_chem_comp.id 
_chem_comp.type 
_chem_comp.mon_nstd_flag 
_chem_comp.name 
_chem_comp.pdbx_synonyms 
_chem_comp.formula 
_chem_comp.formula_weight 
ALA 'L-peptide linking' y ALANINE         ? 'C3 H7 N O2'     89.093  
ARG 'L-peptide linking' y ARGININE        ? 'C6 H15 N4 O2 1' 175.209 
ASN 'L-peptide linking' y ASPARAGINE      ? 'C4 H8 N2 O3'    132.118 
ASP 'L-peptide linking' y 'ASPARTIC ACID' ? 'C4 H7 N O4'     133.103 
CYS 'L-peptide linking' y CYSTEINE        ? 'C3 H7 N O2 S'   121.158 
GLN 'L-peptide linking' y GLUTAMINE       ? 'C5 H10 N2 O3'   146.144 
GLU 'L-peptide linking' y 'GLUTAMIC ACID' ? 'C5 H9 N O4'     147.129 
GLY 'peptide linking'   y GLYCINE         ? 'C2 H5 N O2'     75.067  
HIS 'L-peptide linking' y HISTIDINE       ? 'C6 H10 N3 O2 1' 156.162 
HOH non-polymer         . WATER           ? 'H2 O'           18.015  
ILE 'L-peptide linking' y ISOLEUCINE      ? 'C6 H13 N O2'    131.173 
LEU 'L-peptide linking' y LEUCINE         ? 'C6 H13 N O2'    131.173 
LYS 'L-peptide linking' y LYSINE          ? 'C6 H15 N2 O2 1' 147.195 
PHE 'L-peptide linking' y PHENYLALANINE   ? 'C9 H11 N O2'    165.189 
PRO 'L-peptide linking' y PROLINE         ? 'C5 H9 N O2'     115.130 
SER 'L-peptide linking' y SERINE          ? 'C3 H7 N O3'     105.093 
THR 'L-peptide linking' y THREONINE       ? 'C4 H9 N O3'     119.119 
TRP 'L-peptide linking' y TRYPTOPHAN      ? 'C11 H12 N2 O2'  204.225 
TYR 'L-peptide linking' y TYROSINE        ? 'C9 H11 N O3'    181.189 
VAL 'L-peptide linking' y VALINE          ? 'C5 H11 N O2'    117.146 
ZN  non-polymer         . 'ZINC ION'      ? 'Zn 2'           65.409  
# 
_exptl.absorpt_coefficient_mu     ? 
_exptl.absorpt_correction_T_max   ? 
_exptl.absorpt_correction_T_min   ? 
_exptl.absorpt_correction_type    ? 
_exptl.absorpt_process_details    ? 
_exptl.entry_id                   7XWF 
_exptl.crystals_number            1 
_exptl.details                    ? 
_exptl.method                     'X-RAY DIFFRACTION' 
_exptl.method_details             ? 
# 
_exptl_crystal.colour                       ? 
_exptl_crystal.density_diffrn               ? 
_exptl_crystal.density_Matthews             2.43 
_exptl_crystal.density_method               ? 
_exptl_crystal.density_percent_sol          49.35 
_exptl_crystal.description                  ? 
_exptl_crystal.F_000                        ? 
_exptl_crystal.id                           1 
_exptl_crystal.preparation                  ? 
_exptl_crystal.size_max                     ? 
_exptl_crystal.size_mid                     ? 
_exptl_crystal.size_min                     ? 
_exptl_crystal.size_rad                     ? 
_exptl_crystal.colour_lustre                ? 
_exptl_crystal.colour_modifier              ? 
_exptl_crystal.colour_primary               ? 
_exptl_crystal.density_meas                 ? 
_exptl_crystal.density_meas_esd             ? 
_exptl_crystal.density_meas_gt              ? 
_exptl_crystal.density_meas_lt              ? 
_exptl_crystal.density_meas_temp            ? 
_exptl_crystal.density_meas_temp_esd        ? 
_exptl_crystal.density_meas_temp_gt         ? 
_exptl_crystal.density_meas_temp_lt         ? 
_exptl_crystal.pdbx_crystal_image_url       ? 
_exptl_crystal.pdbx_crystal_image_format    ? 
_exptl_crystal.pdbx_mosaicity               ? 
_exptl_crystal.pdbx_mosaicity_esd           ? 
_exptl_crystal.pdbx_mosaic_method           ? 
_exptl_crystal.pdbx_mosaic_block_size       ? 
_exptl_crystal.pdbx_mosaic_block_size_esd   ? 
# 
_exptl_crystal_grow.apparatus       ? 
_exptl_crystal_grow.atmosphere      ? 
_exptl_crystal_grow.crystal_id      1 
_exptl_crystal_grow.details         ? 
_exptl_crystal_grow.method          'VAPOR DIFFUSION, SITTING DROP' 
_exptl_crystal_grow.method_ref      ? 
_exptl_crystal_grow.pH              ? 
_exptl_crystal_grow.pressure        ? 
_exptl_crystal_grow.pressure_esd    ? 
_exptl_crystal_grow.seeding         ? 
_exptl_crystal_grow.seeding_ref     ? 
_exptl_crystal_grow.temp            295 
_exptl_crystal_grow.temp_details    ? 
_exptl_crystal_grow.temp_esd        ? 
_exptl_crystal_grow.time            ? 
_exptl_crystal_grow.pdbx_details    '0.2 M calcium acetate hydrate, 17 % (w/v) PEG 3350' 
_exptl_crystal_grow.pdbx_pH_range   ? 
# 
_diffrn.ambient_environment              ? 
_diffrn.ambient_temp                     193 
_diffrn.ambient_temp_details             ? 
_diffrn.ambient_temp_esd                 ? 
_diffrn.crystal_id                       1 
_diffrn.crystal_support                  ? 
_diffrn.crystal_treatment                ? 
_diffrn.details                          ? 
_diffrn.id                               1 
_diffrn.ambient_pressure                 ? 
_diffrn.ambient_pressure_esd             ? 
_diffrn.ambient_pressure_gt              ? 
_diffrn.ambient_pressure_lt              ? 
_diffrn.ambient_temp_gt                  ? 
_diffrn.ambient_temp_lt                  ? 
_diffrn.pdbx_serial_crystal_experiment   N 
# 
_diffrn_detector.details                      ? 
_diffrn_detector.detector                     PIXEL 
_diffrn_detector.diffrn_id                    1 
_diffrn_detector.type                         'DECTRIS EIGER X 9M' 
_diffrn_detector.area_resol_mean              ? 
_diffrn_detector.dtime                        ? 
_diffrn_detector.pdbx_frames_total            ? 
_diffrn_detector.pdbx_collection_time_total   ? 
_diffrn_detector.pdbx_collection_date         2019-11-24 
_diffrn_detector.pdbx_frequency               ? 
# 
_diffrn_radiation.collimation                      ? 
_diffrn_radiation.diffrn_id                        1 
_diffrn_radiation.filter_edge                      ? 
_diffrn_radiation.inhomogeneity                    ? 
_diffrn_radiation.monochromator                    ? 
_diffrn_radiation.polarisn_norm                    ? 
_diffrn_radiation.polarisn_ratio                   ? 
_diffrn_radiation.probe                            ? 
_diffrn_radiation.type                             ? 
_diffrn_radiation.xray_symbol                      ? 
_diffrn_radiation.wavelength_id                    1 
_diffrn_radiation.pdbx_monochromatic_or_laue_m_l   M 
_diffrn_radiation.pdbx_wavelength_list             ? 
_diffrn_radiation.pdbx_wavelength                  ? 
_diffrn_radiation.pdbx_diffrn_protocol             'SINGLE WAVELENGTH' 
_diffrn_radiation.pdbx_analyzer                    ? 
_diffrn_radiation.pdbx_scattering_type             x-ray 
# 
_diffrn_radiation_wavelength.id           1 
_diffrn_radiation_wavelength.wavelength   1 
_diffrn_radiation_wavelength.wt           1.0 
# 
_diffrn_source.current                     ? 
_diffrn_source.details                     ? 
_diffrn_source.diffrn_id                   1 
_diffrn_source.power                       ? 
_diffrn_source.size                        ? 
_diffrn_source.source                      SYNCHROTRON 
_diffrn_source.target                      ? 
_diffrn_source.type                        'PAL/PLS BEAMLINE 5C (4A)' 
_diffrn_source.voltage                     ? 
_diffrn_source.take-off_angle              ? 
_diffrn_source.pdbx_wavelength_list        1 
_diffrn_source.pdbx_wavelength             ? 
_diffrn_source.pdbx_synchrotron_beamline   '5C (4A)' 
_diffrn_source.pdbx_synchrotron_site       PAL/PLS 
# 
_reflns.B_iso_Wilson_estimate                          ? 
_reflns.entry_id                                       7XWF 
_reflns.data_reduction_details                         ? 
_reflns.data_reduction_method                          ? 
_reflns.d_resolution_high                              1.451 
_reflns.d_resolution_low                               36.06 
_reflns.details                                        ? 
_reflns.limit_h_max                                    ? 
_reflns.limit_h_min                                    ? 
_reflns.limit_k_max                                    ? 
_reflns.limit_k_min                                    ? 
_reflns.limit_l_max                                    ? 
_reflns.limit_l_min                                    ? 
_reflns.number_all                                     ? 
_reflns.number_obs                                     13083 
_reflns.observed_criterion                             ? 
_reflns.observed_criterion_F_max                       ? 
_reflns.observed_criterion_F_min                       ? 
_reflns.observed_criterion_I_max                       ? 
_reflns.observed_criterion_I_min                       ? 
_reflns.observed_criterion_sigma_F                     ? 
_reflns.observed_criterion_sigma_I                     ? 
_reflns.percent_possible_obs                           90.47 
_reflns.R_free_details                                 ? 
_reflns.Rmerge_F_all                                   ? 
_reflns.Rmerge_F_obs                                   ? 
_reflns.Friedel_coverage                               ? 
_reflns.number_gt                                      ? 
_reflns.threshold_expression                           ? 
_reflns.pdbx_redundancy                                7.7 
_reflns.pdbx_Rmerge_I_obs                              ? 
_reflns.pdbx_Rmerge_I_all                              ? 
_reflns.pdbx_Rsym_value                                ? 
_reflns.pdbx_netI_over_av_sigmaI                       ? 
_reflns.pdbx_netI_over_sigmaI                          28.86 
_reflns.pdbx_res_netI_over_av_sigmaI_2                 ? 
_reflns.pdbx_res_netI_over_sigmaI_2                    ? 
_reflns.pdbx_chi_squared                               ? 
_reflns.pdbx_scaling_rejects                           ? 
_reflns.pdbx_d_res_high_opt                            ? 
_reflns.pdbx_d_res_low_opt                             ? 
_reflns.pdbx_d_res_opt_method                          ? 
_reflns.phase_calculation_details                      ? 
_reflns.pdbx_Rrim_I_all                                ? 
_reflns.pdbx_Rpim_I_all                                ? 
_reflns.pdbx_d_opt                                     ? 
_reflns.pdbx_number_measured_all                       ? 
_reflns.pdbx_diffrn_id                                 1 
_reflns.pdbx_ordinal                                   1 
_reflns.pdbx_CC_half                                   0.999 
_reflns.pdbx_CC_star                                   ? 
_reflns.pdbx_R_split                                   ? 
_reflns.pdbx_aniso_diffraction_limit_axis_1_ortho[1]   ? 
_reflns.pdbx_aniso_diffraction_limit_axis_1_ortho[2]   ? 
_reflns.pdbx_aniso_diffraction_limit_axis_1_ortho[3]   ? 
_reflns.pdbx_aniso_diffraction_limit_axis_2_ortho[1]   ? 
_reflns.pdbx_aniso_diffraction_limit_axis_2_ortho[2]   ? 
_reflns.pdbx_aniso_diffraction_limit_axis_2_ortho[3]   ? 
_reflns.pdbx_aniso_diffraction_limit_axis_3_ortho[1]   ? 
_reflns.pdbx_aniso_diffraction_limit_axis_3_ortho[2]   ? 
_reflns.pdbx_aniso_diffraction_limit_axis_3_ortho[3]   ? 
_reflns.pdbx_aniso_diffraction_limit_1                 ? 
_reflns.pdbx_aniso_diffraction_limit_2                 ? 
_reflns.pdbx_aniso_diffraction_limit_3                 ? 
_reflns.pdbx_aniso_B_tensor_eigenvector_1_ortho[1]     ? 
_reflns.pdbx_aniso_B_tensor_eigenvector_1_ortho[2]     ? 
_reflns.pdbx_aniso_B_tensor_eigenvector_1_ortho[3]     ? 
_reflns.pdbx_aniso_B_tensor_eigenvector_2_ortho[1]     ? 
_reflns.pdbx_aniso_B_tensor_eigenvector_2_ortho[2]     ? 
_reflns.pdbx_aniso_B_tensor_eigenvector_2_ortho[3]     ? 
_reflns.pdbx_aniso_B_tensor_eigenvector_3_ortho[1]     ? 
_reflns.pdbx_aniso_B_tensor_eigenvector_3_ortho[2]     ? 
_reflns.pdbx_aniso_B_tensor_eigenvector_3_ortho[3]     ? 
_reflns.pdbx_aniso_B_tensor_eigenvalue_1               ? 
_reflns.pdbx_aniso_B_tensor_eigenvalue_2               ? 
_reflns.pdbx_aniso_B_tensor_eigenvalue_3               ? 
_reflns.pdbx_orthogonalization_convention              ? 
_reflns.pdbx_percent_possible_ellipsoidal              ? 
_reflns.pdbx_percent_possible_spherical                ? 
_reflns.pdbx_percent_possible_ellipsoidal_anomalous    ? 
_reflns.pdbx_percent_possible_spherical_anomalous      ? 
_reflns.pdbx_redundancy_anomalous                      ? 
_reflns.pdbx_CC_half_anomalous                         ? 
_reflns.pdbx_absDiff_over_sigma_anomalous              ? 
_reflns.pdbx_percent_possible_anomalous                ? 
_reflns.pdbx_observed_signal_threshold                 ? 
_reflns.pdbx_signal_type                               ? 
_reflns.pdbx_signal_details                            ? 
_reflns.pdbx_signal_software_id                        ? 
_reflns.pdbx_CC_split_method                           ? 
# 
_reflns_shell.d_res_high                                    1.451 
_reflns_shell.d_res_low                                     1.503 
_reflns_shell.meanI_over_sigI_all                           ? 
_reflns_shell.meanI_over_sigI_obs                           ? 
_reflns_shell.number_measured_all                           ? 
_reflns_shell.number_measured_obs                           ? 
_reflns_shell.number_possible                               ? 
_reflns_shell.number_unique_all                             ? 
_reflns_shell.number_unique_obs                             851 
_reflns_shell.percent_possible_all                          ? 
_reflns_shell.percent_possible_obs                          ? 
_reflns_shell.Rmerge_F_all                                  ? 
_reflns_shell.Rmerge_F_obs                                  ? 
_reflns_shell.Rmerge_I_all                                  ? 
_reflns_shell.Rmerge_I_obs                                  ? 
_reflns_shell.meanI_over_sigI_gt                            ? 
_reflns_shell.meanI_over_uI_all                             ? 
_reflns_shell.meanI_over_uI_gt                              ? 
_reflns_shell.number_measured_gt                            ? 
_reflns_shell.number_unique_gt                              ? 
_reflns_shell.percent_possible_gt                           ? 
_reflns_shell.Rmerge_F_gt                                   ? 
_reflns_shell.Rmerge_I_gt                                   ? 
_reflns_shell.pdbx_redundancy                               ? 
_reflns_shell.pdbx_Rsym_value                               ? 
_reflns_shell.pdbx_chi_squared                              ? 
_reflns_shell.pdbx_netI_over_sigmaI_all                     ? 
_reflns_shell.pdbx_netI_over_sigmaI_obs                     ? 
_reflns_shell.pdbx_Rrim_I_all                               ? 
_reflns_shell.pdbx_Rpim_I_all                               ? 
_reflns_shell.pdbx_rejects                                  ? 
_reflns_shell.pdbx_ordinal                                  1 
_reflns_shell.pdbx_diffrn_id                                1 
_reflns_shell.pdbx_CC_half                                  0.921 
_reflns_shell.pdbx_CC_star                                  ? 
_reflns_shell.pdbx_R_split                                  ? 
_reflns_shell.pdbx_percent_possible_ellipsoidal             ? 
_reflns_shell.pdbx_percent_possible_spherical               ? 
_reflns_shell.pdbx_percent_possible_ellipsoidal_anomalous   ? 
_reflns_shell.pdbx_percent_possible_spherical_anomalous     ? 
_reflns_shell.pdbx_redundancy_anomalous                     ? 
_reflns_shell.pdbx_CC_half_anomalous                        ? 
_reflns_shell.pdbx_absDiff_over_sigma_anomalous             ? 
_reflns_shell.pdbx_percent_possible_anomalous               ? 
# 
_refine.aniso_B[1][1]                            ? 
_refine.aniso_B[1][2]                            ? 
_refine.aniso_B[1][3]                            ? 
_refine.aniso_B[2][2]                            ? 
_refine.aniso_B[2][3]                            ? 
_refine.aniso_B[3][3]                            ? 
_refine.B_iso_max                                ? 
_refine.B_iso_mean                               ? 
_refine.B_iso_min                                ? 
_refine.correlation_coeff_Fo_to_Fc               ? 
_refine.correlation_coeff_Fo_to_Fc_free          ? 
_refine.details                                  ? 
_refine.diff_density_max                         ? 
_refine.diff_density_max_esd                     ? 
_refine.diff_density_min                         ? 
_refine.diff_density_min_esd                     ? 
_refine.diff_density_rms                         ? 
_refine.diff_density_rms_esd                     ? 
_refine.entry_id                                 7XWF 
_refine.pdbx_refine_id                           'X-RAY DIFFRACTION' 
_refine.ls_abs_structure_details                 ? 
_refine.ls_abs_structure_Flack                   ? 
_refine.ls_abs_structure_Flack_esd               ? 
_refine.ls_abs_structure_Rogers                  ? 
_refine.ls_abs_structure_Rogers_esd              ? 
_refine.ls_d_res_high                            1.451 
_refine.ls_d_res_low                             36.06 
_refine.ls_extinction_coef                       ? 
_refine.ls_extinction_coef_esd                   ? 
_refine.ls_extinction_expression                 ? 
_refine.ls_extinction_method                     ? 
_refine.ls_goodness_of_fit_all                   ? 
_refine.ls_goodness_of_fit_all_esd               ? 
_refine.ls_goodness_of_fit_obs                   ? 
_refine.ls_goodness_of_fit_obs_esd               ? 
_refine.ls_hydrogen_treatment                    ? 
_refine.ls_matrix_type                           ? 
_refine.ls_number_constraints                    ? 
_refine.ls_number_parameters                     ? 
_refine.ls_number_reflns_all                     ? 
_refine.ls_number_reflns_obs                     13058 
_refine.ls_number_reflns_R_free                  1307 
_refine.ls_number_reflns_R_work                  ? 
_refine.ls_number_restraints                     ? 
_refine.ls_percent_reflns_obs                    90.49 
_refine.ls_percent_reflns_R_free                 10.01 
_refine.ls_R_factor_all                          ? 
_refine.ls_R_factor_obs                          0.1909 
_refine.ls_R_factor_R_free                       0.2099 
_refine.ls_R_factor_R_free_error                 ? 
_refine.ls_R_factor_R_free_error_details         ? 
_refine.ls_R_factor_R_work                       0.1887 
_refine.ls_R_Fsqd_factor_obs                     ? 
_refine.ls_R_I_factor_obs                        ? 
_refine.ls_redundancy_reflns_all                 ? 
_refine.ls_redundancy_reflns_obs                 ? 
_refine.ls_restrained_S_all                      ? 
_refine.ls_restrained_S_obs                      ? 
_refine.ls_shift_over_esd_max                    ? 
_refine.ls_shift_over_esd_mean                   ? 
_refine.ls_structure_factor_coef                 ? 
_refine.ls_weighting_details                     ? 
_refine.ls_weighting_scheme                      ? 
_refine.ls_wR_factor_all                         ? 
_refine.ls_wR_factor_obs                         ? 
_refine.ls_wR_factor_R_free                      ? 
_refine.ls_wR_factor_R_work                      ? 
_refine.occupancy_max                            ? 
_refine.occupancy_min                            ? 
_refine.solvent_model_details                    'FLAT BULK SOLVENT MODEL' 
_refine.solvent_model_param_bsol                 ? 
_refine.solvent_model_param_ksol                 ? 
_refine.pdbx_R_complete                          ? 
_refine.ls_R_factor_gt                           ? 
_refine.ls_goodness_of_fit_gt                    ? 
_refine.ls_goodness_of_fit_ref                   ? 
_refine.ls_shift_over_su_max                     ? 
_refine.ls_shift_over_su_max_lt                  ? 
_refine.ls_shift_over_su_mean                    ? 
_refine.ls_shift_over_su_mean_lt                 ? 
_refine.pdbx_ls_sigma_I                          ? 
_refine.pdbx_ls_sigma_F                          1.38 
_refine.pdbx_ls_sigma_Fsqd                       ? 
_refine.pdbx_data_cutoff_high_absF               ? 
_refine.pdbx_data_cutoff_high_rms_absF           ? 
_refine.pdbx_data_cutoff_low_absF                ? 
_refine.pdbx_isotropic_thermal_model             ? 
_refine.pdbx_ls_cross_valid_method               'FREE R-VALUE' 
_refine.pdbx_method_to_determine_struct          'MOLECULAR REPLACEMENT' 
_refine.pdbx_starting_model                      6LHN 
_refine.pdbx_stereochemistry_target_values       ML 
_refine.pdbx_R_Free_selection_details            ? 
_refine.pdbx_stereochem_target_val_spec_case     ? 
_refine.pdbx_overall_ESU_R                       ? 
_refine.pdbx_overall_ESU_R_Free                  ? 
_refine.pdbx_solvent_vdw_probe_radii             1.11 
_refine.pdbx_solvent_ion_probe_radii             ? 
_refine.pdbx_solvent_shrinkage_radii             0.90 
_refine.pdbx_real_space_R                        ? 
_refine.pdbx_density_correlation                 ? 
_refine.pdbx_pd_number_of_powder_patterns        ? 
_refine.pdbx_pd_number_of_points                 ? 
_refine.pdbx_pd_meas_number_of_points            ? 
_refine.pdbx_pd_proc_ls_prof_R_factor            ? 
_refine.pdbx_pd_proc_ls_prof_wR_factor           ? 
_refine.pdbx_pd_Marquardt_correlation_coeff      ? 
_refine.pdbx_pd_Fsqrd_R_factor                   ? 
_refine.pdbx_pd_ls_matrix_band_width             ? 
_refine.pdbx_overall_phase_error                 23.57 
_refine.pdbx_overall_SU_R_free_Cruickshank_DPI   ? 
_refine.pdbx_overall_SU_R_free_Blow_DPI          ? 
_refine.pdbx_overall_SU_R_Blow_DPI               ? 
_refine.pdbx_TLS_residual_ADP_flag               ? 
_refine.pdbx_diffrn_id                           1 
_refine.overall_SU_B                             ? 
_refine.overall_SU_ML                            0.13 
_refine.overall_SU_R_Cruickshank_DPI             ? 
_refine.overall_SU_R_free                        ? 
_refine.overall_FOM_free_R_set                   ? 
_refine.overall_FOM_work_R_set                   ? 
_refine.pdbx_average_fsc_overall                 ? 
_refine.pdbx_average_fsc_work                    ? 
_refine.pdbx_average_fsc_free                    ? 
# 
_refine_hist.pdbx_refine_id                   'X-RAY DIFFRACTION' 
_refine_hist.cycle_id                         LAST 
_refine_hist.pdbx_number_atoms_protein        548 
_refine_hist.pdbx_number_atoms_nucleic_acid   0 
_refine_hist.pdbx_number_atoms_ligand         3 
_refine_hist.number_atoms_solvent             20 
_refine_hist.number_atoms_total               571 
_refine_hist.d_res_high                       1.451 
_refine_hist.d_res_low                        36.06 
# 
loop_
_refine_ls_restr.pdbx_refine_id 
_refine_ls_restr.criterion 
_refine_ls_restr.dev_ideal 
_refine_ls_restr.dev_ideal_target 
_refine_ls_restr.number 
_refine_ls_restr.rejects 
_refine_ls_restr.type 
_refine_ls_restr.weight 
_refine_ls_restr.pdbx_restraint_function 
'X-RAY DIFFRACTION' ? 0.007  ? 561 ? f_bond_d           ? ? 
'X-RAY DIFFRACTION' ? 0.968  ? 759 ? f_angle_d          ? ? 
'X-RAY DIFFRACTION' ? 13.655 ? 193 ? f_dihedral_angle_d ? ? 
'X-RAY DIFFRACTION' ? 0.082  ? 75  ? f_chiral_restr     ? ? 
'X-RAY DIFFRACTION' ? 0.007  ? 103 ? f_plane_restr      ? ? 
# 
loop_
_refine_ls_shell.pdbx_refine_id 
_refine_ls_shell.d_res_high 
_refine_ls_shell.d_res_low 
_refine_ls_shell.number_reflns_all 
_refine_ls_shell.number_reflns_obs 
_refine_ls_shell.number_reflns_R_free 
_refine_ls_shell.number_reflns_R_work 
_refine_ls_shell.percent_reflns_obs 
_refine_ls_shell.percent_reflns_R_free 
_refine_ls_shell.R_factor_all 
_refine_ls_shell.R_factor_obs 
_refine_ls_shell.R_factor_R_free 
_refine_ls_shell.R_factor_R_free_error 
_refine_ls_shell.R_factor_R_work 
_refine_ls_shell.redundancy_reflns_all 
_refine_ls_shell.redundancy_reflns_obs 
_refine_ls_shell.wR_factor_all 
_refine_ls_shell.wR_factor_obs 
_refine_ls_shell.wR_factor_R_free 
_refine_ls_shell.wR_factor_R_work 
_refine_ls_shell.pdbx_R_complete 
_refine_ls_shell.pdbx_total_number_of_bins_used 
_refine_ls_shell.pdbx_phase_error 
_refine_ls_shell.pdbx_fsc_work 
_refine_ls_shell.pdbx_fsc_free 
'X-RAY DIFFRACTION' 1.4510 1.5091 . . 95  867  61.00  . . . 0.2692 . 0.2577 . . . . . . . . . . . 
'X-RAY DIFFRACTION' 1.5091 1.5778 . . 117 1041 74.00  . . . 0.2755 . 0.2084 . . . . . . . . . . . 
'X-RAY DIFFRACTION' 1.5778 1.6610 . . 135 1213 85.00  . . . 0.2200 . 0.1798 . . . . . . . . . . . 
'X-RAY DIFFRACTION' 1.6610 1.7651 . . 149 1337 94.00  . . . 0.1977 . 0.1847 . . . . . . . . . . . 
'X-RAY DIFFRACTION' 1.7651 1.9013 . . 159 1430 100.00 . . . 0.1937 . 0.1849 . . . . . . . . . . . 
'X-RAY DIFFRACTION' 1.9013 2.0927 . . 159 1433 100.00 . . . 0.1996 . 0.1841 . . . . . . . . . . . 
'X-RAY DIFFRACTION' 2.0927 2.3955 . . 160 1440 100.00 . . . 0.2032 . 0.1796 . . . . . . . . . . . 
'X-RAY DIFFRACTION' 2.3955 3.0179 . . 161 1453 100.00 . . . 0.2079 . 0.2047 . . . . . . . . . . . 
'X-RAY DIFFRACTION' 3.0179 36.06  . . 172 1537 100.00 . . . 0.2122 . 0.1814 . . . . . . . . . . . 
# 
_struct.entry_id                     7XWF 
_struct.title                        'RLGSGG-AtPRT6 UBR box (highest resolution)' 
_struct.pdbx_model_details           ? 
_struct.pdbx_formula_weight          ? 
_struct.pdbx_formula_weight_method   ? 
_struct.pdbx_model_type_details      ? 
_struct.pdbx_CASP_flag               N 
# 
_struct_keywords.entry_id        7XWF 
_struct_keywords.text            'PRT6, UBR box, E3 ubiquitin ligase, Arabidopsis thaliana, LIGASE' 
_struct_keywords.pdbx_keywords   LIGASE 
# 
loop_
_struct_asym.id 
_struct_asym.pdbx_blank_PDB_chainid_flag 
_struct_asym.pdbx_modified 
_struct_asym.entity_id 
_struct_asym.details 
A N N 1 ? 
B N N 2 ? 
C N N 2 ? 
D N N 2 ? 
E N N 3 ? 
# 
loop_
_struct_conf.conf_type_id 
_struct_conf.id 
_struct_conf.pdbx_PDB_helix_id 
_struct_conf.beg_label_comp_id 
_struct_conf.beg_label_asym_id 
_struct_conf.beg_label_seq_id 
_struct_conf.pdbx_beg_PDB_ins_code 
_struct_conf.end_label_comp_id 
_struct_conf.end_label_asym_id 
_struct_conf.end_label_seq_id 
_struct_conf.pdbx_end_PDB_ins_code 
_struct_conf.beg_auth_comp_id 
_struct_conf.beg_auth_asym_id 
_struct_conf.beg_auth_seq_id 
_struct_conf.end_auth_comp_id 
_struct_conf.end_auth_asym_id 
_struct_conf.end_auth_seq_id 
_struct_conf.pdbx_PDB_helix_class 
_struct_conf.details 
_struct_conf.pdbx_PDB_helix_length 
HELX_P HELX_P1 AA1 CYS A 34 ? ASN A 40 ? CYS A 146 ASN A 152 1 ? 7 
HELX_P HELX_P2 AA2 LYS A 67 ? PHE A 71 ? LYS A 179 PHE A 183 5 ? 5 
# 
_struct_conf_type.id          HELX_P 
_struct_conf_type.criteria    ? 
_struct_conf_type.reference   ? 
# 
loop_
_struct_conn.id 
_struct_conn.conn_type_id 
_struct_conn.pdbx_leaving_atom_flag 
_struct_conn.pdbx_PDB_id 
_struct_conn.ptnr1_label_asym_id 
_struct_conn.ptnr1_label_comp_id 
_struct_conn.ptnr1_label_seq_id 
_struct_conn.ptnr1_label_atom_id 
_struct_conn.pdbx_ptnr1_label_alt_id 
_struct_conn.pdbx_ptnr1_PDB_ins_code 
_struct_conn.pdbx_ptnr1_standard_comp_id 
_struct_conn.ptnr1_symmetry 
_struct_conn.ptnr2_label_asym_id 
_struct_conn.ptnr2_label_comp_id 
_struct_conn.ptnr2_label_seq_id 
_struct_conn.ptnr2_label_atom_id 
_struct_conn.pdbx_ptnr2_label_alt_id 
_struct_conn.pdbx_ptnr2_PDB_ins_code 
_struct_conn.ptnr1_auth_asym_id 
_struct_conn.ptnr1_auth_comp_id 
_struct_conn.ptnr1_auth_seq_id 
_struct_conn.ptnr2_auth_asym_id 
_struct_conn.ptnr2_auth_comp_id 
_struct_conn.ptnr2_auth_seq_id 
_struct_conn.ptnr2_symmetry 
_struct_conn.pdbx_ptnr3_label_atom_id 
_struct_conn.pdbx_ptnr3_label_seq_id 
_struct_conn.pdbx_ptnr3_label_comp_id 
_struct_conn.pdbx_ptnr3_label_asym_id 
_struct_conn.pdbx_ptnr3_label_alt_id 
_struct_conn.pdbx_ptnr3_PDB_ins_code 
_struct_conn.details 
_struct_conn.pdbx_dist_value 
_struct_conn.pdbx_value_order 
_struct_conn.pdbx_role 
metalc1  metalc ? ? A CYS 9  SG  ? ? ? 1_555 C ZN . ZN ? ? A CYS 121 A ZN 202 1_555 ? ? ? ? ? ? ? 2.303 ? ? 
metalc2  metalc ? ? A CYS 22 SG  ? ? ? 1_555 D ZN . ZN ? ? A CYS 134 A ZN 203 1_555 ? ? ? ? ? ? ? 2.286 ? ? 
metalc3  metalc ? ? A CYS 25 SG  ? ? ? 1_555 D ZN . ZN ? ? A CYS 137 A ZN 203 1_555 ? ? ? ? ? ? ? 2.303 ? ? 
metalc4  metalc ? ? A CYS 34 SG  ? ? ? 1_555 C ZN . ZN ? ? A CYS 146 A ZN 202 1_555 ? ? ? ? ? ? ? 2.302 ? ? 
metalc5  metalc ? ? A CYS 37 SG  ? ? ? 1_555 B ZN . ZN ? ? A CYS 149 A ZN 201 1_555 ? ? ? ? ? ? ? 2.395 ? ? 
metalc6  metalc ? ? A CYS 37 SG  ? ? ? 1_555 C ZN . ZN ? ? A CYS 149 A ZN 202 1_555 ? ? ? ? ? ? ? 2.352 ? ? 
metalc7  metalc ? ? A HIS 43 ND1 ? ? ? 1_555 D ZN . ZN ? ? A HIS 155 A ZN 203 1_555 ? ? ? ? ? ? ? 2.057 ? ? 
metalc8  metalc ? ? A HIS 46 ND1 ? ? ? 1_555 D ZN . ZN ? ? A HIS 158 A ZN 203 1_555 ? ? ? ? ? ? ? 2.047 ? ? 
metalc9  metalc ? ? A CYS 58 SG  ? ? ? 1_555 C ZN . ZN ? ? A CYS 170 A ZN 202 1_555 ? ? ? ? ? ? ? 2.273 ? ? 
metalc10 metalc ? ? A CYS 60 SG  ? ? ? 1_555 B ZN . ZN ? ? A CYS 172 A ZN 201 1_555 ? ? ? ? ? ? ? 2.237 ? ? 
metalc11 metalc ? ? A CYS 72 SG  ? ? ? 1_555 B ZN . ZN ? ? A CYS 184 A ZN 201 1_555 ? ? ? ? ? ? ? 2.308 ? ? 
metalc12 metalc ? ? A HIS 75 ND1 ? ? ? 1_555 B ZN . ZN ? ? A HIS 187 A ZN 201 1_555 ? ? ? ? ? ? ? 2.020 ? ? 
# 
_struct_conn_type.id          metalc 
_struct_conn_type.criteria    ? 
_struct_conn_type.reference   ? 
# 
loop_
_struct_sheet.id 
_struct_sheet.type 
_struct_sheet.number_strands 
_struct_sheet.details 
AA1 ? 2 ? 
AA2 ? 2 ? 
# 
loop_
_struct_sheet_order.sheet_id 
_struct_sheet_order.range_id_1 
_struct_sheet_order.range_id_2 
_struct_sheet_order.offset 
_struct_sheet_order.sense 
AA1 1 2 ? anti-parallel 
AA2 1 2 ? anti-parallel 
# 
loop_
_struct_sheet_range.sheet_id 
_struct_sheet_range.id 
_struct_sheet_range.beg_label_comp_id 
_struct_sheet_range.beg_label_asym_id 
_struct_sheet_range.beg_label_seq_id 
_struct_sheet_range.pdbx_beg_PDB_ins_code 
_struct_sheet_range.end_label_comp_id 
_struct_sheet_range.end_label_asym_id 
_struct_sheet_range.end_label_seq_id 
_struct_sheet_range.pdbx_end_PDB_ins_code 
_struct_sheet_range.beg_auth_comp_id 
_struct_sheet_range.beg_auth_asym_id 
_struct_sheet_range.beg_auth_seq_id 
_struct_sheet_range.end_auth_comp_id 
_struct_sheet_range.end_auth_asym_id 
_struct_sheet_range.end_auth_seq_id 
AA1 1 VAL A 12 ? TRP A 13 ? VAL A 124 TRP A 125 
AA1 2 GLY A 56 ? CYS A 57 ? GLY A 168 CYS A 169 
AA2 1 ILE A 18 ? CYS A 22 ? ILE A 130 CYS A 134 
AA2 2 TYR A 48 ? TYR A 52 ? TYR A 160 TYR A 164 
# 
loop_
_pdbx_struct_sheet_hbond.sheet_id 
_pdbx_struct_sheet_hbond.range_id_1 
_pdbx_struct_sheet_hbond.range_id_2 
_pdbx_struct_sheet_hbond.range_1_label_atom_id 
_pdbx_struct_sheet_hbond.range_1_label_comp_id 
_pdbx_struct_sheet_hbond.range_1_label_asym_id 
_pdbx_struct_sheet_hbond.range_1_label_seq_id 
_pdbx_struct_sheet_hbond.range_1_PDB_ins_code 
_pdbx_struct_sheet_hbond.range_1_auth_atom_id 
_pdbx_struct_sheet_hbond.range_1_auth_comp_id 
_pdbx_struct_sheet_hbond.range_1_auth_asym_id 
_pdbx_struct_sheet_hbond.range_1_auth_seq_id 
_pdbx_struct_sheet_hbond.range_2_label_atom_id 
_pdbx_struct_sheet_hbond.range_2_label_comp_id 
_pdbx_struct_sheet_hbond.range_2_label_asym_id 
_pdbx_struct_sheet_hbond.range_2_label_seq_id 
_pdbx_struct_sheet_hbond.range_2_PDB_ins_code 
_pdbx_struct_sheet_hbond.range_2_auth_atom_id 
_pdbx_struct_sheet_hbond.range_2_auth_comp_id 
_pdbx_struct_sheet_hbond.range_2_auth_asym_id 
_pdbx_struct_sheet_hbond.range_2_auth_seq_id 
AA1 1 2 N TRP A 13 ? N TRP A 125 O GLY A 56 ? O GLY A 168 
AA2 1 2 N ARG A 21 ? N ARG A 133 O SER A 49 ? O SER A 161 
# 
_atom_sites.entry_id                    7XWF 
_atom_sites.Cartn_transf_matrix[1][1]   ? 
_atom_sites.Cartn_transf_matrix[1][2]   ? 
_atom_sites.Cartn_transf_matrix[1][3]   ? 
_atom_sites.Cartn_transf_matrix[2][1]   ? 
_atom_sites.Cartn_transf_matrix[2][2]   ? 
_atom_sites.Cartn_transf_matrix[2][3]   ? 
_atom_sites.Cartn_transf_matrix[3][1]   ? 
_atom_sites.Cartn_transf_matrix[3][2]   ? 
_atom_sites.Cartn_transf_matrix[3][3]   ? 
_atom_sites.Cartn_transf_vector[1]      ? 
_atom_sites.Cartn_transf_vector[2]      ? 
_atom_sites.Cartn_transf_vector[3]      ? 
_atom_sites.fract_transf_matrix[1][1]   0.00732559 
_atom_sites.fract_transf_matrix[1][2]   -0.01558122 
_atom_sites.fract_transf_matrix[1][3]   0.01845723 
_atom_sites.fract_transf_matrix[2][1]   0.00111584 
_atom_sites.fract_transf_matrix[2][2]   0.01688002 
_atom_sites.fract_transf_matrix[2][3]   0.01380690 
_atom_sites.fract_transf_matrix[3][1]   -0.01097307 
_atom_sites.fract_transf_matrix[3][2]   -0.00167815 
_atom_sites.fract_transf_matrix[3][3]   0.00293850 
_atom_sites.fract_transf_vector[1]      -0.023707 
_atom_sites.fract_transf_vector[2]      -0.267430 
_atom_sites.fract_transf_vector[3]      -0.163300 
_atom_sites.solution_primary            ? 
_atom_sites.solution_secondary          ? 
_atom_sites.solution_hydrogens          ? 
_atom_sites.special_details             ? 
# 
loop_
_atom_type.symbol 
C  
H  
N  
O  
S  
ZN 
# 
loop_
_atom_site.group_PDB 
_atom_site.id 
_atom_site.type_symbol 
_atom_site.label_atom_id 
_atom_site.label_alt_id 
_atom_site.label_comp_id 
_atom_site.label_asym_id 
_atom_site.label_entity_id 
_atom_site.label_seq_id 
_atom_site.pdbx_PDB_ins_code 
_atom_site.Cartn_x 
_atom_site.Cartn_y 
_atom_site.Cartn_z 
_atom_site.occupancy 
_atom_site.B_iso_or_equiv 
_atom_site.pdbx_formal_charge 
_atom_site.auth_seq_id 
_atom_site.auth_comp_id 
_atom_site.auth_asym_id 
_atom_site.auth_atom_id 
_atom_site.pdbx_PDB_model_num 
ATOM   1    N  N    . ARG A 1 1  ? 16.849  -5.274  4.656   1.00 15.70 ? 113 ARG A N    1 
ATOM   2    C  CA   . ARG A 1 1  ? 18.175  -5.204  4.045   1.00 17.76 ? 113 ARG A CA   1 
ATOM   3    C  C    . ARG A 1 1  ? 18.642  -3.767  4.027   1.00 17.63 ? 113 ARG A C    1 
ATOM   4    O  O    . ARG A 1 1  ? 17.885  -2.854  4.358   1.00 19.98 ? 113 ARG A O    1 
ATOM   5    C  CB   . ARG A 1 1  ? 18.151  -5.735  2.613   1.00 18.53 ? 113 ARG A CB   1 
ATOM   6    C  CG   . ARG A 1 1  ? 17.866  -7.203  2.517   1.00 19.57 ? 113 ARG A CG   1 
ATOM   7    C  CD   . ARG A 1 1  ? 17.475  -7.554  1.092   1.00 22.38 ? 113 ARG A CD   1 
ATOM   8    N  NE   . ARG A 1 1  ? 17.872  -8.913  0.734   1.00 29.70 ? 113 ARG A NE   1 
ATOM   9    C  CZ   . ARG A 1 1  ? 17.091  -9.973  0.872   1.00 26.55 ? 113 ARG A CZ   1 
ATOM   10   N  NH1  . ARG A 1 1  ? 17.528  -11.177 0.501   1.00 24.04 ? 113 ARG A NH1  1 
ATOM   11   N  NH2  . ARG A 1 1  ? 15.865  -9.831  1.361   1.00 28.59 ? 113 ARG A NH2  1 
ATOM   12   N  N    . LEU A 1 2  ? 19.904  -3.569  3.666   1.00 17.64 ? 114 LEU A N    1 
ATOM   13   C  CA   . LEU A 1 2  ? 20.450  -2.229  3.533   1.00 18.33 ? 114 LEU A CA   1 
ATOM   14   C  C    . LEU A 1 2  ? 19.836  -1.530  2.326   1.00 22.05 ? 114 LEU A C    1 
ATOM   15   O  O    . LEU A 1 2  ? 19.538  -2.152  1.305   1.00 25.17 ? 114 LEU A O    1 
ATOM   16   C  CB   . LEU A 1 2  ? 21.968  -2.313  3.353   1.00 19.49 ? 114 LEU A CB   1 
ATOM   17   C  CG   . LEU A 1 2  ? 22.744  -2.922  4.519   1.00 18.30 ? 114 LEU A CG   1 
ATOM   18   C  CD1  . LEU A 1 2  ? 24.216  -3.099  4.179   1.00 22.64 ? 114 LEU A CD1  1 
ATOM   19   C  CD2  . LEU A 1 2  ? 22.568  -2.063  5.788   1.00 18.75 ? 114 LEU A CD2  1 
ATOM   20   N  N    . GLY A 1 3  ? 19.557  -0.242  2.485   1.00 27.17 ? 115 GLY A N    1 
ATOM   21   C  CA   . GLY A 1 3  ? 18.900  0.604   1.471   1.00 28.26 ? 115 GLY A CA   1 
ATOM   22   C  C    . GLY A 1 3  ? 19.851  1.086   0.408   1.00 33.29 ? 115 GLY A C    1 
ATOM   23   O  O    . GLY A 1 3  ? 21.026  0.776   0.544   1.00 38.80 ? 115 GLY A O    1 
ATOM   24   N  N    . GLY A 1 7  ? 13.196  4.664   -1.914  1.00 38.74 ? 119 GLY A N    1 
ATOM   25   C  CA   . GLY A 1 7  ? 12.416  3.997   -2.940  1.00 34.16 ? 119 GLY A CA   1 
ATOM   26   C  C    . GLY A 1 7  ? 10.927  3.907   -2.629  1.00 38.50 ? 119 GLY A C    1 
ATOM   27   O  O    . GLY A 1 7  ? 10.527  3.321   -1.622  1.00 35.38 ? 119 GLY A O    1 
ATOM   28   N  N    . VAL A 1 8  ? 10.108  4.512   -3.488  1.00 35.79 ? 120 VAL A N    1 
ATOM   29   C  CA   . VAL A 1 8  ? 8.663   4.314   -3.480  1.00 29.53 ? 120 VAL A CA   1 
ATOM   30   C  C    . VAL A 1 8  ? 8.361   3.171   -4.432  1.00 26.07 ? 120 VAL A C    1 
ATOM   31   O  O    . VAL A 1 8  ? 9.007   3.038   -5.476  1.00 27.37 ? 120 VAL A O    1 
ATOM   32   C  CB   . VAL A 1 8  ? 7.944   5.602   -3.927  1.00 28.24 ? 120 VAL A CB   1 
ATOM   33   C  CG1  . VAL A 1 8  ? 6.462   5.352   -4.105  1.00 31.80 ? 120 VAL A CG1  1 
ATOM   34   C  CG2  . VAL A 1 8  ? 8.187   6.719   -2.929  1.00 29.33 ? 120 VAL A CG2  1 
ATOM   35   H  H    . VAL A 1 8  ? 10.375  5.055   -4.098  1.00 42.99 ? 120 VAL A H    1 
ATOM   36   H  HA   . VAL A 1 8  ? 8.356   4.089   -2.588  1.00 35.48 ? 120 VAL A HA   1 
ATOM   37   H  HB   . VAL A 1 8  ? 8.303   5.878   -4.784  1.00 33.94 ? 120 VAL A HB   1 
ATOM   38   H  HG11 . VAL A 1 8  ? 6.043   6.164   -4.429  1.00 38.21 ? 120 VAL A HG11 1 
ATOM   39   H  HG12 . VAL A 1 8  ? 6.337   4.635   -4.745  1.00 38.21 ? 120 VAL A HG12 1 
ATOM   40   H  HG13 . VAL A 1 8  ? 6.080   5.102   -3.249  1.00 38.21 ? 120 VAL A HG13 1 
ATOM   41   H  HG21 . VAL A 1 8  ? 9.123   6.974   -2.961  1.00 35.25 ? 120 VAL A HG21 1 
ATOM   42   H  HG22 . VAL A 1 8  ? 7.630   7.478   -3.162  1.00 35.25 ? 120 VAL A HG22 1 
ATOM   43   H  HG23 . VAL A 1 8  ? 7.962   6.403   -2.040  1.00 35.25 ? 120 VAL A HG23 1 
ATOM   44   N  N    . CYS A 1 9  ? 7.361   2.354   -4.094  1.00 20.36 ? 121 CYS A N    1 
ATOM   45   C  CA   . CYS A 1 9  ? 6.992   1.248   -4.969  1.00 21.13 ? 121 CYS A CA   1 
ATOM   46   C  C    . CYS A 1 9  ? 6.539   1.766   -6.326  1.00 22.72 ? 121 CYS A C    1 
ATOM   47   O  O    . CYS A 1 9  ? 7.061   1.358   -7.372  1.00 26.93 ? 121 CYS A O    1 
ATOM   48   C  CB   . CYS A 1 9  ? 5.879   0.404   -4.329  1.00 17.50 ? 121 CYS A CB   1 
ATOM   49   S  SG   . CYS A 1 9  ? 5.257   -0.960  -5.365  1.00 16.78 ? 121 CYS A SG   1 
ATOM   50   H  H    . CYS A 1 9  ? 6.890   2.418   -3.377  1.00 24.48 ? 121 CYS A H    1 
ATOM   51   H  HA   . CYS A 1 9  ? 7.769   0.680   -5.090  1.00 25.40 ? 121 CYS A HA   1 
ATOM   52   H  HB2  . CYS A 1 9  ? 6.223   0.014   -3.510  1.00 21.04 ? 121 CYS A HB2  1 
ATOM   53   H  HB3  . CYS A 1 9  ? 5.129   0.984   -4.131  1.00 21.04 ? 121 CYS A HB3  1 
ATOM   54   N  N    . GLY A 1 10 ? 5.521   2.614   -6.328  1.00 21.12 ? 122 GLY A N    1 
ATOM   55   C  CA   . GLY A 1 10 ? 4.993   3.194   -7.546  1.00 25.64 ? 122 GLY A CA   1 
ATOM   56   C  C    . GLY A 1 10 ? 4.350   2.273   -8.568  1.00 25.33 ? 122 GLY A C    1 
ATOM   57   O  O    . GLY A 1 10 ? 3.977   2.746   -9.648  1.00 25.91 ? 122 GLY A O    1 
ATOM   58   H  H    . GLY A 1 10 ? 5.109   2.873   -5.619  1.00 25.40 ? 122 GLY A H    1 
ATOM   59   H  HA2  . GLY A 1 10 ? 4.321   3.848   -7.297  1.00 30.81 ? 122 GLY A HA2  1 
ATOM   60   H  HA3  . GLY A 1 10 ? 5.722   3.648   -7.998  1.00 30.81 ? 122 GLY A HA3  1 
ATOM   61   N  N    . SER A 1 11 ? 4.196   0.982   -8.250  1.00 22.15 ? 123 SER A N    1 
ATOM   62   C  CA   . SER A 1 11 ? 3.589   0.039   -9.185  1.00 24.31 ? 123 SER A CA   1 
ATOM   63   C  C    . SER A 1 11 ? 2.200   0.518   -9.574  1.00 21.72 ? 123 SER A C    1 
ATOM   64   O  O    . SER A 1 11 ? 1.444   0.998   -8.732  1.00 19.72 ? 123 SER A O    1 
ATOM   65   C  CB   . SER A 1 11 ? 3.459   -1.330  -8.528  1.00 26.03 ? 123 SER A CB   1 
ATOM   66   O  OG   . SER A 1 11 ? 4.719   -1.973  -8.437  1.00 29.34 ? 123 SER A OG   1 
ATOM   67   H  H    . SER A 1 11 ? 4.434   0.630   -7.502  1.00 26.63 ? 123 SER A H    1 
ATOM   68   H  HA   . SER A 1 11 ? 4.146   -0.034  -9.975  1.00 29.22 ? 123 SER A HA   1 
ATOM   69   H  HB2  . SER A 1 11 ? 3.097   -1.218  -7.634  1.00 31.29 ? 123 SER A HB2  1 
ATOM   70   H  HB3  . SER A 1 11 ? 2.863   -1.880  -9.060  1.00 31.29 ? 123 SER A HB3  1 
ATOM   71   H  HG   . SER A 1 11 ? 4.615   -2.781  -8.233  1.00 35.26 ? 123 SER A HG   1 
ATOM   72   N  N    . VAL A 1 12 ? 1.830   0.318   -10.836 1.00 21.28 ? 124 VAL A N    1 
ATOM   73   C  CA   . VAL A 1 12 ? 0.655   0.958   -11.422 1.00 18.73 ? 124 VAL A CA   1 
ATOM   74   C  C    . VAL A 1 12 ? -0.454  -0.054  -11.670 1.00 20.80 ? 124 VAL A C    1 
ATOM   75   O  O    . VAL A 1 12 ? -0.205  -1.164  -12.157 1.00 22.11 ? 124 VAL A O    1 
ATOM   76   C  CB   . VAL A 1 12 ? 1.015   1.721   -12.715 1.00 19.53 ? 124 VAL A CB   1 
ATOM   77   C  CG1  . VAL A 1 12 ? -0.237  2.273   -13.389 1.00 23.72 ? 124 VAL A CG1  1 
ATOM   78   C  CG2  . VAL A 1 12 ? 2.018   2.814   -12.420 1.00 22.54 ? 124 VAL A CG2  1 
ATOM   79   H  H    . VAL A 1 12 ? 2.253   -0.196  -11.380 1.00 25.58 ? 124 VAL A H    1 
ATOM   80   H  HA   . VAL A 1 12 ? 0.309   1.590   -10.772 1.00 22.52 ? 124 VAL A HA   1 
ATOM   81   H  HB   . VAL A 1 12 ? 1.426   1.105   -13.341 1.00 23.49 ? 124 VAL A HB   1 
ATOM   82   H  HG11 . VAL A 1 12 ? 0.028   2.852   -14.121 1.00 28.51 ? 124 VAL A HG11 1 
ATOM   83   H  HG12 . VAL A 1 12 ? -0.766  1.534   -13.727 1.00 28.51 ? 124 VAL A HG12 1 
ATOM   84   H  HG13 . VAL A 1 12 ? -0.750  2.777   -12.738 1.00 28.51 ? 124 VAL A HG13 1 
ATOM   85   H  HG21 . VAL A 1 12 ? 2.165   3.333   -13.225 1.00 27.10 ? 124 VAL A HG21 1 
ATOM   86   H  HG22 . VAL A 1 12 ? 1.666   3.384   -11.717 1.00 27.10 ? 124 VAL A HG22 1 
ATOM   87   H  HG23 . VAL A 1 12 ? 2.850   2.408   -12.131 1.00 27.10 ? 124 VAL A HG23 1 
ATOM   88   N  N    . TRP A 1 13 ? -1.687  0.345   -11.363 1.00 21.27 ? 125 TRP A N    1 
ATOM   89   C  CA   . TRP A 1 13 ? -2.858  -0.490  -11.557 1.00 20.51 ? 125 TRP A CA   1 
ATOM   90   C  C    . TRP A 1 13 ? -3.638  -0.018  -12.769 1.00 23.03 ? 125 TRP A C    1 
ATOM   91   O  O    . TRP A 1 13 ? -3.708  1.181   -13.047 1.00 21.66 ? 125 TRP A O    1 
ATOM   92   C  CB   . TRP A 1 13 ? -3.823  -0.429  -10.362 1.00 20.36 ? 125 TRP A CB   1 
ATOM   93   C  CG   . TRP A 1 13 ? -3.188  -0.800  -9.127  1.00 19.90 ? 125 TRP A CG   1 
ATOM   94   C  CD1  . TRP A 1 13 ? -2.601  -1.978  -8.850  1.00 18.87 ? 125 TRP A CD1  1 
ATOM   95   C  CD2  . TRP A 1 13 ? -3.028  0.017   -7.969  1.00 17.01 ? 125 TRP A CD2  1 
ATOM   96   N  NE1  . TRP A 1 13 ? -2.079  -1.966  -7.589  1.00 18.66 ? 125 TRP A NE1  1 
ATOM   97   C  CE2  . TRP A 1 13 ? -2.323  -0.747  -7.023  1.00 15.94 ? 125 TRP A CE2  1 
ATOM   98   C  CE3  . TRP A 1 13 ? -3.420  1.321   -7.629  1.00 18.38 ? 125 TRP A CE3  1 
ATOM   99   C  CZ2  . TRP A 1 13 ? -1.998  -0.264  -5.764  1.00 16.10 ? 125 TRP A CZ2  1 
ATOM   100  C  CZ3  . TRP A 1 13 ? -3.083  1.805   -6.372  1.00 17.47 ? 125 TRP A CZ3  1 
ATOM   101  C  CH2  . TRP A 1 13 ? -2.390  1.009   -5.456  1.00 16.75 ? 125 TRP A CH2  1 
ATOM   102  H  H    . TRP A 1 13 ? -1.869  1.118   -11.032 1.00 25.57 ? 125 TRP A H    1 
ATOM   103  H  HA   . TRP A 1 13 ? -2.547  -1.401  -11.681 1.00 24.66 ? 125 TRP A HA   1 
ATOM   104  H  HB2  . TRP A 1 13 ? -4.156  0.478   -10.270 1.00 24.48 ? 125 TRP A HB2  1 
ATOM   105  H  HB3  . TRP A 1 13 ? -4.560  -1.039  -10.518 1.00 24.48 ? 125 TRP A HB3  1 
ATOM   106  H  HD1  . TRP A 1 13 ? -2.557  -2.699  -9.435  1.00 22.70 ? 125 TRP A HD1  1 
ATOM   107  H  HE1  . TRP A 1 13 ? -1.665  -2.619  -7.212  1.00 22.44 ? 125 TRP A HE1  1 
ATOM   108  H  HE3  . TRP A 1 13 ? -3.894  1.848   -8.231  1.00 22.11 ? 125 TRP A HE3  1 
ATOM   109  H  HZ2  . TRP A 1 13 ? -1.531  -0.786  -5.153  1.00 19.37 ? 125 TRP A HZ2  1 
ATOM   110  H  HZ3  . TRP A 1 13 ? -3.323  2.672   -6.136  1.00 21.01 ? 125 TRP A HZ3  1 
ATOM   111  H  HH2  . TRP A 1 13 ? -2.189  1.355   -4.615  1.00 20.15 ? 125 TRP A HH2  1 
ATOM   112  N  N    . GLY A 1 14 ? -4.238  -0.963  -13.479 1.00 21.23 ? 126 GLY A N    1 
ATOM   113  C  CA   . GLY A 1 14 ? -5.245  -0.641  -14.462 1.00 24.73 ? 126 GLY A CA   1 
ATOM   114  C  C    . GLY A 1 14 ? -6.617  -0.586  -13.837 1.00 22.64 ? 126 GLY A C    1 
ATOM   115  O  O    . GLY A 1 14 ? -6.801  -0.850  -12.651 1.00 22.03 ? 126 GLY A O    1 
ATOM   116  H  H    . GLY A 1 14 ? -4.073  -1.804  -13.405 1.00 25.52 ? 126 GLY A H    1 
ATOM   117  H  HA2  . GLY A 1 14 ? -5.050  0.222   -14.858 1.00 29.72 ? 126 GLY A HA2  1 
ATOM   118  H  HA3  . GLY A 1 14 ? -5.248  -1.315  -15.159 1.00 29.72 ? 126 GLY A HA3  1 
ATOM   119  N  N    . GLN A 1 15 ? -7.606  -0.262  -14.672 1.00 25.95 ? 127 GLN A N    1 
ATOM   120  C  CA   . GLN A 1 15 ? -8.912  0.119   -14.147 1.00 31.03 ? 127 GLN A CA   1 
ATOM   121  C  C    . GLN A 1 15 ? -9.508  -0.957  -13.246 1.00 28.89 ? 127 GLN A C    1 
ATOM   122  O  O    . GLN A 1 15 ? -10.072 -0.639  -12.195 1.00 30.97 ? 127 GLN A O    1 
ATOM   123  C  CB   . GLN A 1 15 ? -9.871  0.480   -15.281 1.00 34.08 ? 127 GLN A CB   1 
ATOM   124  C  CG   . GLN A 1 15 ? -11.290 0.793   -14.808 1.00 39.76 ? 127 GLN A CG   1 
ATOM   125  C  CD   . GLN A 1 15 ? -11.441 2.213   -14.261 1.00 45.53 ? 127 GLN A CD   1 
ATOM   126  O  OE1  . GLN A 1 15 ? -10.490 2.990   -14.252 1.00 49.40 ? 127 GLN A OE1  1 
ATOM   127  N  NE2  . GLN A 1 15 ? -12.644 2.550   -13.805 1.00 47.57 ? 127 GLN A NE2  1 
ATOM   128  H  H    . GLN A 1 15 ? -7.548  -0.255  -15.530 1.00 31.18 ? 127 GLN A H    1 
ATOM   129  H  HA   . GLN A 1 15 ? -8.793  0.914   -13.605 1.00 37.29 ? 127 GLN A HA   1 
ATOM   130  H  HB2  . GLN A 1 15 ? -9.531  1.263   -15.740 1.00 40.94 ? 127 GLN A HB2  1 
ATOM   131  H  HB3  . GLN A 1 15 ? -9.922  -0.269  -15.895 1.00 40.94 ? 127 GLN A HB3  1 
ATOM   132  H  HG2  . GLN A 1 15 ? -11.899 0.696   -15.557 1.00 47.76 ? 127 GLN A HG2  1 
ATOM   133  H  HG3  . GLN A 1 15 ? -11.530 0.174   -14.102 1.00 47.76 ? 127 GLN A HG3  1 
ATOM   134  H  HE21 . GLN A 1 15 ? -13.288 1.979   -13.827 1.00 57.13 ? 127 GLN A HE21 1 
ATOM   135  H  HE22 . GLN A 1 15 ? -12.778 3.337   -13.487 1.00 57.13 ? 127 GLN A HE22 1 
ATOM   136  N  N    . ASN A 1 16 ? -9.405  -2.226  -13.628 1.00 29.88 ? 128 ASN A N    1 
ATOM   137  C  CA   . ASN A 1 16 ? -10.073 -3.285  -12.881 1.00 27.82 ? 128 ASN A CA   1 
ATOM   138  C  C    . ASN A 1 16 ? -9.129  -4.063  -11.975 1.00 25.70 ? 128 ASN A C    1 
ATOM   139  O  O    . ASN A 1 16 ? -9.530  -5.087  -11.407 1.00 24.51 ? 128 ASN A O    1 
ATOM   140  C  CB   . ASN A 1 16 ? -10.794 -4.225  -13.843 1.00 37.62 ? 128 ASN A CB   1 
ATOM   141  C  CG   . ASN A 1 16 ? -11.853 -3.507  -14.662 1.00 40.94 ? 128 ASN A CG   1 
ATOM   142  O  OD1  . ASN A 1 16 ? -12.759 -2.884  -14.112 1.00 38.66 ? 128 ASN A OD1  1 
ATOM   143  N  ND2  . ASN A 1 16 ? -11.736 -3.584  -15.987 1.00 45.85 ? 128 ASN A ND2  1 
ATOM   144  H  H    . ASN A 1 16 ? -8.958  -2.495  -14.312 1.00 35.90 ? 128 ASN A H    1 
ATOM   145  H  HA   . ASN A 1 16 ? -10.742 -2.883  -12.306 1.00 33.43 ? 128 ASN A HA   1 
ATOM   146  H  HB2  . ASN A 1 16 ? -10.149 -4.610  -14.456 1.00 45.19 ? 128 ASN A HB2  1 
ATOM   147  H  HB3  . ASN A 1 16 ? -11.231 -4.927  -13.336 1.00 45.19 ? 128 ASN A HB3  1 
ATOM   148  H  HD21 . ASN A 1 16 ? -12.312 -3.194  -16.493 1.00 55.06 ? 128 ASN A HD21 1 
ATOM   149  H  HD22 . ASN A 1 16 ? -11.085 -4.025  -16.335 1.00 55.06 ? 128 ASN A HD22 1 
ATOM   150  N  N    . ASP A 1 17 ? -7.909  -3.578  -11.785 1.00 20.46 ? 129 ASP A N    1 
ATOM   151  C  CA   . ASP A 1 17 ? -6.934  -4.290  -10.971 1.00 18.25 ? 129 ASP A CA   1 
ATOM   152  C  C    . ASP A 1 17 ? -7.230  -4.121  -9.483  1.00 16.94 ? 129 ASP A C    1 
ATOM   153  O  O    . ASP A 1 17 ? -7.543  -3.021  -9.020  1.00 17.51 ? 129 ASP A O    1 
ATOM   154  C  CB   . ASP A 1 17 ? -5.537  -3.756  -11.254 1.00 17.60 ? 129 ASP A CB   1 
ATOM   155  C  CG   . ASP A 1 17 ? -4.990  -4.206  -12.581 1.00 17.65 ? 129 ASP A CG   1 
ATOM   156  O  OD1  . ASP A 1 17 ? -5.526  -5.170  -13.149 1.00 20.84 ? 129 ASP A OD1  1 
ATOM   157  O  OD2  . ASP A 1 17 ? -4.012  -3.590  -13.040 1.00 21.07 ? 129 ASP A OD2  1 
ATOM   158  H  H    . ASP A 1 17 ? -7.620  -2.840  -12.116 1.00 24.59 ? 129 ASP A H    1 
ATOM   159  H  HA   . ASP A 1 17 ? -6.976  -5.235  -11.189 1.00 21.95 ? 129 ASP A HA   1 
ATOM   160  H  HB2  . ASP A 1 17 ? -5.565  -2.786  -11.255 1.00 21.17 ? 129 ASP A HB2  1 
ATOM   161  H  HB3  . ASP A 1 17 ? -4.934  -4.069  -10.561 1.00 21.17 ? 129 ASP A HB3  1 
ATOM   162  N  N    . ILE A 1 18 ? -7.066  -5.201  -8.722  1.00 15.07 ? 130 ILE A N    1 
ATOM   163  C  CA   . ILE A 1 18 ? -7.262  -5.137  -7.279  1.00 15.24 ? 130 ILE A CA   1 
ATOM   164  C  C    . ILE A 1 18 ? -5.996  -4.644  -6.593  1.00 13.61 ? 130 ILE A C    1 
ATOM   165  O  O    . ILE A 1 18 ? -4.866  -4.737  -7.104  1.00 12.67 ? 130 ILE A O    1 
ATOM   166  C  CB   . ILE A 1 18 ? -7.712  -6.474  -6.669  1.00 15.68 ? 130 ILE A CB   1 
ATOM   167  C  CG1  . ILE A 1 18 ? -6.592  -7.509  -6.774  1.00 14.42 ? 130 ILE A CG1  1 
ATOM   168  C  CG2  . ILE A 1 18 ? -8.977  -6.965  -7.330  1.00 16.63 ? 130 ILE A CG2  1 
ATOM   169  C  CD1  . ILE A 1 18 ? -6.884  -8.822  -6.045  1.00 15.25 ? 130 ILE A CD1  1 
ATOM   170  H  H    . ILE A 1 18 ? -6.842  -5.979  -9.015  1.00 18.14 ? 130 ILE A H    1 
ATOM   171  H  HA   . ILE A 1 18 ? -7.974  -4.496  -7.126  1.00 18.34 ? 130 ILE A HA   1 
ATOM   172  H  HB   . ILE A 1 18 ? -7.906  -6.333  -5.730  1.00 18.87 ? 130 ILE A HB   1 
ATOM   173  H  HG12 . ILE A 1 18 ? -6.449  -7.718  -7.711  1.00 17.36 ? 130 ILE A HG12 1 
ATOM   174  H  HG13 . ILE A 1 18 ? -5.784  -7.133  -6.391  1.00 17.36 ? 130 ILE A HG13 1 
ATOM   175  H  HG21 . ILE A 1 18 ? -9.264  -7.783  -6.894  1.00 20.01 ? 130 ILE A HG21 1 
ATOM   176  H  HG22 . ILE A 1 18 ? -9.664  -6.285  -7.242  1.00 20.01 ? 130 ILE A HG22 1 
ATOM   177  H  HG23 . ILE A 1 18 ? -8.799  -7.135  -8.268  1.00 20.01 ? 130 ILE A HG23 1 
ATOM   178  H  HD11 . ILE A 1 18 ? -6.135  -9.425  -6.169  1.00 18.35 ? 130 ILE A HD11 1 
ATOM   179  H  HD12 . ILE A 1 18 ? -7.007  -8.637  -5.100  1.00 18.35 ? 130 ILE A HD12 1 
ATOM   180  H  HD13 . ILE A 1 18 ? -7.690  -9.215  -6.414  1.00 18.35 ? 130 ILE A HD13 1 
ATOM   181  N  N    . ALA A 1 19 ? -6.212  -4.128  -5.388  1.00 13.05 ? 131 ALA A N    1 
ATOM   182  C  CA   . ALA A 1 19 ? -5.177  -3.691  -4.461  1.00 13.79 ? 131 ALA A CA   1 
ATOM   183  C  C    . ALA A 1 19 ? -5.762  -3.769  -3.054  1.00 13.17 ? 131 ALA A C    1 
ATOM   184  O  O    . ALA A 1 19 ? -6.885  -4.242  -2.850  1.00 13.60 ? 131 ALA A O    1 
ATOM   185  C  CB   . ALA A 1 19 ? -4.664  -2.306  -4.864  1.00 15.17 ? 131 ALA A CB   1 
ATOM   186  H  H    . ALA A 1 19 ? -7.001  -4.014  -5.065  1.00 15.71 ? 131 ALA A H    1 
ATOM   187  H  HA   . ALA A 1 19 ? -4.417  -4.294  -4.483  1.00 16.59 ? 131 ALA A HA   1 
ATOM   188  H  HB1  . ALA A 1 19 ? -3.930  -2.059  -4.280  1.00 18.25 ? 131 ALA A HB1  1 
ATOM   189  H  HB2  . ALA A 1 19 ? -4.359  -2.338  -5.785  1.00 18.25 ? 131 ALA A HB2  1 
ATOM   190  H  HB3  . ALA A 1 19 ? -5.386  -1.665  -4.777  1.00 18.25 ? 131 ALA A HB3  1 
ATOM   191  N  N    . TYR A 1 20 ? -5.001  -3.307  -2.073  1.00 12.87 ? 132 TYR A N    1 
ATOM   192  C  CA   . TYR A 1 20 ? -5.463  -3.254  -0.693  1.00 13.21 ? 132 TYR A CA   1 
ATOM   193  C  C    . TYR A 1 20 ? -5.647  -1.817  -0.233  1.00 13.00 ? 132 TYR A C    1 
ATOM   194  O  O    . TYR A 1 20 ? -4.770  -0.968  -0.432  1.00 14.12 ? 132 TYR A O    1 
ATOM   195  C  CB   . TYR A 1 20 ? -4.492  -3.966  0.257   1.00 12.94 ? 132 TYR A CB   1 
ATOM   196  C  CG   . TYR A 1 20 ? -4.721  -5.459  0.346   1.00 12.54 ? 132 TYR A CG   1 
ATOM   197  C  CD1  . TYR A 1 20 ? -5.546  -6.003  1.313   1.00 13.13 ? 132 TYR A CD1  1 
ATOM   198  C  CD2  . TYR A 1 20 ? -4.112  -6.326  -0.542  1.00 15.47 ? 132 TYR A CD2  1 
ATOM   199  C  CE1  . TYR A 1 20 ? -5.755  -7.348  1.404   1.00 15.83 ? 132 TYR A CE1  1 
ATOM   200  C  CE2  . TYR A 1 20 ? -4.333  -7.689  -0.471  1.00 15.63 ? 132 TYR A CE2  1 
ATOM   201  C  CZ   . TYR A 1 20 ? -5.148  -8.193  0.515   1.00 15.42 ? 132 TYR A CZ   1 
ATOM   202  O  OH   . TYR A 1 20 ? -5.376  -9.554  0.601   1.00 15.74 ? 132 TYR A OH   1 
ATOM   203  H  H    . TYR A 1 20 ? -4.201  -3.016  -2.184  1.00 15.49 ? 132 TYR A H    1 
ATOM   204  H  HA   . TYR A 1 20 ? -6.326  -3.696  -0.656  1.00 15.90 ? 132 TYR A HA   1 
ATOM   205  H  HB2  . TYR A 1 20 ? -3.586  -3.822  -0.057  1.00 15.57 ? 132 TYR A HB2  1 
ATOM   206  H  HB3  . TYR A 1 20 ? -4.598  -3.595  1.147   1.00 15.57 ? 132 TYR A HB3  1 
ATOM   207  H  HD1  . TYR A 1 20 ? -5.969  -5.437  1.917   1.00 15.80 ? 132 TYR A HD1  1 
ATOM   208  H  HD2  . TYR A 1 20 ? -3.545  -5.987  -1.196  1.00 18.61 ? 132 TYR A HD2  1 
ATOM   209  H  HE1  . TYR A 1 20 ? -6.308  -7.689  2.068   1.00 19.04 ? 132 TYR A HE1  1 
ATOM   210  H  HE2  . TYR A 1 20 ? -3.935  -8.260  -1.087  1.00 18.81 ? 132 TYR A HE2  1 
ATOM   211  H  HH   . TYR A 1 20 ? -4.754  -9.974  0.223   1.00 18.93 ? 132 TYR A HH   1 
ATOM   212  N  N    . ARG A 1 21 ? -6.782  -1.564  0.410   1.00 12.04 ? 133 ARG A N    1 
ATOM   213  C  CA   . ARG A 1 21 ? -6.933  -0.419  1.277   1.00 11.32 ? 133 ARG A CA   1 
ATOM   214  C  C    . ARG A 1 21 ? -6.589  -0.864  2.687   1.00 13.86 ? 133 ARG A C    1 
ATOM   215  O  O    . ARG A 1 21 ? -7.023  -1.919  3.134   1.00 14.72 ? 133 ARG A O    1 
ATOM   216  C  CB   . ARG A 1 21 ? -8.383  0.077   1.234   1.00 14.05 ? 133 ARG A CB   1 
ATOM   217  C  CG   . ARG A 1 21 ? -8.643  1.170   2.270   1.00 13.97 ? 133 ARG A CG   1 
ATOM   218  C  CD   . ARG A 1 21 ? -9.912  1.962   2.042   1.00 16.12 ? 133 ARG A CD   1 
ATOM   219  N  NE   . ARG A 1 21 ? -9.933  3.143   2.894   1.00 16.47 ? 133 ARG A NE   1 
ATOM   220  C  CZ   . ARG A 1 21 ? -11.031 3.793   3.233   1.00 17.99 ? 133 ARG A CZ   1 
ATOM   221  N  NH1  . ARG A 1 21 ? -12.204 3.370   2.783   1.00 19.12 ? 133 ARG A NH1  1 
ATOM   222  N  NH2  . ARG A 1 21 ? -10.948 4.840   4.030   1.00 19.73 ? 133 ARG A NH2  1 
ATOM   223  H  H    . ARG A 1 21 ? -7.486  -2.056  0.356   1.00 14.50 ? 133 ARG A H    1 
ATOM   224  H  HA   . ARG A 1 21 ? -6.355  0.313   1.006   1.00 13.64 ? 133 ARG A HA   1 
ATOM   225  H  HB2  . ARG A 1 21 ? -8.569  0.440   0.354   1.00 16.90 ? 133 ARG A HB2  1 
ATOM   226  H  HB3  . ARG A 1 21 ? -8.978  -0.666  1.419   1.00 16.90 ? 133 ARG A HB3  1 
ATOM   227  H  HG2  . ARG A 1 21 ? -8.709  0.758   3.145   1.00 16.82 ? 133 ARG A HG2  1 
ATOM   228  H  HG3  . ARG A 1 21 ? -7.902  1.795   2.253   1.00 16.82 ? 133 ARG A HG3  1 
ATOM   229  H  HD2  . ARG A 1 21 ? -9.956  2.247   1.116   1.00 19.39 ? 133 ARG A HD2  1 
ATOM   230  H  HD3  . ARG A 1 21 ? -10.683 1.412   2.256   1.00 19.39 ? 133 ARG A HD3  1 
ATOM   231  H  HE   . ARG A 1 21 ? -9.182  3.435   3.196   1.00 19.82 ? 133 ARG A HE   1 
ATOM   232  H  HH11 . ARG A 1 21 ? -12.246 2.676   2.276   1.00 22.99 ? 133 ARG A HH11 1 
ATOM   233  H  HH12 . ARG A 1 21 ? -12.924 3.788   2.999   1.00 22.99 ? 133 ARG A HH12 1 
ATOM   234  H  HH21 . ARG A 1 21 ? -10.183 5.095   4.327   1.00 23.73 ? 133 ARG A HH21 1 
ATOM   235  H  HH22 . ARG A 1 21 ? -11.660 5.267   4.254   1.00 23.73 ? 133 ARG A HH22 1 
ATOM   236  N  N    . CYS A 1 22 ? -5.818  -0.051  3.414   1.00 12.13 ? 134 CYS A N    1 
ATOM   237  C  CA   . CYS A 1 22 ? -5.630  -0.303  4.837   1.00 13.06 ? 134 CYS A CA   1 
ATOM   238  C  C    . CYS A 1 22 ? -5.981  0.969   5.591   1.00 12.40 ? 134 CYS A C    1 
ATOM   239  O  O    . CYS A 1 22 ? -5.218  1.940   5.565   1.00 13.12 ? 134 CYS A O    1 
ATOM   240  C  CB   . CYS A 1 22 ? -4.222  -0.776  5.218   1.00 13.97 ? 134 CYS A CB   1 
ATOM   241  S  SG   . CYS A 1 22 ? -4.233  -1.196  6.989   1.00 14.63 ? 134 CYS A SG   1 
ATOM   242  H  H    . CYS A 1 22 ? -5.407  0.638   3.106   1.00 14.60 ? 134 CYS A H    1 
ATOM   243  H  HA   . CYS A 1 22 ? -6.236  -1.019  5.083   1.00 15.72 ? 134 CYS A HA   1 
ATOM   244  H  HB2  . CYS A 1 22 ? -3.984  -1.563  4.704   1.00 16.81 ? 134 CYS A HB2  1 
ATOM   245  H  HB3  . CYS A 1 22 ? -3.578  -0.069  5.060   1.00 16.81 ? 134 CYS A HB3  1 
ATOM   246  N  N    . ARG A 1 23 ? -7.116  0.971   6.295   1.00 13.31 ? 135 ARG A N    1 
ATOM   247  C  CA   . ARG A 1 23 ? -7.544  2.191   6.971   1.00 13.39 ? 135 ARG A CA   1 
ATOM   248  C  C    . ARG A 1 23 ? -6.664  2.522   8.162   1.00 15.48 ? 135 ARG A C    1 
ATOM   249  O  O    . ARG A 1 23 ? -6.649  3.675   8.613   1.00 15.23 ? 135 ARG A O    1 
ATOM   250  C  CB   . ARG A 1 23 ? -8.986  2.013   7.416   1.00 15.16 ? 135 ARG A CB   1 
ATOM   251  C  CG   . ARG A 1 23 ? -9.927  1.867   6.257   1.00 14.35 ? 135 ARG A CG   1 
ATOM   252  C  CD   . ARG A 1 23 ? -11.254 1.305   6.664   1.00 15.63 ? 135 ARG A CD   1 
ATOM   253  N  NE   . ARG A 1 23 ? -12.117 0.972   5.525   1.00 14.46 ? 135 ARG A NE   1 
ATOM   254  C  CZ   . ARG A 1 23 ? -12.004 -0.132  4.787   1.00 15.22 ? 135 ARG A CZ   1 
ATOM   255  N  NH1  . ARG A 1 23 ? -11.057 -1.020  5.047   1.00 15.28 ? 135 ARG A NH1  1 
ATOM   256  N  NH2  . ARG A 1 23 ? -12.843 -0.355  3.788   1.00 16.65 ? 135 ARG A NH2  1 
ATOM   257  H  H    . ARG A 1 23 ? -7.641  0.297   6.394   1.00 16.02 ? 135 ARG A H    1 
ATOM   258  H  HA   . ARG A 1 23 ? -7.497  2.944   6.362   1.00 16.12 ? 135 ARG A HA   1 
ATOM   259  H  HB2  . ARG A 1 23 ? -9.054  1.214   7.962   1.00 18.24 ? 135 ARG A HB2  1 
ATOM   260  H  HB3  . ARG A 1 23 ? -9.258  2.789   7.930   1.00 18.24 ? 135 ARG A HB3  1 
ATOM   261  H  HG2  . ARG A 1 23 ? -10.078 2.738   5.859   1.00 17.27 ? 135 ARG A HG2  1 
ATOM   262  H  HG3  . ARG A 1 23 ? -9.535  1.267   5.603   1.00 17.27 ? 135 ARG A HG3  1 
ATOM   263  H  HD2  . ARG A 1 23 ? -11.109 0.493   7.175   1.00 18.81 ? 135 ARG A HD2  1 
ATOM   264  H  HD3  . ARG A 1 23 ? -11.719 1.960   7.208   1.00 18.81 ? 135 ARG A HD3  1 
ATOM   265  H  HE   . ARG A 1 23 ? -12.739 1.528   5.317   1.00 17.40 ? 135 ARG A HE   1 
ATOM   266  H  HH11 . ARG A 1 23 ? -10.509 -0.886  5.696   1.00 18.38 ? 135 ARG A HH11 1 
ATOM   267  H  HH12 . ARG A 1 23 ? -10.990 -1.731  4.567   1.00 18.38 ? 135 ARG A HH12 1 
ATOM   268  H  HH21 . ARG A 1 23 ? -13.464 0.214   3.612   1.00 20.02 ? 135 ARG A HH21 1 
ATOM   269  H  HH22 . ARG A 1 23 ? -12.768 -1.069  3.313   1.00 20.02 ? 135 ARG A HH22 1 
ATOM   270  N  N    . THR A 1 24 ? -5.957  1.538   8.705   1.00 13.35 ? 136 THR A N    1 
ATOM   271  C  CA   . THR A 1 24 ? -5.015  1.819   9.780   1.00 16.18 ? 136 THR A CA   1 
ATOM   272  C  C    . THR A 1 24 ? -3.770  2.549   9.280   1.00 16.12 ? 136 THR A C    1 
ATOM   273  O  O    . THR A 1 24 ? -3.203  3.377   9.997   1.00 15.29 ? 136 THR A O    1 
ATOM   274  C  CB   . THR A 1 24 ? -4.619  0.496   10.435  1.00 17.07 ? 136 THR A CB   1 
ATOM   275  O  OG1  . THR A 1 24 ? -5.810  -0.234  10.775  1.00 19.91 ? 136 THR A OG1  1 
ATOM   276  C  CG2  . THR A 1 24 ? -3.792  0.739   11.692  1.00 18.88 ? 136 THR A CG2  1 
ATOM   277  H  H    . THR A 1 24 ? -6.001  0.711   8.476   1.00 16.07 ? 136 THR A H    1 
ATOM   278  H  HA   . THR A 1 24 ? -5.440  2.391   10.438  1.00 19.46 ? 136 THR A HA   1 
ATOM   279  H  HB   . THR A 1 24 ? -4.079  -0.024  9.819   1.00 20.53 ? 136 THR A HB   1 
ATOM   280  H  HG1  . THR A 1 24 ? -5.605  -0.962  11.142  1.00 23.94 ? 136 THR A HG1  1 
ATOM   281  H  HG21 . THR A 1 24 ? -3.458  -0.104  12.036  1.00 22.70 ? 136 THR A HG21 1 
ATOM   282  H  HG22 . THR A 1 24 ? -3.040  1.315   11.488  1.00 22.70 ? 136 THR A HG22 1 
ATOM   283  H  HG23 . THR A 1 24 ? -4.340  1.162   12.371  1.00 22.70 ? 136 THR A HG23 1 
ATOM   284  N  N    . CYS A 1 25 ? -3.324  2.260   8.063   1.00 11.80 ? 137 CYS A N    1 
ATOM   285  C  CA   . CYS A 1 25 ? -2.044  2.751   7.568   1.00 12.18 ? 137 CYS A CA   1 
ATOM   286  C  C    . CYS A 1 25 ? -2.171  3.924   6.609   1.00 14.60 ? 137 CYS A C    1 
ATOM   287  O  O    . CYS A 1 25 ? -1.201  4.668   6.434   1.00 13.38 ? 137 CYS A O    1 
ATOM   288  C  CB   . CYS A 1 25 ? -1.266  1.623   6.848   1.00 11.61 ? 137 CYS A CB   1 
ATOM   289  S  SG   . CYS A 1 25 ? -0.672  0.302   7.904   1.00 14.93 ? 137 CYS A SG   1 
ATOM   290  H  H    . CYS A 1 25 ? -3.751  1.773   7.497   1.00 14.20 ? 137 CYS A H    1 
ATOM   291  H  HA   . CYS A 1 25 ? -1.523  3.040   8.332   1.00 14.67 ? 137 CYS A HA   1 
ATOM   292  H  HB2  . CYS A 1 25 ? -1.852  1.222   6.187   1.00 13.98 ? 137 CYS A HB2  1 
ATOM   293  H  HB3  . CYS A 1 25 ? -0.493  2.014   6.413   1.00 13.98 ? 137 CYS A HB3  1 
ATOM   294  N  N    . GLU A 1 26 ? -3.332  4.126   6.000   1.00 12.70 ? 138 GLU A N    1 
ATOM   295  C  CA   . GLU A 1 26 ? -3.460  5.110   4.938   1.00 11.88 ? 138 GLU A CA   1 
ATOM   296  C  C    . GLU A 1 26 ? -3.286  6.536   5.489   1.00 12.80 ? 138 GLU A C    1 
ATOM   297  O  O    . GLU A 1 26 ? -3.644  6.839   6.636   1.00 15.84 ? 138 GLU A O    1 
ATOM   298  C  CB   . GLU A 1 26 ? -4.832  4.945   4.282   1.00 13.28 ? 138 GLU A CB   1 
ATOM   299  C  CG   . GLU A 1 26 ? -5.971  5.374   5.155   1.00 14.68 ? 138 GLU A CG   1 
ATOM   300  C  CD   . GLU A 1 26 ? -7.336  5.032   4.592   1.00 14.15 ? 138 GLU A CD   1 
ATOM   301  O  OE1  . GLU A 1 26 ? -7.436  4.139   3.731   1.00 15.40 ? 138 GLU A OE1  1 
ATOM   302  O  OE2  . GLU A 1 26 ? -8.325  5.663   5.034   1.00 17.53 ? 138 GLU A OE2  1 
ATOM   303  H  H    . GLU A 1 26 ? -4.060  3.707   6.184   1.00 15.29 ? 138 GLU A H    1 
ATOM   304  H  HA   . GLU A 1 26 ? -2.774  4.980   4.264   1.00 14.30 ? 138 GLU A HA   1 
ATOM   305  H  HB2  . GLU A 1 26 ? -4.858  5.483   3.475   1.00 15.99 ? 138 GLU A HB2  1 
ATOM   306  H  HB3  . GLU A 1 26 ? -4.962  4.009   4.062   1.00 15.99 ? 138 GLU A HB3  1 
ATOM   307  H  HG2  . GLU A 1 26 ? -5.888  4.934   6.016   1.00 17.66 ? 138 GLU A HG2  1 
ATOM   308  H  HG3  . GLU A 1 26 ? -5.932  6.337   5.269   1.00 17.66 ? 138 GLU A HG3  1 
ATOM   309  N  N    . ASN A 1 27 ? -2.731  7.427   4.652   1.00 14.70 ? 139 ASN A N    1 
ATOM   310  C  CA   . ASN A 1 27 ? -2.690  8.854   4.991   1.00 14.35 ? 139 ASN A CA   1 
ATOM   311  C  C    . ASN A 1 27 ? -4.070  9.480   4.795   1.00 17.77 ? 139 ASN A C    1 
ATOM   312  O  O    . ASN A 1 27 ? -4.494  10.331  5.589   1.00 19.43 ? 139 ASN A O    1 
ATOM   313  C  CB   . ASN A 1 27 ? -1.603  9.548   4.149   1.00 19.20 ? 139 ASN A CB   1 
ATOM   314  C  CG   . ASN A 1 27 ? -1.665  11.066  4.196   1.00 25.27 ? 139 ASN A CG   1 
ATOM   315  O  OD1  . ASN A 1 27 ? -1.082  11.696  5.085   1.00 32.16 ? 139 ASN A OD1  1 
ATOM   316  N  ND2  . ASN A 1 27 ? -2.321  11.668  3.214   1.00 22.12 ? 139 ASN A ND2  1 
ATOM   317  H  H    . ASN A 1 27 ? -2.377  7.233   3.892   1.00 17.69 ? 139 ASN A H    1 
ATOM   318  H  HA   . ASN A 1 27 ? -2.443  8.985   5.921   1.00 17.27 ? 139 ASN A HA   1 
ATOM   319  H  HB2  . ASN A 1 27 ? -0.732  9.276   4.480   1.00 23.09 ? 139 ASN A HB2  1 
ATOM   320  H  HB3  . ASN A 1 27 ? -1.705  9.276   3.223   1.00 23.09 ? 139 ASN A HB3  1 
ATOM   321  H  HD21 . ASN A 1 27 ? -2.685  11.200  2.591   1.00 26.60 ? 139 ASN A HD21 1 
ATOM   322  H  HD22 . ASN A 1 27 ? -2.382  12.525  3.199   1.00 26.60 ? 139 ASN A HD22 1 
ATOM   323  N  N    . ASP A 1 28 ? -4.815  9.021   3.779   1.00 17.57 ? 140 ASP A N    1 
ATOM   324  C  CA   . ASP A 1 28 ? -6.195  9.418   3.548   1.00 17.20 ? 140 ASP A CA   1 
ATOM   325  C  C    . ASP A 1 28 ? -6.933  8.302   2.804   1.00 18.30 ? 140 ASP A C    1 
ATOM   326  O  O    . ASP A 1 28 ? -6.326  7.291   2.420   1.00 16.52 ? 140 ASP A O    1 
ATOM   327  C  CB   . ASP A 1 28 ? -6.261  10.758  2.805   1.00 20.41 ? 140 ASP A CB   1 
ATOM   328  C  CG   . ASP A 1 28 ? -5.695  10.687  1.418   1.00 24.15 ? 140 ASP A CG   1 
ATOM   329  O  OD1  . ASP A 1 28 ? -4.589  11.211  1.199   1.00 27.71 ? 140 ASP A OD1  1 
ATOM   330  O  OD2  . ASP A 1 28 ? -6.352  10.115  0.531   1.00 20.57 ? 140 ASP A OD2  1 
ATOM   331  H  H    . ASP A 1 28 ? -4.527  8.461   3.195   1.00 21.13 ? 140 ASP A H    1 
ATOM   332  H  HA   . ASP A 1 28 ? -6.651  9.548   4.395   1.00 20.69 ? 140 ASP A HA   1 
ATOM   333  H  HB2  . ASP A 1 28 ? -7.189  11.035  2.737   1.00 24.54 ? 140 ASP A HB2  1 
ATOM   334  H  HB3  . ASP A 1 28 ? -5.754  11.419  3.303   1.00 24.54 ? 140 ASP A HB3  1 
ATOM   335  N  N    . PRO A 1 29 ? -8.246  8.428   2.602   1.00 16.28 ? 141 PRO A N    1 
ATOM   336  C  CA   . PRO A 1 29 ? -9.003  7.320   2.002   1.00 18.73 ? 141 PRO A CA   1 
ATOM   337  C  C    . PRO A 1 29 ? -8.697  7.064   0.533   1.00 17.45 ? 141 PRO A C    1 
ATOM   338  O  O    . PRO A 1 29 ? -9.210  6.074   -0.010  1.00 19.74 ? 141 PRO A O    1 
ATOM   339  C  CB   . PRO A 1 29 ? -10.463 7.746   2.197   1.00 18.30 ? 141 PRO A CB   1 
ATOM   340  C  CG   . PRO A 1 29 ? -10.425 8.718   3.359   1.00 19.16 ? 141 PRO A CG   1 
ATOM   341  C  CD   . PRO A 1 29 ? -9.129  9.461   3.182   1.00 18.15 ? 141 PRO A CD   1 
ATOM   342  H  HA   . PRO A 1 29 ? -8.834  6.505   2.500   1.00 22.52 ? 141 PRO A HA   1 
ATOM   343  H  HB2  . PRO A 1 29 ? -10.795 8.175   1.393   1.00 22.01 ? 141 PRO A HB2  1 
ATOM   344  H  HB3  . PRO A 1 29 ? -11.009 6.972   2.408   1.00 22.01 ? 141 PRO A HB3  1 
ATOM   345  H  HG2  . PRO A 1 29 ? -11.183 9.322   3.313   1.00 23.04 ? 141 PRO A HG2  1 
ATOM   346  H  HG3  . PRO A 1 29 ? -10.439 8.233   4.200   1.00 23.04 ? 141 PRO A HG3  1 
ATOM   347  H  HD2  . PRO A 1 29 ? -9.236  10.208  2.574   1.00 21.83 ? 141 PRO A HD2  1 
ATOM   348  H  HD3  . PRO A 1 29 ? -8.787  9.772   4.035   1.00 21.83 ? 141 PRO A HD3  1 
ATOM   349  N  N    . THR A 1 30 ? -7.896  7.896   -0.131  1.00 17.21 ? 142 THR A N    1 
ATOM   350  C  CA   . THR A 1 30 ? -7.547  7.649   -1.528  1.00 17.72 ? 142 THR A CA   1 
ATOM   351  C  C    . THR A 1 30 ? -6.246  6.864   -1.685  1.00 17.34 ? 142 THR A C    1 
ATOM   352  O  O    . THR A 1 30 ? -5.835  6.599   -2.818  1.00 18.70 ? 142 THR A O    1 
ATOM   353  C  CB   . THR A 1 30 ? -7.390  8.958   -2.303  1.00 22.24 ? 142 THR A CB   1 
ATOM   354  O  OG1  . THR A 1 30 ? -6.219  9.644   -1.838  1.00 22.45 ? 142 THR A OG1  1 
ATOM   355  C  CG2  . THR A 1 30 ? -8.619  9.848   -2.148  1.00 23.08 ? 142 THR A CG2  1 
ATOM   356  H  H    . THR A 1 30 ? -7.546  8.606   0.205   1.00 20.70 ? 142 THR A H    1 
ATOM   357  H  HA   . THR A 1 30 ? -8.280  7.146   -1.917  1.00 21.31 ? 142 THR A HA   1 
ATOM   358  H  HB   . THR A 1 30 ? -7.296  8.763   -3.249  1.00 26.73 ? 142 THR A HB   1 
ATOM   359  H  HG1  . THR A 1 30 ? -6.095  10.340  -2.291  1.00 26.98 ? 142 THR A HG1  1 
ATOM   360  H  HG21 . THR A 1 30 ? -8.862  9.919   -1.213  1.00 27.75 ? 142 THR A HG21 1 
ATOM   361  H  HG22 . THR A 1 30 ? -8.431  10.736  -2.493  1.00 27.75 ? 142 THR A HG22 1 
ATOM   362  H  HG23 . THR A 1 30 ? -9.366  9.472   -2.640  1.00 27.75 ? 142 THR A HG23 1 
ATOM   363  N  N    . CYS A 1 31 ? -5.596  6.495   -0.594  1.00 15.44 ? 143 CYS A N    1 
ATOM   364  C  CA   . CYS A 1 31 ? -4.331  5.785   -0.644  1.00 15.48 ? 143 CYS A CA   1 
ATOM   365  C  C    . CYS A 1 31 ? -4.565  4.282   -0.689  1.00 14.65 ? 143 CYS A C    1 
ATOM   366  O  O    . CYS A 1 31 ? -5.578  3.772   -0.222  1.00 14.87 ? 143 CYS A O    1 
ATOM   367  C  CB   . CYS A 1 31 ? -3.489  6.128   0.576   1.00 14.58 ? 143 CYS A CB   1 
ATOM   368  S  SG   . CYS A 1 31 ? -3.211  7.933   0.777   1.00 17.12 ? 143 CYS A SG   1 
ATOM   369  H  H    . CYS A 1 31 ? -5.874  6.647   0.205   1.00 18.58 ? 143 CYS A H    1 
ATOM   370  H  HA   . CYS A 1 31 ? -3.847  6.048   -1.441  1.00 18.62 ? 143 CYS A HA   1 
ATOM   371  H  HB2  . CYS A 1 31 ? -3.942  5.806   1.370   1.00 17.55 ? 143 CYS A HB2  1 
ATOM   372  H  HB3  . CYS A 1 31 ? -2.623  5.700   0.490   1.00 17.55 ? 143 CYS A HB3  1 
ATOM   373  H  HG   . CYS A 1 31 ? -2.716  8.135   1.851   1.00 20.60 ? 143 CYS A HG   1 
ATOM   374  N  N    . ALA A 1 32 ? -3.586  3.573   -1.228  1.00 13.79 ? 144 ALA A N    1 
ATOM   375  C  CA   . ALA A 1 32 ? -3.693  2.127   -1.362  1.00 13.49 ? 144 ALA A CA   1 
ATOM   376  C  C    . ALA A 1 32 ? -2.312  1.539   -1.586  1.00 14.86 ? 144 ALA A C    1 
ATOM   377  O  O    . ALA A 1 32 ? -1.390  2.223   -2.031  1.00 12.60 ? 144 ALA A O    1 
ATOM   378  C  CB   . ALA A 1 32 ? -4.596  1.717   -2.528  1.00 14.24 ? 144 ALA A CB   1 
ATOM   379  H  H    . ALA A 1 32 ? -2.849  3.904   -1.525  1.00 16.60 ? 144 ALA A H    1 
ATOM   380  H  HA   . ALA A 1 32 ? -4.064  1.781   -0.535  1.00 16.23 ? 144 ALA A HA   1 
ATOM   381  H  HB1  . ALA A 1 32 ? -4.766  0.764   -2.476  1.00 17.13 ? 144 ALA A HB1  1 
ATOM   382  H  HB2  . ALA A 1 32 ? -5.431  2.207   -2.469  1.00 17.13 ? 144 ALA A HB2  1 
ATOM   383  H  HB3  . ALA A 1 32 ? -4.149  1.928   -3.363  1.00 17.13 ? 144 ALA A HB3  1 
ATOM   384  N  N    . ILE A 1 33 ? -2.187  0.241   -1.338  1.00 13.49 ? 145 ILE A N    1 
ATOM   385  C  CA   . ILE A 1 33 ? -0.942  -0.439  -1.658  1.00 12.25 ? 145 ILE A CA   1 
ATOM   386  C  C    . ILE A 1 33 ? -1.222  -1.707  -2.446  1.00 12.94 ? 145 ILE A C    1 
ATOM   387  O  O    . ILE A 1 33 ? -2.283  -2.329  -2.333  1.00 13.97 ? 145 ILE A O    1 
ATOM   388  C  CB   . ILE A 1 33 ? -0.038  -0.728  -0.449  1.00 13.07 ? 145 ILE A CB   1 
ATOM   389  C  CG1  . ILE A 1 33 ? -0.756  -1.589  0.576   1.00 14.38 ? 145 ILE A CG1  1 
ATOM   390  C  CG2  . ILE A 1 33 ? 0.438   0.604   0.137   1.00 14.79 ? 145 ILE A CG2  1 
ATOM   391  C  CD1  . ILE A 1 33 ? 0.181   -2.038  1.704   1.00 16.00 ? 145 ILE A CD1  1 
ATOM   392  H  H    . ILE A 1 33 ? -2.799  -0.253  -0.990  1.00 16.24 ? 145 ILE A H    1 
ATOM   393  H  HA   . ILE A 1 33 ? -0.445  0.163   -2.233  1.00 14.75 ? 145 ILE A HA   1 
ATOM   394  H  HB   . ILE A 1 33 ? 0.737   -1.238  -0.732  1.00 15.73 ? 145 ILE A HB   1 
ATOM   395  H  HG12 . ILE A 1 33 ? -1.482  -1.079  0.967   1.00 17.30 ? 145 ILE A HG12 1 
ATOM   396  H  HG13 . ILE A 1 33 ? -1.106  -2.381  0.138   1.00 17.30 ? 145 ILE A HG13 1 
ATOM   397  H  HG21 . ILE A 1 33 ? 1.058   0.427   0.862   1.00 17.79 ? 145 ILE A HG21 1 
ATOM   398  H  HG22 . ILE A 1 33 ? 0.880   1.116   -0.559  1.00 17.79 ? 145 ILE A HG22 1 
ATOM   399  H  HG23 . ILE A 1 33 ? -0.330  1.094   0.471   1.00 17.79 ? 145 ILE A HG23 1 
ATOM   400  H  HD11 . ILE A 1 33 ? -0.268  -2.712  2.237   1.00 19.25 ? 145 ILE A HD11 1 
ATOM   401  H  HD12 . ILE A 1 33 ? 0.989   -2.408  1.315   1.00 19.25 ? 145 ILE A HD12 1 
ATOM   402  H  HD13 . ILE A 1 33 ? 0.401   -1.271  2.256   1.00 19.25 ? 145 ILE A HD13 1 
ATOM   403  N  N    . CYS A 1 34 ? -0.237  -2.094  -3.237  1.00 10.83 ? 146 CYS A N    1 
ATOM   404  C  CA   . CYS A 1 34 ? -0.352  -3.262  -4.092  1.00 13.60 ? 146 CYS A CA   1 
ATOM   405  C  C    . CYS A 1 34 ? -0.335  -4.541  -3.264  1.00 13.28 ? 146 CYS A C    1 
ATOM   406  O  O    . CYS A 1 34 ? 0.120   -4.583  -2.118  1.00 13.59 ? 146 CYS A O    1 
ATOM   407  C  CB   . CYS A 1 34 ? 0.746   -3.233  -5.156  1.00 13.59 ? 146 CYS A CB   1 
ATOM   408  S  SG   . CYS A 1 34 ? 2.419   -3.613  -4.603  1.00 13.04 ? 146 CYS A SG   1 
ATOM   409  H  H    . CYS A 1 34 ? 0.521   -1.694  -3.300  1.00 13.05 ? 146 CYS A H    1 
ATOM   410  H  HA   . CYS A 1 34 ? -1.200  -3.262  -4.562  1.00 16.37 ? 146 CYS A HA   1 
ATOM   411  H  HB2  . CYS A 1 34 ? 0.519   -3.882  -5.839  1.00 16.36 ? 146 CYS A HB2  1 
ATOM   412  H  HB3  . CYS A 1 34 ? 0.770   -2.343  -5.539  1.00 16.36 ? 146 CYS A HB3  1 
ATOM   413  N  N    . VAL A 1 35 ? -0.862  -5.609  -3.860  1.00 13.32 ? 147 VAL A N    1 
ATOM   414  C  CA   . VAL A 1 35 ? -0.941  -6.874  -3.138  1.00 12.97 ? 147 VAL A CA   1 
ATOM   415  C  C    . VAL A 1 35 ? 0.423   -7.331  -2.640  1.00 14.52 ? 147 VAL A C    1 
ATOM   416  O  O    . VAL A 1 35 ? 0.533   -7.712  -1.462  1.00 13.35 ? 147 VAL A O    1 
ATOM   417  C  CB   . VAL A 1 35 ? -1.683  -7.928  -3.987  1.00 13.67 ? 147 VAL A CB   1 
ATOM   418  C  CG1  . VAL A 1 35 ? -1.622  -9.276  -3.286  1.00 14.73 ? 147 VAL A CG1  1 
ATOM   419  C  CG2  . VAL A 1 35 ? -3.120  -7.507  -4.220  1.00 13.80 ? 147 VAL A CG2  1 
ATOM   420  H  H    . VAL A 1 35 ? -1.174  -5.629  -4.661  1.00 16.03 ? 147 VAL A H    1 
ATOM   421  H  HA   . VAL A 1 35 ? -1.486  -6.726  -2.350  1.00 15.61 ? 147 VAL A HA   1 
ATOM   422  H  HB   . VAL A 1 35 ? -1.257  -8.008  -4.854  1.00 16.45 ? 147 VAL A HB   1 
ATOM   423  H  HG11 . VAL A 1 35 ? -2.016  -9.950  -3.863  1.00 17.73 ? 147 VAL A HG11 1 
ATOM   424  H  HG12 . VAL A 1 35 ? -0.696  -9.496  -3.105  1.00 17.73 ? 147 VAL A HG12 1 
ATOM   425  H  HG13 . VAL A 1 35 ? -2.119  -9.223  -2.455  1.00 17.73 ? 147 VAL A HG13 1 
ATOM   426  H  HG21 . VAL A 1 35 ? -3.593  -8.227  -4.664  1.00 16.60 ? 147 VAL A HG21 1 
ATOM   427  H  HG22 . VAL A 1 35 ? -3.536  -7.316  -3.365  1.00 16.60 ? 147 VAL A HG22 1 
ATOM   428  H  HG23 . VAL A 1 35 ? -3.130  -6.712  -4.778  1.00 16.60 ? 147 VAL A HG23 1 
ATOM   429  N  N    . PRO A 1 36 ? 1.480   -7.357  -3.459  1.00 15.02 ? 148 PRO A N    1 
ATOM   430  C  CA   . PRO A 1 36 ? 2.786   -7.796  -2.927  1.00 13.51 ? 148 PRO A CA   1 
ATOM   431  C  C    . PRO A 1 36 ? 3.277   -6.960  -1.760  1.00 16.17 ? 148 PRO A C    1 
ATOM   432  O  O    . PRO A 1 36 ? 3.811   -7.512  -0.788  1.00 14.29 ? 148 PRO A O    1 
ATOM   433  C  CB   . PRO A 1 36 ? 3.723   -7.694  -4.138  1.00 15.20 ? 148 PRO A CB   1 
ATOM   434  C  CG   . PRO A 1 36 ? 2.825   -7.691  -5.340  1.00 18.49 ? 148 PRO A CG   1 
ATOM   435  C  CD   . PRO A 1 36 ? 1.507   -7.113  -4.915  1.00 15.24 ? 148 PRO A CD   1 
ATOM   436  H  HA   . PRO A 1 36 ? 2.723   -8.724  -2.654  1.00 16.26 ? 148 PRO A HA   1 
ATOM   437  H  HB2  . PRO A 1 36 ? 4.235   -6.871  -4.087  1.00 18.29 ? 148 PRO A HB2  1 
ATOM   438  H  HB3  . PRO A 1 36 ? 4.321   -8.457  -4.155  1.00 18.29 ? 148 PRO A HB3  1 
ATOM   439  H  HG2  . PRO A 1 36 ? 3.223   -7.146  -6.037  1.00 22.24 ? 148 PRO A HG2  1 
ATOM   440  H  HG3  . PRO A 1 36 ? 2.709   -8.601  -5.656  1.00 22.24 ? 148 PRO A HG3  1 
ATOM   441  H  HD2  . PRO A 1 36 ? 1.469   -6.163  -5.106  1.00 18.34 ? 148 PRO A HD2  1 
ATOM   442  H  HD3  . PRO A 1 36 ? 0.772   -7.570  -5.355  1.00 18.34 ? 148 PRO A HD3  1 
ATOM   443  N  N    . CYS A 1 37 ? 3.090   -5.640  -1.818  1.00 14.85 ? 149 CYS A N    1 
ATOM   444  C  CA   . CYS A 1 37 ? 3.498   -4.785  -0.706  1.00 14.41 ? 149 CYS A CA   1 
ATOM   445  C  C    . CYS A 1 37 ? 2.667   -5.083  0.532   1.00 14.58 ? 149 CYS A C    1 
ATOM   446  O  O    . CYS A 1 37 ? 3.204   -5.148  1.642   1.00 15.27 ? 149 CYS A O    1 
ATOM   447  C  CB   . CYS A 1 37 ? 3.400   -3.311  -1.102  1.00 14.16 ? 149 CYS A CB   1 
ATOM   448  S  SG   . CYS A 1 37 ? 4.748   -2.767  -2.193  1.00 13.64 ? 149 CYS A SG   1 
ATOM   449  H  H    . CYS A 1 37 ? 2.734   -5.220  -2.479  1.00 17.87 ? 149 CYS A H    1 
ATOM   450  H  HA   . CYS A 1 37 ? 4.428   -4.959  -0.493  1.00 17.34 ? 149 CYS A HA   1 
ATOM   451  H  HB2  . CYS A 1 37 ? 2.562   -3.167  -1.569  1.00 17.04 ? 149 CYS A HB2  1 
ATOM   452  H  HB3  . CYS A 1 37 ? 3.430   -2.769  -0.298  1.00 17.04 ? 149 CYS A HB3  1 
ATOM   453  N  N    . PHE A 1 38 ? 1.361   -5.317  0.370   1.00 13.68 ? 150 PHE A N    1 
ATOM   454  C  CA   . PHE A 1 38 ? 0.555   -5.732  1.509   1.00 12.90 ? 150 PHE A CA   1 
ATOM   455  C  C    . PHE A 1 38 ? 1.086   -7.014  2.134   1.00 14.32 ? 150 PHE A C    1 
ATOM   456  O  O    . PHE A 1 38 ? 1.214   -7.119  3.360   1.00 14.88 ? 150 PHE A O    1 
ATOM   457  C  CB   . PHE A 1 38 ? -0.897  -5.901  1.096   1.00 12.52 ? 150 PHE A CB   1 
ATOM   458  C  CG   . PHE A 1 38 ? -1.799  -6.257  2.237   1.00 13.97 ? 150 PHE A CG   1 
ATOM   459  C  CD1  . PHE A 1 38 ? -2.308  -5.264  3.052   1.00 13.80 ? 150 PHE A CD1  1 
ATOM   460  C  CD2  . PHE A 1 38 ? -2.107  -7.582  2.529   1.00 15.69 ? 150 PHE A CD2  1 
ATOM   461  C  CE1  . PHE A 1 38 ? -3.137  -5.583  4.116   1.00 16.04 ? 150 PHE A CE1  1 
ATOM   462  C  CE2  . PHE A 1 38 ? -2.924  -7.903  3.599   1.00 15.19 ? 150 PHE A CE2  1 
ATOM   463  C  CZ   . PHE A 1 38 ? -3.445  -6.902  4.383   1.00 16.59 ? 150 PHE A CZ   1 
ATOM   464  H  H    . PHE A 1 38 ? 0.931   -5.244  -0.372  1.00 16.47 ? 150 PHE A H    1 
ATOM   465  H  HA   . PHE A 1 38 ? 0.597   -5.034  2.182   1.00 15.53 ? 150 PHE A HA   1 
ATOM   466  H  HB2  . PHE A 1 38 ? -1.213  -5.068  0.715   1.00 15.08 ? 150 PHE A HB2  1 
ATOM   467  H  HB3  . PHE A 1 38 ? -0.955  -6.611  0.438   1.00 15.08 ? 150 PHE A HB3  1 
ATOM   468  H  HD1  . PHE A 1 38 ? -2.095  -4.376  2.884   1.00 16.61 ? 150 PHE A HD1  1 
ATOM   469  H  HD2  . PHE A 1 38 ? -1.760  -8.262  1.997   1.00 18.88 ? 150 PHE A HD2  1 
ATOM   470  H  HE1  . PHE A 1 38 ? -3.485  -4.908  4.652   1.00 19.29 ? 150 PHE A HE1  1 
ATOM   471  H  HE2  . PHE A 1 38 ? -3.120  -8.792  3.787   1.00 18.27 ? 150 PHE A HE2  1 
ATOM   472  H  HZ   . PHE A 1 38 ? -4.006  -7.114  5.095   1.00 19.96 ? 150 PHE A HZ   1 
ATOM   473  N  N    . GLN A 1 39 ? 1.400   -8.007  1.296   1.00 15.02 ? 151 GLN A N    1 
ATOM   474  C  CA   . GLN A 1 39 ? 1.809   -9.321  1.781   1.00 14.77 ? 151 GLN A CA   1 
ATOM   475  C  C    . GLN A 1 39 ? 3.190   -9.318  2.421   1.00 16.57 ? 151 GLN A C    1 
ATOM   476  O  O    . GLN A 1 39 ? 3.475   -10.187 3.248   1.00 20.94 ? 151 GLN A O    1 
ATOM   477  C  CB   . GLN A 1 39 ? 1.747   -10.339 0.635   1.00 15.41 ? 151 GLN A CB   1 
ATOM   478  C  CG   . GLN A 1 39 ? 0.317   -10.543 0.118   1.00 15.62 ? 151 GLN A CG   1 
ATOM   479  C  CD   . GLN A 1 39 ? 0.199   -11.572 -0.983  1.00 13.96 ? 151 GLN A CD   1 
ATOM   480  O  OE1  . GLN A 1 39 ? 1.192   -11.986 -1.598  1.00 16.27 ? 151 GLN A OE1  1 
ATOM   481  N  NE2  . GLN A 1 39 ? -1.028  -11.957 -1.257  1.00 15.39 ? 151 GLN A NE2  1 
ATOM   482  H  H    . GLN A 1 39 ? 1.383   -7.945  0.439   1.00 18.08 ? 151 GLN A H    1 
ATOM   483  H  HA   . GLN A 1 39 ? 1.186   -9.606  2.468   1.00 17.78 ? 151 GLN A HA   1 
ATOM   484  H  HB2  . GLN A 1 39 ? 2.293   -10.021 -0.102  1.00 18.54 ? 151 GLN A HB2  1 
ATOM   485  H  HB3  . GLN A 1 39 ? 2.080   -11.193 0.950   1.00 18.54 ? 151 GLN A HB3  1 
ATOM   486  H  HG2  . GLN A 1 39 ? -0.240  -10.836 0.854   1.00 18.79 ? 151 GLN A HG2  1 
ATOM   487  H  HG3  . GLN A 1 39 ? -0.010  -9.700  -0.232  1.00 18.79 ? 151 GLN A HG3  1 
ATOM   488  H  HE21 . GLN A 1 39 ? -1.690  -11.625 -0.821  1.00 18.51 ? 151 GLN A HE21 1 
ATOM   489  H  HE22 . GLN A 1 39 ? -1.168  -12.540 -1.873  1.00 18.51 ? 151 GLN A HE22 1 
ATOM   490  N  N    . ASN A 1 40 ? 4.033   -8.343  2.098   1.00 17.38 ? 152 ASN A N    1 
ATOM   491  C  CA   . ASN A 1 40 ? 5.358   -8.252  2.693   1.00 16.75 ? 152 ASN A CA   1 
ATOM   492  C  C    . ASN A 1 40 ? 5.441   -7.205  3.797   1.00 16.77 ? 152 ASN A C    1 
ATOM   493  O  O    . ASN A 1 40 ? 6.545   -6.811  4.183   1.00 16.71 ? 152 ASN A O    1 
ATOM   494  C  CB   . ASN A 1 40 ? 6.384   -8.000  1.601   1.00 16.29 ? 152 ASN A CB   1 
ATOM   495  C  CG   . ASN A 1 40 ? 6.569   -9.199  0.706   1.00 22.02 ? 152 ASN A CG   1 
ATOM   496  O  OD1  . ASN A 1 40 ? 6.668   -10.334 1.175   1.00 25.98 ? 152 ASN A OD1  1 
ATOM   497  N  ND2  . ASN A 1 40 ? 6.613   -8.952  -0.591  1.00 25.42 ? 152 ASN A ND2  1 
ATOM   498  H  H    . ASN A 1 40 ? 3.857   -7.720  1.532   1.00 20.91 ? 152 ASN A H    1 
ATOM   499  H  HA   . ASN A 1 40 ? 5.577   -9.099  3.111   1.00 20.15 ? 152 ASN A HA   1 
ATOM   500  H  HB2  . ASN A 1 40 ? 6.090   -7.256  1.052   1.00 19.60 ? 152 ASN A HB2  1 
ATOM   501  H  HB3  . ASN A 1 40 ? 7.240   -7.793  2.010   1.00 19.60 ? 152 ASN A HB3  1 
ATOM   502  H  HD21 . ASN A 1 40 ? 6.537   -8.145  -0.877  1.00 30.55 ? 152 ASN A HD21 1 
ATOM   503  H  HD22 . ASN A 1 40 ? 6.716   -9.599  -1.148  1.00 30.55 ? 152 ASN A HD22 1 
ATOM   504  N  N    . GLY A 1 41 ? 4.300   -6.777  4.329   1.00 14.97 ? 153 GLY A N    1 
ATOM   505  C  CA   . GLY A 1 41 ? 4.263   -5.914  5.485   1.00 15.92 ? 153 GLY A CA   1 
ATOM   506  C  C    . GLY A 1 41 ? 3.419   -6.528  6.584   1.00 16.91 ? 153 GLY A C    1 
ATOM   507  O  O    . GLY A 1 41 ? 2.955   -7.666  6.464   1.00 20.85 ? 153 GLY A O    1 
ATOM   508  H  H    . GLY A 1 41 ? 3.521   -6.981  4.027   1.00 18.01 ? 153 GLY A H    1 
ATOM   509  H  HA2  . GLY A 1 41 ? 5.163   -5.777  5.821   1.00 19.15 ? 153 GLY A HA2  1 
ATOM   510  H  HA3  . GLY A 1 41 ? 3.883   -5.056  5.241   1.00 19.15 ? 153 GLY A HA3  1 
ATOM   511  N  N    . ASP A 1 42 ? 3.201   -5.788  7.661   1.00 20.97 ? 154 ASP A N    1 
ATOM   512  C  CA   . ASP A 1 42 ? 2.489   -6.299  8.832   1.00 22.96 ? 154 ASP A CA   1 
ATOM   513  C  C    . ASP A 1 42 ? 1.204   -5.496  9.006   1.00 20.57 ? 154 ASP A C    1 
ATOM   514  O  O    . ASP A 1 42 ? 1.243   -4.354  9.481   1.00 22.44 ? 154 ASP A O    1 
ATOM   515  C  CB   . ASP A 1 42 ? 3.385   -6.171  10.069  1.00 27.29 ? 154 ASP A CB   1 
ATOM   516  C  CG   . ASP A 1 42 ? 2.746   -6.739  11.336  1.00 34.92 ? 154 ASP A CG   1 
ATOM   517  O  OD1  . ASP A 1 42 ? 3.475   -6.898  12.340  1.00 38.07 ? 154 ASP A OD1  1 
ATOM   518  O  OD2  . ASP A 1 42 ? 1.525   -7.019  11.338  1.00 32.16 ? 154 ASP A OD2  1 
ATOM   519  H  H    . ASP A 1 42 ? 3.461   -4.972  7.741   1.00 25.21 ? 154 ASP A H    1 
ATOM   520  H  HA   . ASP A 1 42 ? 2.245   -7.228  8.692   1.00 27.61 ? 154 ASP A HA   1 
ATOM   521  H  HB2  . ASP A 1 42 ? 4.211   -6.653  9.910   1.00 32.80 ? 154 ASP A HB2  1 
ATOM   522  H  HB3  . ASP A 1 42 ? 3.573   -5.232  10.225  1.00 32.80 ? 154 ASP A HB3  1 
ATOM   523  N  N    . HIS A 1 43 ? 0.070   -6.107  8.639   1.00 20.22 ? 155 HIS A N    1 
ATOM   524  C  CA   . HIS A 1 43 ? -1.248  -5.506  8.818   1.00 19.99 ? 155 HIS A CA   1 
ATOM   525  C  C    . HIS A 1 43 ? -2.148  -6.379  9.684   1.00 22.33 ? 155 HIS A C    1 
ATOM   526  O  O    . HIS A 1 43 ? -3.375  -6.262  9.625   1.00 21.37 ? 155 HIS A O    1 
ATOM   527  C  CB   . HIS A 1 43 ? -1.866  -5.165  7.462   1.00 15.72 ? 155 HIS A CB   1 
ATOM   528  C  CG   . HIS A 1 43 ? -0.977  -4.301  6.633   1.00 15.83 ? 155 HIS A CG   1 
ATOM   529  N  ND1  . HIS A 1 43 ? -0.957  -2.924  6.742   1.00 12.08 ? 155 HIS A ND1  1 
ATOM   530  C  CD2  . HIS A 1 43 ? -0.015  -4.626  5.739   1.00 15.92 ? 155 HIS A CD2  1 
ATOM   531  C  CE1  . HIS A 1 43 ? -0.017  -2.443  5.942   1.00 15.17 ? 155 HIS A CE1  1 
ATOM   532  N  NE2  . HIS A 1 43 ? 0.556   -3.454  5.314   1.00 16.65 ? 155 HIS A NE2  1 
ATOM   533  H  H    . HIS A 1 43 ? 0.043   -6.887  8.277   1.00 24.31 ? 155 HIS A H    1 
ATOM   534  H  HA   . HIS A 1 43 ? -1.168  -4.662  9.289   1.00 24.03 ? 155 HIS A HA   1 
ATOM   535  H  HB2  . HIS A 1 43 ? -2.029  -5.986  6.973   1.00 18.92 ? 155 HIS A HB2  1 
ATOM   536  H  HB3  . HIS A 1 43 ? -2.700  -4.690  7.604   1.00 18.92 ? 155 HIS A HB3  1 
ATOM   537  H  HD2  . HIS A 1 43 ? 0.216   -5.483  5.464   1.00 19.15 ? 155 HIS A HD2  1 
ATOM   538  H  HE1  . HIS A 1 43 ? 0.202   -1.545  5.839   1.00 18.25 ? 155 HIS A HE1  1 
ATOM   539  H  HE2  . HIS A 1 43 ? 1.187   -3.387  4.732   1.00 20.03 ? 155 HIS A HE2  1 
ATOM   540  N  N    . ASN A 1 44 ? -1.540  -7.228  10.509  1.00 27.65 ? 156 ASN A N    1 
ATOM   541  C  CA   . ASN A 1 44 ? -2.279  -7.997  11.494  1.00 31.69 ? 156 ASN A CA   1 
ATOM   542  C  C    . ASN A 1 44 ? -3.038  -7.043  12.402  1.00 29.64 ? 156 ASN A C    1 
ATOM   543  O  O    . ASN A 1 44 ? -2.462  -6.099  12.954  1.00 31.24 ? 156 ASN A O    1 
ATOM   544  C  CB   . ASN A 1 44 ? -1.291  -8.817  12.327  1.00 36.67 ? 156 ASN A CB   1 
ATOM   545  C  CG   . ASN A 1 44 ? -0.544  -9.869  11.494  1.00 40.63 ? 156 ASN A CG   1 
ATOM   546  O  OD1  . ASN A 1 44 ? 0.641   -10.146 11.727  1.00 46.25 ? 156 ASN A OD1  1 
ATOM   547  N  ND2  . ASN A 1 44 ? -1.241  -10.462 10.522  1.00 46.26 ? 156 ASN A ND2  1 
ATOM   548  H  H    . ASN A 1 44 ? -0.694  -7.377  10.516  1.00 33.22 ? 156 ASN A H    1 
ATOM   549  H  HA   . ASN A 1 44 ? -2.906  -8.598  11.062  1.00 38.08 ? 156 ASN A HA   1 
ATOM   550  H  HB2  . ASN A 1 44 ? -0.634  -8.220  12.717  1.00 44.05 ? 156 ASN A HB2  1 
ATOM   551  H  HB3  . ASN A 1 44 ? -1.777  -9.280  13.029  1.00 44.05 ? 156 ASN A HB3  1 
ATOM   552  H  HD21 . ASN A 1 44 ? -2.064  -10.248 10.391  1.00 55.56 ? 156 ASN A HD21 1 
ATOM   553  H  HD22 . ASN A 1 44 ? -0.868  -11.058 10.027  1.00 55.56 ? 156 ASN A HD22 1 
ATOM   554  N  N    . SER A 1 45 ? -4.335  -7.296  12.554  1.00 31.74 ? 157 SER A N    1 
ATOM   555  C  CA   . SER A 1 45 ? -5.219  -6.501  13.381  1.00 29.87 ? 157 SER A CA   1 
ATOM   556  C  C    . SER A 1 45 ? -5.594  -5.176  12.726  1.00 27.72 ? 157 SER A C    1 
ATOM   557  O  O    . SER A 1 45 ? -6.294  -4.384  13.365  1.00 28.26 ? 157 SER A O    1 
ATOM   558  C  CB   . SER A 1 45 ? -4.626  -6.184  14.763  1.00 32.47 ? 157 SER A CB   1 
ATOM   559  O  OG   . SER A 1 45 ? -3.873  -4.971  14.728  1.00 38.44 ? 157 SER A OG   1 
ATOM   560  H  H    . SER A 1 45 ? -4.749  -7.956  12.164  1.00 38.13 ? 157 SER A H    1 
ATOM   561  H  HA   . SER A 1 45 ? -6.031  -7.015  13.506  1.00 35.89 ? 157 SER A HA   1 
ATOM   562  H  HB2  . SER A 1 45 ? -5.349  -6.088  15.402  1.00 39.01 ? 157 SER A HB2  1 
ATOM   563  H  HB3  . SER A 1 45 ? -4.040  -6.910  15.030  1.00 39.01 ? 157 SER A HB3  1 
ATOM   564  H  HG   . SER A 1 45 ? -3.484  -4.852  15.464  1.00 46.18 ? 157 SER A HG   1 
ATOM   565  N  N    . HIS A 1 46 ? -5.138  -4.886  11.505  1.00 22.14 ? 158 HIS A N    1 
ATOM   566  C  CA   . HIS A 1 46 ? -5.479  -3.635  10.845  1.00 19.20 ? 158 HIS A CA   1 
ATOM   567  C  C    . HIS A 1 46 ? -6.823  -3.764  10.145  1.00 16.80 ? 158 HIS A C    1 
ATOM   568  O  O    . HIS A 1 46 ? -7.304  -4.865  9.895   1.00 17.38 ? 158 HIS A O    1 
ATOM   569  C  CB   . HIS A 1 46 ? -4.426  -3.273  9.798   1.00 16.88 ? 158 HIS A CB   1 
ATOM   570  C  CG   . HIS A 1 46 ? -3.110  -2.871  10.375  1.00 19.97 ? 158 HIS A CG   1 
ATOM   571  N  ND1  . HIS A 1 46 ? -2.165  -2.196  9.638   1.00 17.76 ? 158 HIS A ND1  1 
ATOM   572  C  CD2  . HIS A 1 46 ? -2.568  -3.072  11.599  1.00 21.04 ? 158 HIS A CD2  1 
ATOM   573  C  CE1  . HIS A 1 46 ? -1.107  -1.961  10.399  1.00 17.19 ? 158 HIS A CE1  1 
ATOM   574  N  NE2  . HIS A 1 46 ? -1.318  -2.498  11.588  1.00 20.69 ? 158 HIS A NE2  1 
ATOM   575  H  H    . HIS A 1 46 ? -4.630  -5.402  11.042  1.00 26.62 ? 158 HIS A H    1 
ATOM   576  H  HA   . HIS A 1 46 ? -5.521  -2.930  11.509  1.00 23.09 ? 158 HIS A HA   1 
ATOM   577  H  HB2  . HIS A 1 46 ? -4.275  -4.042  9.228   1.00 20.31 ? 158 HIS A HB2  1 
ATOM   578  H  HB3  . HIS A 1 46 ? -4.755  -2.528  9.270   1.00 20.31 ? 158 HIS A HB3  1 
ATOM   579  H  HD2  . HIS A 1 46 ? -2.965  -3.516  12.314  1.00 25.30 ? 158 HIS A HD2  1 
ATOM   580  H  HE1  . HIS A 1 46 ? -0.343  -1.496  10.141  1.00 20.68 ? 158 HIS A HE1  1 
ATOM   581  H  HE2  . HIS A 1 46 ? -0.764  -2.492  12.246  1.00 24.87 ? 158 HIS A HE2  1 
ATOM   582  N  N    . ASP A 1 47 ? -7.435  -2.620  9.835   1.00 16.17 ? 159 ASP A N    1 
ATOM   583  C  CA   . ASP A 1 47 ? -8.735  -2.634  9.171   1.00 14.88 ? 159 ASP A CA   1 
ATOM   584  C  C    . ASP A 1 47 ? -8.553  -2.485  7.663   1.00 15.14 ? 159 ASP A C    1 
ATOM   585  O  O    . ASP A 1 47 ? -8.684  -1.402  7.098   1.00 15.22 ? 159 ASP A O    1 
ATOM   586  C  CB   . ASP A 1 47 ? -9.664  -1.577  9.732   1.00 15.25 ? 159 ASP A CB   1 
ATOM   587  C  CG   . ASP A 1 47 ? -11.063 -1.704  9.168   1.00 16.86 ? 159 ASP A CG   1 
ATOM   588  O  OD1  . ASP A 1 47 ? -11.315 -2.693  8.447   1.00 16.17 ? 159 ASP A OD1  1 
ATOM   589  O  OD2  . ASP A 1 47 ? -11.903 -0.820  9.441   1.00 18.51 ? 159 ASP A OD2  1 
ATOM   590  H  H    . ASP A 1 47 ? -7.119  -1.837  9.997   1.00 19.46 ? 159 ASP A H    1 
ATOM   591  H  HA   . ASP A 1 47 ? -9.130  -3.504  9.338   1.00 17.90 ? 159 ASP A HA   1 
ATOM   592  H  HB2  . ASP A 1 47 ? -9.715  -1.674  10.696  1.00 18.35 ? 159 ASP A HB2  1 
ATOM   593  H  HB3  . ASP A 1 47 ? -9.323  -0.698  9.504   1.00 18.35 ? 159 ASP A HB3  1 
ATOM   594  N  N    . TYR A 1 48 ? -8.195  -3.591  7.021   1.00 15.89 ? 160 TYR A N    1 
ATOM   595  C  CA   . TYR A 1 48 ? -7.860  -3.596  5.602   1.00 16.22 ? 160 TYR A CA   1 
ATOM   596  C  C    . TYR A 1 48 ? -8.948  -4.299  4.802   1.00 16.05 ? 160 TYR A C    1 
ATOM   597  O  O    . TYR A 1 48 ? -9.719  -5.117  5.320   1.00 15.73 ? 160 TYR A O    1 
ATOM   598  C  CB   . TYR A 1 48 ? -6.493  -4.267  5.352   1.00 15.16 ? 160 TYR A CB   1 
ATOM   599  C  CG   . TYR A 1 48 ? -6.419  -5.693  5.820   1.00 15.10 ? 160 TYR A CG   1 
ATOM   600  C  CD1  . TYR A 1 48 ? -6.876  -6.715  5.016   1.00 15.90 ? 160 TYR A CD1  1 
ATOM   601  C  CD2  . TYR A 1 48 ? -5.879  -6.021  7.054   1.00 16.47 ? 160 TYR A CD2  1 
ATOM   602  C  CE1  . TYR A 1 48 ? -6.826  -8.030  5.429   1.00 18.05 ? 160 TYR A CE1  1 
ATOM   603  C  CE2  . TYR A 1 48 ? -5.828  -7.339  7.480   1.00 18.92 ? 160 TYR A CE2  1 
ATOM   604  C  CZ   . TYR A 1 48 ? -6.295  -8.342  6.650   1.00 19.32 ? 160 TYR A CZ   1 
ATOM   605  O  OH   . TYR A 1 48 ? -6.242  -9.654  7.052   1.00 26.11 ? 160 TYR A OH   1 
ATOM   606  H  H    . TYR A 1 48 ? -8.139  -4.364  7.393   1.00 19.12 ? 160 TYR A H    1 
ATOM   607  H  HA   . TYR A 1 48 ? -7.802  -2.680  5.287   1.00 19.52 ? 160 TYR A HA   1 
ATOM   608  H  HB2  . TYR A 1 48 ? -6.313  -4.259  4.399   1.00 18.24 ? 160 TYR A HB2  1 
ATOM   609  H  HB3  . TYR A 1 48 ? -5.810  -3.765  5.823   1.00 18.24 ? 160 TYR A HB3  1 
ATOM   610  H  HD1  . TYR A 1 48 ? -7.224  -6.513  4.177   1.00 19.13 ? 160 TYR A HD1  1 
ATOM   611  H  HD2  . TYR A 1 48 ? -5.546  -5.348  7.603   1.00 19.81 ? 160 TYR A HD2  1 
ATOM   612  H  HE1  . TYR A 1 48 ? -7.155  -8.704  4.878   1.00 21.71 ? 160 TYR A HE1  1 
ATOM   613  H  HE2  . TYR A 1 48 ? -5.484  -7.547  8.318   1.00 22.76 ? 160 TYR A HE2  1 
ATOM   614  H  HH   . TYR A 1 48 ? -5.676  -9.744  7.666   1.00 31.38 ? 160 TYR A HH   1 
ATOM   615  N  N    . SER A 1 49 ? -8.981  -3.984  3.509   1.00 13.72 ? 161 SER A N    1 
ATOM   616  C  CA   . SER A 1 49 ? -9.910  -4.615  2.589   1.00 15.78 ? 161 SER A CA   1 
ATOM   617  C  C    . SER A 1 49 ? -9.272  -4.720  1.214   1.00 14.77 ? 161 SER A C    1 
ATOM   618  O  O    . SER A 1 49 ? -8.449  -3.893  0.833   1.00 14.23 ? 161 SER A O    1 
ATOM   619  C  CB   . SER A 1 49 ? -11.183 -3.775  2.434   1.00 18.60 ? 161 SER A CB   1 
ATOM   620  O  OG   . SER A 1 49 ? -11.748 -3.445  3.676   1.00 18.87 ? 161 SER A OG   1 
ATOM   621  H  H    . SER A 1 49 ? -8.466  -3.401  3.141   1.00 16.51 ? 161 SER A H    1 
ATOM   622  H  HA   . SER A 1 49 ? -10.121 -5.502  2.922   1.00 18.98 ? 161 SER A HA   1 
ATOM   623  H  HB2  . SER A 1 49 ? -10.961 -2.955  1.965   1.00 22.37 ? 161 SER A HB2  1 
ATOM   624  H  HB3  . SER A 1 49 ? -11.832 -4.283  1.921   1.00 22.37 ? 161 SER A HB3  1 
ATOM   625  H  HG   . SER A 1 49 ? -12.275 -2.797  3.589   1.00 22.69 ? 161 SER A HG   1 
ATOM   626  N  N    . ILE A 1 50 ? -9.669  -5.746  0.451   1.00 14.26 ? 162 ILE A N    1 
ATOM   627  C  CA   . ILE A 1 50 ? -9.353  -5.801  -0.971  1.00 14.86 ? 162 ILE A CA   1 
ATOM   628  C  C    . ILE A 1 50 ? -10.303 -4.874  -1.713  1.00 15.62 ? 162 ILE A C    1 
ATOM   629  O  O    . ILE A 1 50 ? -11.515 -4.887  -1.469  1.00 17.00 ? 162 ILE A O    1 
ATOM   630  C  CB   . ILE A 1 50 ? -9.510  -7.234  -1.499  1.00 14.35 ? 162 ILE A CB   1 
ATOM   631  C  CG1  . ILE A 1 50 ? -8.574  -8.205  -0.773  1.00 14.49 ? 162 ILE A CG1  1 
ATOM   632  C  CG2  . ILE A 1 50 ? -9.263  -7.267  -3.003  1.00 16.04 ? 162 ILE A CG2  1 
ATOM   633  C  CD1  . ILE A 1 50 ? -9.062  -9.668  -0.873  1.00 19.80 ? 162 ILE A CD1  1 
ATOM   634  H  H    . ILE A 1 50 ? -10.123 -6.418  0.737   1.00 17.16 ? 162 ILE A H    1 
ATOM   635  H  HA   . ILE A 1 50 ? -8.437  -5.512  -1.105  1.00 17.88 ? 162 ILE A HA   1 
ATOM   636  H  HB   . ILE A 1 50 ? -10.420 -7.520  -1.321  1.00 17.26 ? 162 ILE A HB   1 
ATOM   637  H  HG12 . ILE A 1 50 ? -7.692  -8.152  -1.170  1.00 17.44 ? 162 ILE A HG12 1 
ATOM   638  H  HG13 . ILE A 1 50 ? -8.532  -7.964  0.166   1.00 17.44 ? 162 ILE A HG13 1 
ATOM   639  H  HG21 . ILE A 1 50 ? -9.321  -8.185  -3.311  1.00 19.29 ? 162 ILE A HG21 1 
ATOM   640  H  HG22 . ILE A 1 50 ? -9.934  -6.726  -3.446  1.00 19.29 ? 162 ILE A HG22 1 
ATOM   641  H  HG23 . ILE A 1 50 ? -8.378  -6.913  -3.185  1.00 19.29 ? 162 ILE A HG23 1 
ATOM   642  H  HD11 . ILE A 1 50 ? -8.567  -10.210 -0.238  1.00 23.81 ? 162 ILE A HD11 1 
ATOM   643  H  HD12 . ILE A 1 50 ? -10.010 -9.700  -0.667  1.00 23.81 ? 162 ILE A HD12 1 
ATOM   644  H  HD13 . ILE A 1 50 ? -8.907  -9.992  -1.774  1.00 23.81 ? 162 ILE A HD13 1 
ATOM   645  N  N    . ILE A 1 51 ? -9.766  -4.081  -2.632  1.00 14.45 ? 163 ILE A N    1 
ATOM   646  C  CA   . ILE A 1 51 ? -10.558 -3.131  -3.404  1.00 17.50 ? 163 ILE A CA   1 
ATOM   647  C  C    . ILE A 1 51 ? -10.231 -3.284  -4.888  1.00 17.27 ? 163 ILE A C    1 
ATOM   648  O  O    . ILE A 1 51 ? -9.153  -3.749  -5.270  1.00 17.27 ? 163 ILE A O    1 
ATOM   649  C  CB   . ILE A 1 51 ? -10.295 -1.678  -2.949  1.00 19.49 ? 163 ILE A CB   1 
ATOM   650  C  CG1  . ILE A 1 51 ? -8.817  -1.325  -3.165  1.00 18.55 ? 163 ILE A CG1  1 
ATOM   651  C  CG2  . ILE A 1 51 ? -10.700 -1.503  -1.487  1.00 19.47 ? 163 ILE A CG2  1 
ATOM   652  C  CD1  . ILE A 1 51 ? -8.447  0.142   -3.032  1.00 20.38 ? 163 ILE A CD1  1 
ATOM   653  H  H    . ILE A 1 51 ? -8.929  -4.074  -2.828  1.00 17.38 ? 163 ILE A H    1 
ATOM   654  H  HA   . ILE A 1 51 ? -11.499 -3.335  -3.290  1.00 21.05 ? 163 ILE A HA   1 
ATOM   655  H  HB   . ILE A 1 51 ? -10.833 -1.072  -3.483  1.00 23.44 ? 163 ILE A HB   1 
ATOM   656  H  HG12 . ILE A 1 51 ? -8.292  -1.811  -2.510  1.00 22.31 ? 163 ILE A HG12 1 
ATOM   657  H  HG13 . ILE A 1 51 ? -8.569  -1.601  -4.060  1.00 22.31 ? 163 ILE A HG13 1 
ATOM   658  H  HG21 . ILE A 1 51 ? -10.733 -0.556  -1.279  1.00 23.41 ? 163 ILE A HG21 1 
ATOM   659  H  HG22 . ILE A 1 51 ? -11.573 -1.902  -1.350  1.00 23.41 ? 163 ILE A HG22 1 
ATOM   660  H  HG23 . ILE A 1 51 ? -10.043 -1.943  -0.923  1.00 23.41 ? 163 ILE A HG23 1 
ATOM   661  H  HD11 . ILE A 1 51 ? -7.609  0.300   -3.495  1.00 24.51 ? 163 ILE A HD11 1 
ATOM   662  H  HD12 . ILE A 1 51 ? -9.150  0.683   -3.427  1.00 24.51 ? 163 ILE A HD12 1 
ATOM   663  H  HD13 . ILE A 1 51 ? -8.351  0.360   -2.092  1.00 24.51 ? 163 ILE A HD13 1 
ATOM   664  N  N    . TYR A 1 52 ? -11.187 -2.875  -5.730  1.00 20.30 ? 164 TYR A N    1 
ATOM   665  C  CA   . TYR A 1 52 ? -10.941 -2.648  -7.153  1.00 21.68 ? 164 TYR A CA   1 
ATOM   666  C  C    . TYR A 1 52 ? -10.542 -1.184  -7.346  1.00 23.48 ? 164 TYR A C    1 
ATOM   667  O  O    . TYR A 1 52 ? -11.288 -0.274  -6.964  1.00 26.63 ? 164 TYR A O    1 
ATOM   668  C  CB   . TYR A 1 52 ? -12.173 -3.031  -7.984  1.00 24.15 ? 164 TYR A CB   1 
ATOM   669  C  CG   . TYR A 1 52 ? -12.506 -4.513  -7.922  1.00 22.47 ? 164 TYR A CG   1 
ATOM   670  C  CD1  . TYR A 1 52 ? -13.437 -4.993  -7.014  1.00 28.80 ? 164 TYR A CD1  1 
ATOM   671  C  CD2  . TYR A 1 52 ? -11.874 -5.433  -8.760  1.00 25.07 ? 164 TYR A CD2  1 
ATOM   672  C  CE1  . TYR A 1 52 ? -13.740 -6.332  -6.937  1.00 33.43 ? 164 TYR A CE1  1 
ATOM   673  C  CE2  . TYR A 1 52 ? -12.177 -6.780  -8.691  1.00 24.92 ? 164 TYR A CE2  1 
ATOM   674  C  CZ   . TYR A 1 52 ? -13.112 -7.224  -7.778  1.00 30.93 ? 164 TYR A CZ   1 
ATOM   675  O  OH   . TYR A 1 52 ? -13.434 -8.559  -7.681  1.00 38.51 ? 164 TYR A OH   1 
ATOM   676  H  H    . TYR A 1 52 ? -12.000 -2.722  -5.492  1.00 24.40 ? 164 TYR A H    1 
ATOM   677  H  HA   . TYR A 1 52 ? -10.209 -3.201  -7.465  1.00 26.07 ? 164 TYR A HA   1 
ATOM   678  H  HB2  . TYR A 1 52 ? -12.940 -2.539  -7.652  1.00 29.03 ? 164 TYR A HB2  1 
ATOM   679  H  HB3  . TYR A 1 52 ? -12.008 -2.802  -8.913  1.00 29.03 ? 164 TYR A HB3  1 
ATOM   680  H  HD1  . TYR A 1 52 ? -13.866 -4.397  -6.445  1.00 34.61 ? 164 TYR A HD1  1 
ATOM   681  H  HD2  . TYR A 1 52 ? -11.241 -5.137  -9.372  1.00 30.13 ? 164 TYR A HD2  1 
ATOM   682  H  HE1  . TYR A 1 52 ? -14.365 -6.633  -6.318  1.00 40.16 ? 164 TYR A HE1  1 
ATOM   683  H  HE2  . TYR A 1 52 ? -11.752 -7.385  -9.256  1.00 29.96 ? 164 TYR A HE2  1 
ATOM   684  H  HH   . TYR A 1 52 ? -13.076 -8.988  -8.308  1.00 46.26 ? 164 TYR A HH   1 
ATOM   685  N  N    . THR A 1 53 ? -9.349  -0.948  -7.905  1.00 22.88 ? 165 THR A N    1 
ATOM   686  C  CA   . THR A 1 53 ? -8.697  0.348   -7.717  1.00 19.96 ? 165 THR A CA   1 
ATOM   687  C  C    . THR A 1 53 ? -9.321  1.439   -8.578  1.00 25.06 ? 165 THR A C    1 
ATOM   688  O  O    . THR A 1 53 ? -9.360  2.609   -8.176  1.00 25.30 ? 165 THR A O    1 
ATOM   689  C  CB   . THR A 1 53 ? -7.201  0.264   -8.044  1.00 20.95 ? 165 THR A CB   1 
ATOM   690  O  OG1  . THR A 1 53 ? -7.019  -0.307  -9.351  1.00 20.68 ? 165 THR A OG1  1 
ATOM   691  C  CG2  . THR A 1 53 ? -6.451  -0.548  -7.003  1.00 18.19 ? 165 THR A CG2  1 
ATOM   692  H  H    . THR A 1 53 ? -8.907  -1.507  -8.387  1.00 27.50 ? 165 THR A H    1 
ATOM   693  H  HA   . THR A 1 53 ? -8.804  0.581   -6.782  1.00 24.00 ? 165 THR A HA   1 
ATOM   694  H  HB   . THR A 1 53 ? -6.823  1.158   -8.035  1.00 25.18 ? 165 THR A HB   1 
ATOM   695  H  HG1  . THR A 1 53 ? -6.250  -0.642  -9.414  1.00 24.86 ? 165 THR A HG1  1 
ATOM   696  H  HG21 . THR A 1 53 ? -5.506  -0.567  -7.215  1.00 21.87 ? 165 THR A HG21 1 
ATOM   697  H  HG22 . THR A 1 53 ? -6.569  -0.152  -6.125  1.00 21.87 ? 165 THR A HG22 1 
ATOM   698  H  HG23 . THR A 1 53 ? -6.789  -1.457  -6.985  1.00 21.87 ? 165 THR A HG23 1 
ATOM   699  N  N    . GLY A 1 54 ? -9.751  1.095   -9.787  1.00 25.88 ? 166 GLY A N    1 
ATOM   700  C  CA   . GLY A 1 54 ? -10.007 2.127   -10.777 1.00 26.79 ? 166 GLY A CA   1 
ATOM   701  C  C    . GLY A 1 54 ? -8.759  2.767   -11.342 1.00 28.63 ? 166 GLY A C    1 
ATOM   702  O  O    . GLY A 1 54 ? -8.827  3.862   -11.912 1.00 34.21 ? 166 GLY A O    1 
ATOM   703  H  H    . GLY A 1 54 ? -9.899  0.292   -10.053 1.00 31.11 ? 166 GLY A H    1 
ATOM   704  H  HA2  . GLY A 1 54 ? -10.502 1.737   -11.515 1.00 32.20 ? 166 GLY A HA2  1 
ATOM   705  H  HA3  . GLY A 1 54 ? -10.543 2.824   -10.371 1.00 32.20 ? 166 GLY A HA3  1 
ATOM   706  N  N    . GLY A 1 55 ? -7.611  2.121   -11.190 1.00 21.80 ? 167 GLY A N    1 
ATOM   707  C  CA   . GLY A 1 55 ? -6.347  2.693   -11.585 1.00 25.62 ? 167 GLY A CA   1 
ATOM   708  C  C    . GLY A 1 55 ? -5.672  3.430   -10.439 1.00 18.99 ? 167 GLY A C    1 
ATOM   709  O  O    . GLY A 1 55 ? -6.286  3.778   -9.429  1.00 22.81 ? 167 GLY A O    1 
ATOM   710  H  H    . GLY A 1 55 ? -7.544  1.332   -10.854 1.00 26.21 ? 167 GLY A H    1 
ATOM   711  H  HA2  . GLY A 1 55 ? -5.754  1.988   -11.888 1.00 30.80 ? 167 GLY A HA2  1 
ATOM   712  H  HA3  . GLY A 1 55 ? -6.489  3.320   -12.312 1.00 30.80 ? 167 GLY A HA3  1 
ATOM   713  N  N    . GLY A 1 56 ? -4.380  3.670   -10.610 1.00 20.30 ? 168 GLY A N    1 
ATOM   714  C  CA   . GLY A 1 56 ? -3.611  4.409   -9.639  1.00 20.64 ? 168 GLY A CA   1 
ATOM   715  C  C    . GLY A 1 56 ? -2.216  3.849   -9.500  1.00 19.49 ? 168 GLY A C    1 
ATOM   716  O  O    . GLY A 1 56 ? -1.716  3.152   -10.389 1.00 19.24 ? 168 GLY A O    1 
ATOM   717  H  H    . GLY A 1 56 ? -3.927  3.407   -11.292 1.00 24.41 ? 168 GLY A H    1 
ATOM   718  H  HA2  . GLY A 1 56 ? -3.546  5.337   -9.912  1.00 24.81 ? 168 GLY A HA2  1 
ATOM   719  H  HA3  . GLY A 1 56 ? -4.049  4.365   -8.774  1.00 24.81 ? 168 GLY A HA3  1 
ATOM   720  N  N    . CYS A 1 57 ? -1.589  4.156   -8.367  1.00 18.33 ? 169 CYS A N    1 
ATOM   721  C  CA   . CYS A 1 57 ? -0.259  3.647   -8.096  1.00 18.08 ? 169 CYS A CA   1 
ATOM   722  C  C    . CYS A 1 57 ? -0.077  3.369   -6.611  1.00 16.20 ? 169 CYS A C    1 
ATOM   723  O  O    . CYS A 1 57 ? -0.696  3.999   -5.750  1.00 16.45 ? 169 CYS A O    1 
ATOM   724  C  CB   . CYS A 1 57 ? 0.857   4.562   -8.637  1.00 16.69 ? 169 CYS A CB   1 
ATOM   725  S  SG   . CYS A 1 57 ? 1.011   6.216   -7.958  1.00 21.35 ? 169 CYS A SG   1 
ATOM   726  H  H    . CYS A 1 57 ? -1.916  4.655   -7.747  1.00 22.04 ? 169 CYS A H    1 
ATOM   727  H  HA   . CYS A 1 57 ? -0.173  2.794   -8.550  1.00 21.75 ? 169 CYS A HA   1 
ATOM   728  H  HB2  . CYS A 1 57 ? 1.704   4.118   -8.475  1.00 20.08 ? 169 CYS A HB2  1 
ATOM   729  H  HB3  . CYS A 1 57 ? 0.713   4.668   -9.590  1.00 20.08 ? 169 CYS A HB3  1 
ATOM   730  H  HG   . CYS A 1 57 ? 1.730   6.864   -8.667  1.00 25.66 ? 169 CYS A HG   1 
ATOM   731  N  N    . CYS A 1 58 ? 0.815   2.431   -6.329  1.00 15.37 ? 170 CYS A N    1 
ATOM   732  C  CA   . CYS A 1 58 ? 1.040   1.988   -4.963  1.00 15.11 ? 170 CYS A CA   1 
ATOM   733  C  C    . CYS A 1 58 ? 1.764   3.053   -4.152  1.00 14.42 ? 170 CYS A C    1 
ATOM   734  O  O    . CYS A 1 58 ? 2.761   3.645   -4.588  1.00 16.98 ? 170 CYS A O    1 
ATOM   735  C  CB   . CYS A 1 58 ? 1.875   0.710   -4.939  1.00 14.10 ? 170 CYS A CB   1 
ATOM   736  S  SG   . CYS A 1 58 ? 2.290   0.022   -3.373  1.00 13.17 ? 170 CYS A SG   1 
ATOM   737  H  H    . CYS A 1 58 ? 1.307   2.033   -6.912  1.00 18.49 ? 170 CYS A H    1 
ATOM   738  H  HA   . CYS A 1 58 ? 0.175   1.813   -4.559  1.00 18.18 ? 170 CYS A HA   1 
ATOM   739  H  HB2  . CYS A 1 58 ? 1.382   0.027   -5.420  1.00 16.97 ? 170 CYS A HB2  1 
ATOM   740  H  HB3  . CYS A 1 58 ? 2.712   0.896   -5.392  1.00 16.97 ? 170 CYS A HB3  1 
ATOM   741  N  N    . ASP A 1 59 ? 1.309   3.222   -2.920  1.00 13.66 ? 171 ASP A N    1 
ATOM   742  C  CA   . ASP A 1 59 ? 1.820   4.245   -2.021  1.00 13.02 ? 171 ASP A CA   1 
ATOM   743  C  C    . ASP A 1 59 ? 2.870   3.725   -1.050  1.00 15.27 ? 171 ASP A C    1 
ATOM   744  O  O    . ASP A 1 59 ? 3.410   4.510   -0.255  1.00 13.65 ? 171 ASP A O    1 
ATOM   745  C  CB   . ASP A 1 59 ? 0.646   4.824   -1.223  1.00 12.71 ? 171 ASP A CB   1 
ATOM   746  C  CG   . ASP A 1 59 ? -0.300  5.642   -2.081  1.00 14.59 ? 171 ASP A CG   1 
ATOM   747  O  OD1  . ASP A 1 59 ? 0.200   6.472   -2.877  1.00 16.52 ? 171 ASP A OD1  1 
ATOM   748  O  OD2  . ASP A 1 59 ? -1.524  5.474   -1.954  1.00 14.45 ? 171 ASP A OD2  1 
ATOM   749  H  H    . ASP A 1 59 ? 0.687   2.742   -2.572  1.00 16.44 ? 171 ASP A H    1 
ATOM   750  H  HA   . ASP A 1 59 ? 2.234   4.949   -2.545  1.00 15.67 ? 171 ASP A HA   1 
ATOM   751  H  HB2  . ASP A 1 59 ? 0.140   4.096   -0.830  1.00 15.30 ? 171 ASP A HB2  1 
ATOM   752  H  HB3  . ASP A 1 59 ? 0.992   5.402   -0.524  1.00 15.30 ? 171 ASP A HB3  1 
ATOM   753  N  N    . CYS A 1 60 ? 3.185   2.429   -1.114  1.00 13.38 ? 172 CYS A N    1 
ATOM   754  C  CA   . CYS A 1 60 ? 4.139   1.838   -0.190  1.00 13.27 ? 172 CYS A CA   1 
ATOM   755  C  C    . CYS A 1 60 ? 5.505   2.491   -0.358  1.00 14.72 ? 172 CYS A C    1 
ATOM   756  O  O    . CYS A 1 60 ? 6.025   2.598   -1.469  1.00 16.48 ? 172 CYS A O    1 
ATOM   757  C  CB   . CYS A 1 60 ? 4.245   0.338   -0.447  1.00 12.89 ? 172 CYS A CB   1 
ATOM   758  S  SG   . CYS A 1 60 ? 5.294   -0.487  0.753   1.00 15.24 ? 172 CYS A SG   1 
ATOM   759  H  H    . CYS A 1 60 ? 2.859   1.874   -1.684  1.00 16.11 ? 172 CYS A H    1 
ATOM   760  H  HA   . CYS A 1 60 ? 3.839   1.976   0.722   1.00 15.98 ? 172 CYS A HA   1 
ATOM   761  H  HB2  . CYS A 1 60 ? 3.360   -0.057  -0.396  1.00 15.52 ? 172 CYS A HB2  1 
ATOM   762  H  HB3  . CYS A 1 60 ? 4.622   0.192   -1.329  1.00 15.52 ? 172 CYS A HB3  1 
ATOM   763  N  N    . GLY A 1 61 ? 6.080   2.961   0.756   1.00 14.92 ? 173 GLY A N    1 
ATOM   764  C  CA   . GLY A 1 61 ? 7.353   3.646   0.736   1.00 16.51 ? 173 GLY A CA   1 
ATOM   765  C  C    . GLY A 1 61 ? 7.257   5.153   0.672   1.00 16.26 ? 173 GLY A C    1 
ATOM   766  O  O    . GLY A 1 61 ? 8.275   5.832   0.879   1.00 16.86 ? 173 GLY A O    1 
ATOM   767  H  H    . GLY A 1 61 ? 5.736   2.886   1.542   1.00 17.96 ? 173 GLY A H    1 
ATOM   768  H  HA2  . GLY A 1 61 ? 7.844   3.414   1.539   1.00 19.86 ? 173 GLY A HA2  1 
ATOM   769  H  HA3  . GLY A 1 61 ? 7.854   3.348   -0.039  1.00 19.86 ? 173 GLY A HA3  1 
ATOM   770  N  N    . ASP A 1 62 ? 6.069   5.699   0.417   1.00 16.47 ? 174 ASP A N    1 
ATOM   771  C  CA   . ASP A 1 62 ? 5.840   7.148   0.354   1.00 16.51 ? 174 ASP A CA   1 
ATOM   772  C  C    . ASP A 1 62 ? 5.196   7.591   1.656   1.00 17.18 ? 174 ASP A C    1 
ATOM   773  O  O    . ASP A 1 62 ? 3.983   7.455   1.839   1.00 16.39 ? 174 ASP A O    1 
ATOM   774  C  CB   . ASP A 1 62 ? 4.935   7.454   -0.839  1.00 19.13 ? 174 ASP A CB   1 
ATOM   775  C  CG   . ASP A 1 62 ? 4.629   8.933   -0.985  1.00 19.71 ? 174 ASP A CG   1 
ATOM   776  O  OD1  . ASP A 1 62 ? 5.127   9.747   -0.170  1.00 17.64 ? 174 ASP A OD1  1 
ATOM   777  O  OD2  . ASP A 1 62 ? 3.887   9.292   -1.928  1.00 21.57 ? 174 ASP A OD2  1 
ATOM   778  H  H    . ASP A 1 62 ? 5.357   5.238   0.273   1.00 19.81 ? 174 ASP A H    1 
ATOM   779  H  HA   . ASP A 1 62 ? 6.684   7.618   0.262   1.00 19.87 ? 174 ASP A HA   1 
ATOM   780  H  HB2  . ASP A 1 62 ? 5.374   7.157   -1.651  1.00 23.01 ? 174 ASP A HB2  1 
ATOM   781  H  HB3  . ASP A 1 62 ? 4.094   6.985   -0.725  1.00 23.01 ? 174 ASP A HB3  1 
ATOM   782  N  N    . GLU A 1 63 ? 6.018   8.187   2.540   1.00 16.32 ? 175 GLU A N    1 
ATOM   783  C  CA   . GLU A 1 63 ? 5.551   8.634   3.842   1.00 17.44 ? 175 GLU A CA   1 
ATOM   784  C  C    . GLU A 1 63 ? 4.474   9.695   3.732   1.00 15.42 ? 175 GLU A C    1 
ATOM   785  O  O    . GLU A 1 63 ? 3.737   9.914   4.700   1.00 18.48 ? 175 GLU A O    1 
ATOM   786  C  CB   . GLU A 1 63 ? 6.699   9.215   4.682   1.00 20.86 ? 175 GLU A CB   1 
ATOM   787  C  CG   . GLU A 1 63 ? 7.639   10.140  3.916   1.00 28.06 ? 175 GLU A CG   1 
ATOM   788  C  CD   . GLU A 1 63 ? 8.893   9.409   3.414   1.00 38.42 ? 175 GLU A CD   1 
ATOM   789  O  OE1  . GLU A 1 63 ? 8.758   8.356   2.759   1.00 29.86 ? 175 GLU A OE1  1 
ATOM   790  O  OE2  . GLU A 1 63 ? 10.020  9.883   3.684   1.00 46.90 ? 175 GLU A OE2  1 
ATOM   791  H  H    . GLU A 1 63 ? 6.853   8.341   2.401   1.00 19.63 ? 175 GLU A H    1 
ATOM   792  H  HA   . GLU A 1 63 ? 5.198   7.855   4.299   1.00 20.97 ? 175 GLU A HA   1 
ATOM   793  H  HB2  . GLU A 1 63 ? 6.319   9.725   5.413   1.00 25.08 ? 175 GLU A HB2  1 
ATOM   794  H  HB3  . GLU A 1 63 ? 7.229   8.481   5.029   1.00 25.08 ? 175 GLU A HB3  1 
ATOM   795  H  HG2  . GLU A 1 63 ? 7.173   10.504  3.147   1.00 33.73 ? 175 GLU A HG2  1 
ATOM   796  H  HG3  . GLU A 1 63 ? 7.924   10.859  4.502   1.00 33.73 ? 175 GLU A HG3  1 
ATOM   797  N  N    . THR A 1 64 ? 4.345   10.348  2.579   1.00 17.03 ? 176 THR A N    1 
ATOM   798  C  CA   . THR A 1 64 ? 3.298   11.346  2.403   1.00 18.44 ? 176 THR A CA   1 
ATOM   799  C  C    . THR A 1 64 ? 1.952   10.745  2.023   1.00 17.67 ? 176 THR A C    1 
ATOM   800  O  O    . THR A 1 64 ? 0.954   11.473  1.954   1.00 19.82 ? 176 THR A O    1 
ATOM   801  C  CB   . THR A 1 64 ? 3.699   12.396  1.358   1.00 19.58 ? 176 THR A CB   1 
ATOM   802  O  OG1  . THR A 1 64 ? 3.638   11.852  0.034   1.00 22.12 ? 176 THR A OG1  1 
ATOM   803  C  CG2  . THR A 1 64 ? 5.105   12.927  1.638   1.00 20.81 ? 176 THR A CG2  1 
ATOM   804  H  H    . THR A 1 64 ? 4.847   10.231  1.891   1.00 20.49 ? 176 THR A H    1 
ATOM   805  H  HA   . THR A 1 64 ? 3.194   11.811  3.248   1.00 22.17 ? 176 THR A HA   1 
ATOM   806  H  HB   . THR A 1 64 ? 3.076   13.138  1.409   1.00 23.55 ? 176 THR A HB   1 
ATOM   807  H  HG1  . THR A 1 64 ? 3.090   12.286  -0.429  1.00 26.59 ? 176 THR A HG1  1 
ATOM   808  H  HG21 . THR A 1 64 ? 5.301   13.672  1.049   1.00 25.02 ? 176 THR A HG21 1 
ATOM   809  H  HG22 . THR A 1 64 ? 5.168   13.228  2.558   1.00 25.02 ? 176 THR A HG22 1 
ATOM   810  H  HG23 . THR A 1 64 ? 5.759   12.228  1.489   1.00 25.02 ? 176 THR A HG23 1 
ATOM   811  N  N    . ALA A 1 65 ? 1.909   9.446   1.752   1.00 16.53 ? 177 ALA A N    1 
ATOM   812  C  CA   . ALA A 1 65 ? 0.675   8.756   1.409   1.00 16.20 ? 177 ALA A CA   1 
ATOM   813  C  C    . ALA A 1 65 ? 0.388   7.563   2.303   1.00 16.66 ? 177 ALA A C    1 
ATOM   814  O  O    . ALA A 1 65 ? -0.742  7.060   2.280   1.00 18.45 ? 177 ALA A O    1 
ATOM   815  C  CB   . ALA A 1 65 ? 0.698   8.289   -0.058  1.00 18.03 ? 177 ALA A CB   1 
ATOM   816  H  H    . ALA A 1 65 ? 2.596   8.931   1.760   1.00 19.89 ? 177 ALA A H    1 
ATOM   817  H  HA   . ALA A 1 65 ? -0.065  9.379   1.495   1.00 19.49 ? 177 ALA A HA   1 
ATOM   818  H  HB1  . ALA A 1 65 ? -0.137  7.838   -0.259  1.00 21.69 ? 177 ALA A HB1  1 
ATOM   819  H  HB2  . ALA A 1 65 ? 0.803   9.064   -0.634  1.00 21.69 ? 177 ALA A HB2  1 
ATOM   820  H  HB3  . ALA A 1 65 ? 1.442   7.680   -0.184  1.00 21.69 ? 177 ALA A HB3  1 
ATOM   821  N  N    . TRP A 1 66 ? 1.347   7.116   3.105   1.00 14.57 ? 178 TRP A N    1 
ATOM   822  C  CA   . TRP A 1 66 ? 1.216   5.875   3.854   1.00 14.78 ? 178 TRP A CA   1 
ATOM   823  C  C    . TRP A 1 66 ? 2.098   5.944   5.089   1.00 13.23 ? 178 TRP A C    1 
ATOM   824  O  O    . TRP A 1 66 ? 3.240   6.421   5.025   1.00 15.25 ? 178 TRP A O    1 
ATOM   825  C  CB   . TRP A 1 66 ? 1.628   4.721   2.944   1.00 13.81 ? 178 TRP A CB   1 
ATOM   826  C  CG   . TRP A 1 66 ? 1.128   3.380   3.303   1.00 13.07 ? 178 TRP A CG   1 
ATOM   827  C  CD1  . TRP A 1 66 ? 1.826   2.387   3.927   1.00 13.60 ? 178 TRP A CD1  1 
ATOM   828  C  CD2  . TRP A 1 66 ? -0.162  2.823   2.983   1.00 12.07 ? 178 TRP A CD2  1 
ATOM   829  N  NE1  . TRP A 1 66 ? 1.038   1.259   4.051   1.00 14.65 ? 178 TRP A NE1  1 
ATOM   830  C  CE2  . TRP A 1 66 ? -0.185  1.508   3.483   1.00 14.19 ? 178 TRP A CE2  1 
ATOM   831  C  CE3  . TRP A 1 66 ? -1.297  3.326   2.343   1.00 12.79 ? 178 TRP A CE3  1 
ATOM   832  C  CZ2  . TRP A 1 66 ? -1.292  0.670   3.324   1.00 12.92 ? 178 TRP A CZ2  1 
ATOM   833  C  CZ3  . TRP A 1 66 ? -2.405  2.517   2.224   1.00 12.94 ? 178 TRP A CZ3  1 
ATOM   834  C  CH2  . TRP A 1 66 ? -2.399  1.205   2.725   1.00 13.21 ? 178 TRP A CH2  1 
ATOM   835  H  H    . TRP A 1 66 ? 2.094   7.520   3.234   1.00 17.53 ? 178 TRP A H    1 
ATOM   836  H  HA   . TRP A 1 66 ? 0.308   5.737   4.168   1.00 17.79 ? 178 TRP A HA   1 
ATOM   837  H  HB2  . TRP A 1 66 ? 1.305   4.913   2.051   1.00 16.63 ? 178 TRP A HB2  1 
ATOM   838  H  HB3  . TRP A 1 66 ? 2.596   4.671   2.944   1.00 16.63 ? 178 TRP A HB3  1 
ATOM   839  H  HD1  . TRP A 1 66 ? 2.704   2.459   4.225   1.00 16.37 ? 178 TRP A HD1  1 
ATOM   840  H  HE1  . TRP A 1 66 ? 1.275   0.520   4.422   1.00 17.63 ? 178 TRP A HE1  1 
ATOM   841  H  HE3  . TRP A 1 66 ? -1.304  4.191   2.002   1.00 15.39 ? 178 TRP A HE3  1 
ATOM   842  H  HZ2  . TRP A 1 66 ? -1.276  -0.215  3.612   1.00 15.55 ? 178 TRP A HZ2  1 
ATOM   843  H  HZ3  . TRP A 1 66 ? -3.169  2.845   1.805   1.00 15.57 ? 178 TRP A HZ3  1 
ATOM   844  H  HH2  . TRP A 1 66 ? -3.169  0.688   2.648   1.00 15.90 ? 178 TRP A HH2  1 
ATOM   845  N  N    . LYS A 1 67 ? 1.578   5.438   6.201   1.00 11.30 ? 179 LYS A N    1 
ATOM   846  C  CA   . LYS A 1 67 ? 2.314   5.498   7.468   1.00 15.10 ? 179 LYS A CA   1 
ATOM   847  C  C    . LYS A 1 67 ? 3.518   4.554   7.395   1.00 16.41 ? 179 LYS A C    1 
ATOM   848  O  O    . LYS A 1 67 ? 3.384   3.403   6.943   1.00 14.88 ? 179 LYS A O    1 
ATOM   849  C  CB   . LYS A 1 67 ? 1.402   5.140   8.642   1.00 16.37 ? 179 LYS A CB   1 
ATOM   850  C  CG   . LYS A 1 67 ? 0.310   6.189   8.890   1.00 13.95 ? 179 LYS A CG   1 
ATOM   851  C  CD   . LYS A 1 67 ? -0.709  5.716   9.916   1.00 26.25 ? 179 LYS A CD   1 
ATOM   852  C  CE   . LYS A 1 67 ? -1.952  6.601   9.931   1.00 18.23 ? 179 LYS A CE   1 
ATOM   853  N  NZ   . LYS A 1 67 ? -2.941  6.131   10.927  1.00 16.52 ? 179 LYS A NZ   1 
ATOM   854  H  H    . LYS A 1 67 ? 0.809   5.056   6.255   1.00 13.61 ? 179 LYS A H    1 
ATOM   855  H  HA   . LYS A 1 67 ? 2.638   6.399   7.622   1.00 18.17 ? 179 LYS A HA   1 
ATOM   856  H  HB2  . LYS A 1 67 ? 0.968   4.293   8.456   1.00 19.70 ? 179 LYS A HB2  1 
ATOM   857  H  HB3  . LYS A 1 67 ? 1.939   5.069   9.446   1.00 19.70 ? 179 LYS A HB3  1 
ATOM   858  H  HG2  . LYS A 1 67 ? 0.719   7.004   9.222   1.00 16.79 ? 179 LYS A HG2  1 
ATOM   859  H  HG3  . LYS A 1 67 ? -0.156  6.368   8.058   1.00 16.79 ? 179 LYS A HG3  1 
ATOM   860  H  HD2  . LYS A 1 67 ? -0.983  4.810   9.701   1.00 31.55 ? 179 LYS A HD2  1 
ATOM   861  H  HD3  . LYS A 1 67 ? -0.309  5.739   10.801  1.00 31.55 ? 179 LYS A HD3  1 
ATOM   862  H  HE2  . LYS A 1 67 ? -1.698  7.509   10.157  1.00 21.93 ? 179 LYS A HE2  1 
ATOM   863  H  HE3  . LYS A 1 67 ? -2.369  6.583   9.054   1.00 21.93 ? 179 LYS A HE3  1 
ATOM   864  H  HZ1  . LYS A 1 67 ? -3.759  6.150   10.577  1.00 19.88 ? 179 LYS A HZ1  1 
ATOM   865  H  HZ2  . LYS A 1 67 ? -2.922  6.656   11.646  1.00 19.88 ? 179 LYS A HZ2  1 
ATOM   866  H  HZ3  . LYS A 1 67 ? -2.752  5.297   11.174  1.00 19.88 ? 179 LYS A HZ3  1 
ATOM   867  N  N    . PRO A 1 68 ? 4.708   5.002   7.804   1.00 14.47 ? 180 PRO A N    1 
ATOM   868  C  CA   . PRO A 1 68 ? 5.902   4.157   7.644   1.00 14.89 ? 180 PRO A CA   1 
ATOM   869  C  C    . PRO A 1 68 ? 5.807   2.782   8.277   1.00 15.83 ? 180 PRO A C    1 
ATOM   870  O  O    . PRO A 1 68 ? 6.417   1.845   7.751   1.00 16.18 ? 180 PRO A O    1 
ATOM   871  C  CB   . PRO A 1 68 ? 7.027   4.994   8.274   1.00 18.97 ? 180 PRO A CB   1 
ATOM   872  C  CG   . PRO A 1 68 ? 6.542   6.389   8.192   1.00 18.07 ? 180 PRO A CG   1 
ATOM   873  C  CD   . PRO A 1 68 ? 5.046   6.360   8.279   1.00 18.30 ? 180 PRO A CD   1 
ATOM   874  H  HA   . PRO A 1 68 ? 6.072   4.045   6.696   1.00 17.91 ? 180 PRO A HA   1 
ATOM   875  H  HB2  . PRO A 1 68 ? 7.163   4.726   9.196   1.00 22.81 ? 180 PRO A HB2  1 
ATOM   876  H  HB3  . PRO A 1 68 ? 7.848   4.879   7.771   1.00 22.81 ? 180 PRO A HB3  1 
ATOM   877  H  HG2  . PRO A 1 68 ? 6.912   6.900   8.930   1.00 21.74 ? 180 PRO A HG2  1 
ATOM   878  H  HG3  . PRO A 1 68 ? 6.823   6.776   7.347   1.00 21.74 ? 180 PRO A HG3  1 
ATOM   879  H  HD2  . PRO A 1 68 ? 4.751   6.491   9.193   1.00 22.01 ? 180 PRO A HD2  1 
ATOM   880  H  HD3  . PRO A 1 68 ? 4.654   7.036   7.703   1.00 22.01 ? 180 PRO A HD3  1 
ATOM   881  N  N    . ASP A 1 69 ? 5.098   2.622   9.390   1.00 17.37 ? 181 ASP A N    1 
ATOM   882  C  CA   . ASP A 1 69 ? 4.996   1.300   9.984   1.00 19.57 ? 181 ASP A CA   1 
ATOM   883  C  C    . ASP A 1 69 ? 4.209   0.337   9.100   1.00 19.47 ? 181 ASP A C    1 
ATOM   884  O  O    . ASP A 1 69 ? 4.243   -0.871  9.351   1.00 23.16 ? 181 ASP A O    1 
ATOM   885  C  CB   . ASP A 1 69 ? 4.392   1.365   11.392  1.00 25.05 ? 181 ASP A CB   1 
ATOM   886  C  CG   . ASP A 1 69 ? 3.008   1.992   11.421  1.00 31.32 ? 181 ASP A CG   1 
ATOM   887  O  OD1  . ASP A 1 69 ? 2.937   3.241   11.423  1.00 31.96 ? 181 ASP A OD1  1 
ATOM   888  O  OD2  . ASP A 1 69 ? 2.001   1.240   11.480  1.00 37.25 ? 181 ASP A OD2  1 
ATOM   889  H  H    . ASP A 1 69 ? 4.678   3.246   9.807   1.00 20.89 ? 181 ASP A H    1 
ATOM   890  H  HA   . ASP A 1 69 ? 5.890   0.943   10.099  1.00 23.53 ? 181 ASP A HA   1 
ATOM   891  H  HB2  . ASP A 1 69 ? 4.319   0.464   11.744  1.00 30.11 ? 181 ASP A HB2  1 
ATOM   892  H  HB3  . ASP A 1 69 ? 4.973   1.897   11.958  1.00 30.11 ? 181 ASP A HB3  1 
ATOM   893  N  N    . GLY A 1 70 ? 3.488   0.849   8.100   1.00 17.07 ? 182 GLY A N    1 
ATOM   894  C  CA   . GLY A 1 70 ? 2.797   0.057   7.106   1.00 15.62 ? 182 GLY A CA   1 
ATOM   895  C  C    . GLY A 1 70 ? 3.562   -0.216  5.837   1.00 16.12 ? 182 GLY A C    1 
ATOM   896  O  O    . GLY A 1 70 ? 2.992   -0.811  4.912   1.00 15.38 ? 182 GLY A O    1 
ATOM   897  H  H    . GLY A 1 70 ? 3.385   1.694   7.982   1.00 20.53 ? 182 GLY A H    1 
ATOM   898  H  HA2  . GLY A 1 70 ? 2.569   -0.800  7.498   1.00 18.79 ? 182 GLY A HA2  1 
ATOM   899  H  HA3  . GLY A 1 70 ? 1.979   0.519   6.859   1.00 18.79 ? 182 GLY A HA3  1 
ATOM   900  N  N    . PHE A 1 71 ? 4.835   0.174   5.769   1.00 15.17 ? 183 PHE A N    1 
ATOM   901  C  CA   . PHE A 1 71 ? 5.669   -0.143  4.622   1.00 14.96 ? 183 PHE A CA   1 
ATOM   902  C  C    . PHE A 1 71 ? 6.038   -1.618  4.649   1.00 17.70 ? 183 PHE A C    1 
ATOM   903  O  O    . PHE A 1 71 ? 6.156   -2.241  5.705   1.00 16.36 ? 183 PHE A O    1 
ATOM   904  C  CB   . PHE A 1 71 ? 6.977   0.649   4.678   1.00 16.32 ? 183 PHE A CB   1 
ATOM   905  C  CG   . PHE A 1 71 ? 6.837   2.135   4.457   1.00 15.30 ? 183 PHE A CG   1 
ATOM   906  C  CD1  . PHE A 1 71 ? 7.945   2.951   4.603   1.00 18.76 ? 183 PHE A CD1  1 
ATOM   907  C  CD2  . PHE A 1 71 ? 5.621   2.715   4.113   1.00 17.62 ? 183 PHE A CD2  1 
ATOM   908  C  CE1  . PHE A 1 71 ? 7.863   4.321   4.406   1.00 18.07 ? 183 PHE A CE1  1 
ATOM   909  C  CE2  . PHE A 1 71 ? 5.534   4.088   3.902   1.00 17.02 ? 183 PHE A CE2  1 
ATOM   910  C  CZ   . PHE A 1 71 ? 6.653   4.890   4.046   1.00 17.78 ? 183 PHE A CZ   1 
ATOM   911  H  H    . PHE A 1 71 ? 5.239   0.626   6.379   1.00 18.25 ? 183 PHE A H    1 
ATOM   912  H  HA   . PHE A 1 71 ? 5.188   0.076   3.809   1.00 18.00 ? 183 PHE A HA   1 
ATOM   913  H  HB2  . PHE A 1 71 ? 7.374   0.523   5.555   1.00 19.63 ? 183 PHE A HB2  1 
ATOM   914  H  HB3  . PHE A 1 71 ? 7.573   0.308   3.993   1.00 19.63 ? 183 PHE A HB3  1 
ATOM   915  H  HD1  . PHE A 1 71 ? 8.762   2.572   4.838   1.00 22.56 ? 183 PHE A HD1  1 
ATOM   916  H  HD2  . PHE A 1 71 ? 4.864   2.183   4.025   1.00 21.20 ? 183 PHE A HD2  1 
ATOM   917  H  HE1  . PHE A 1 71 ? 8.617   4.856   4.516   1.00 21.73 ? 183 PHE A HE1  1 
ATOM   918  H  HE2  . PHE A 1 71 ? 4.720   4.469   3.661   1.00 20.47 ? 183 PHE A HE2  1 
ATOM   919  H  HZ   . PHE A 1 71 ? 6.593   5.806   3.902   1.00 21.38 ? 183 PHE A HZ   1 
ATOM   920  N  N    . CYS A 1 72 ? 6.235   -2.174  3.467   1.00 16.01 ? 184 CYS A N    1 
ATOM   921  C  CA   . CYS A 1 72 ? 6.721   -3.541  3.349   1.00 15.71 ? 184 CYS A CA   1 
ATOM   922  C  C    . CYS A 1 72 ? 8.237   -3.582  3.491   1.00 17.26 ? 184 CYS A C    1 
ATOM   923  O  O    . CYS A 1 72 ? 8.923   -2.555  3.525   1.00 16.20 ? 184 CYS A O    1 
ATOM   924  C  CB   . CYS A 1 72 ? 6.291   -4.163  2.019   1.00 16.30 ? 184 CYS A CB   1 
ATOM   925  S  SG   . CYS A 1 72 ? 7.325   -3.715  0.583   1.00 16.25 ? 184 CYS A SG   1 
ATOM   926  H  H    . CYS A 1 72 ? 6.097   -1.782  2.714   1.00 19.27 ? 184 CYS A H    1 
ATOM   927  H  HA   . CYS A 1 72 ? 6.333   -4.073  4.062   1.00 18.90 ? 184 CYS A HA   1 
ATOM   928  H  HB2  . CYS A 1 72 ? 6.322   -5.128  2.109   1.00 19.60 ? 184 CYS A HB2  1 
ATOM   929  H  HB3  . CYS A 1 72 ? 5.386   -3.876  1.825   1.00 19.60 ? 184 CYS A HB3  1 
ATOM   930  N  N    . SER A 1 73 ? 8.765   -4.802  3.527   1.00 17.62 ? 185 SER A N    1 
ATOM   931  C  CA   . SER A 1 73 ? 10.194  -5.005  3.762   1.00 21.66 ? 185 SER A CA   1 
ATOM   932  C  C    . SER A 1 73 ? 11.073  -4.498  2.629   1.00 20.52 ? 185 SER A C    1 
ATOM   933  O  O    . SER A 1 73 ? 12.277  -4.313  2.837   1.00 22.70 ? 185 SER A O    1 
ATOM   934  C  CB   . SER A 1 73 ? 10.495  -6.485  3.987   1.00 22.41 ? 185 SER A CB   1 
ATOM   935  O  OG   . SER A 1 73 ? 10.037  -7.277  2.899   1.00 23.01 ? 185 SER A OG   1 
ATOM   936  H  H    . SER A 1 73 ? 8.321   -5.530  3.420   1.00 21.19 ? 185 SER A H    1 
ATOM   937  H  HA   . SER A 1 73 ? 10.422  -4.511  4.564   1.00 26.04 ? 185 SER A HA   1 
ATOM   938  H  HB2  . SER A 1 73 ? 11.453  -6.600  4.077   1.00 26.95 ? 185 SER A HB2  1 
ATOM   939  H  HB3  . SER A 1 73 ? 10.048  -6.777  4.797   1.00 26.95 ? 185 SER A HB3  1 
ATOM   940  H  HG   . SER A 1 73 ? 10.141  -8.092  3.074   1.00 27.66 ? 185 SER A HG   1 
ATOM   941  N  N    . ASN A 1 74 ? 10.523  -4.259  1.450   1.00 17.91 ? 186 ASN A N    1 
ATOM   942  C  CA   . ASN A 1 74 ? 11.331  -3.814  0.329   1.00 19.08 ? 186 ASN A CA   1 
ATOM   943  C  C    . ASN A 1 74 ? 11.337  -2.306  0.132   1.00 19.24 ? 186 ASN A C    1 
ATOM   944  O  O    . ASN A 1 74 ? 12.118  -1.815  -0.696  1.00 19.23 ? 186 ASN A O    1 
ATOM   945  C  CB   . ASN A 1 74 ? 10.856  -4.495  -0.961  1.00 20.49 ? 186 ASN A CB   1 
ATOM   946  C  CG   . ASN A 1 74 ? 10.995  -5.998  -0.905  1.00 25.98 ? 186 ASN A CG   1 
ATOM   947  O  OD1  . ASN A 1 74 ? 12.027  -6.525  -0.491  1.00 24.85 ? 186 ASN A OD1  1 
ATOM   948  N  ND2  . ASN A 1 74 ? 9.955   -6.696  -1.310  1.00 24.58 ? 186 ASN A ND2  1 
ATOM   949  H  H    . ASN A 1 74 ? 9.685   -4.347  1.274   1.00 21.54 ? 186 ASN A H    1 
ATOM   950  H  HA   . ASN A 1 74 ? 12.248  -4.081  0.493   1.00 22.95 ? 186 ASN A HA   1 
ATOM   951  H  HB2  . ASN A 1 74 ? 9.920   -4.285  -1.104  1.00 24.63 ? 186 ASN A HB2  1 
ATOM   952  H  HB3  . ASN A 1 74 ? 11.387  -4.171  -1.704  1.00 24.63 ? 186 ASN A HB3  1 
ATOM   953  H  HD21 . ASN A 1 74 ? 9.983   -7.555  -1.299  1.00 29.55 ? 186 ASN A HD21 1 
ATOM   954  H  HD22 . ASN A 1 74 ? 9.248   -6.292  -1.587  1.00 29.55 ? 186 ASN A HD22 1 
ATOM   955  N  N    . HIS A 1 75 ? 10.527  -1.555  0.881   1.00 18.74 ? 187 HIS A N    1 
ATOM   956  C  CA   . HIS A 1 75 ? 10.390  -0.116  0.655   1.00 19.09 ? 187 HIS A CA   1 
ATOM   957  C  C    . HIS A 1 75 ? 10.619  0.690   1.917   1.00 21.43 ? 187 HIS A C    1 
ATOM   958  O  O    . HIS A 1 75 ? 9.987   1.730   2.129   1.00 21.48 ? 187 HIS A O    1 
ATOM   959  C  CB   . HIS A 1 75 ? 9.039   0.210   0.018   1.00 17.30 ? 187 HIS A CB   1 
ATOM   960  C  CG   . HIS A 1 75 ? 8.884   -0.411  -1.326  1.00 19.11 ? 187 HIS A CG   1 
ATOM   961  N  ND1  . HIS A 1 75 ? 7.939   -1.371  -1.592  1.00 16.35 ? 187 HIS A ND1  1 
ATOM   962  C  CD2  . HIS A 1 75 ? 9.606   -0.261  -2.460  1.00 21.27 ? 187 HIS A CD2  1 
ATOM   963  C  CE1  . HIS A 1 75 ? 8.076   -1.784  -2.842  1.00 19.17 ? 187 HIS A CE1  1 
ATOM   964  N  NE2  . HIS A 1 75 ? 9.078   -1.117  -3.393  1.00 20.84 ? 187 HIS A NE2  1 
ATOM   965  H  H    . HIS A 1 75 ? 10.048  -1.861  1.527   1.00 22.54 ? 187 HIS A H    1 
ATOM   966  H  HA   . HIS A 1 75 ? 11.088  0.152   0.038   1.00 22.96 ? 187 HIS A HA   1 
ATOM   967  H  HB2  . HIS A 1 75 ? 8.330   -0.125  0.589   1.00 20.81 ? 187 HIS A HB2  1 
ATOM   968  H  HB3  . HIS A 1 75 ? 8.960   1.171   -0.082  1.00 20.81 ? 187 HIS A HB3  1 
ATOM   969  H  HD2  . HIS A 1 75 ? 10.325  0.315   -2.584  1.00 25.57 ? 187 HIS A HD2  1 
ATOM   970  H  HE1  . HIS A 1 75 ? 7.557   -2.432  -3.262  1.00 23.06 ? 187 HIS A HE1  1 
ATOM   971  H  HE2  . HIS A 1 75 ? 9.353   -1.206  -4.203  1.00 25.05 ? 187 HIS A HE2  1 
ATOM   972  N  N    . LYS A 1 76 ? 11.541  0.249   2.764   1.00 20.38 ? 188 LYS A N    1 
ATOM   973  C  CA   . LYS A 1 76 ? 11.917  1.092   3.889   1.00 25.60 ? 188 LYS A CA   1 
ATOM   974  C  C    . LYS A 1 76 ? 13.414  1.382   3.950   1.00 28.81 ? 188 LYS A C    1 
ATOM   975  O  O    . LYS A 1 76 ? 13.837  2.313   4.640   1.00 36.93 ? 188 LYS A O    1 
ATOM   976  C  CB   . LYS A 1 76 ? 11.442  0.558   5.235   1.00 29.94 ? 188 LYS A CB   1 
ATOM   977  C  CG   . LYS A 1 76 ? 11.042  -0.873  5.349   1.00 27.99 ? 188 LYS A CG   1 
ATOM   978  C  CD   . LYS A 1 76 ? 10.390  -1.091  6.700   1.00 28.26 ? 188 LYS A CD   1 
ATOM   979  C  CE   . LYS A 1 76 ? 9.799   -2.446  6.851   1.00 31.12 ? 188 LYS A CE   1 
ATOM   980  N  NZ   . LYS A 1 76 ? 9.199   -2.666  8.167   1.00 28.42 ? 188 LYS A NZ   1 
ATOM   981  H  H    . LYS A 1 76 ? 11.948  -0.506  2.711   1.00 24.51 ? 188 LYS A H    1 
ATOM   982  H  HA   . LYS A 1 76 ? 11.455  1.932   3.739   1.00 30.77 ? 188 LYS A HA   1 
ATOM   983  H  HB2  . LYS A 1 76 ? 12.163  0.690   5.870   1.00 35.97 ? 188 LYS A HB2  1 
ATOM   984  H  HB3  . LYS A 1 76 ? 10.669  1.080   5.498   1.00 35.97 ? 188 LYS A HB3  1 
ATOM   985  H  HG2  . LYS A 1 76 ? 10.405  -1.096  4.651   1.00 33.64 ? 188 LYS A HG2  1 
ATOM   986  H  HG3  . LYS A 1 76 ? 11.823  -1.443  5.279   1.00 33.64 ? 188 LYS A HG3  1 
ATOM   987  H  HD2  . LYS A 1 76 ? 11.058  -0.978  7.394   1.00 33.96 ? 188 LYS A HD2  1 
ATOM   988  H  HD3  . LYS A 1 76 ? 9.679   -0.440  6.815   1.00 33.96 ? 188 LYS A HD3  1 
ATOM   989  H  HE2  . LYS A 1 76 ? 9.104   -2.564  6.183   1.00 37.40 ? 188 LYS A HE2  1 
ATOM   990  H  HE3  . LYS A 1 76 ? 10.495  -3.110  6.726   1.00 37.40 ? 188 LYS A HE3  1 
ATOM   991  H  HZ1  . LYS A 1 76 ? 9.814   -2.566  8.802   1.00 34.15 ? 188 LYS A HZ1  1 
ATOM   992  H  HZ2  . LYS A 1 76 ? 8.864   -3.488  8.216   1.00 34.15 ? 188 LYS A HZ2  1 
ATOM   993  H  HZ3  . LYS A 1 76 ? 8.545   -2.079  8.305   1.00 34.15 ? 188 LYS A HZ3  1 
HETATM 994  ZN ZN   . ZN  B 2 .  ? 6.315   -1.983  -0.560  1.00 15.20 ? 201 ZN  A ZN   1 
HETATM 995  ZN ZN   . ZN  C 2 .  ? 3.598   -1.739  -3.970  1.00 14.48 ? 202 ZN  A ZN   1 
HETATM 996  ZN ZN   . ZN  D 2 .  ? -2.087  -1.505  7.713   1.00 15.41 ? 203 ZN  A ZN   1 
HETATM 997  O  O    . HOH E 3 .  ? 4.281   4.956   11.039  1.00 25.16 ? 301 HOH A O    1 
HETATM 998  O  O    . HOH E 3 .  ? -12.789 -5.239  5.255   1.00 22.65 ? 302 HOH A O    1 
HETATM 999  O  O    . HOH E 3 .  ? -7.109  -10.396 2.396   1.00 21.37 ? 303 HOH A O    1 
HETATM 1000 O  O    . HOH E 3 .  ? -11.585 1.492   10.685  1.00 27.57 ? 304 HOH A O    1 
HETATM 1001 O  O    . HOH E 3 .  ? 2.360   7.838   -3.637  1.00 19.05 ? 305 HOH A O    1 
HETATM 1002 O  O    . HOH E 3 .  ? -4.950  5.877   8.756   1.00 17.62 ? 306 HOH A O    1 
HETATM 1003 O  O    . HOH E 3 .  ? -13.796 -3.921  -0.464  1.00 22.05 ? 307 HOH A O    1 
HETATM 1004 O  O    . HOH E 3 .  ? -5.749  2.530   2.172   1.00 14.54 ? 308 HOH A O    1 
HETATM 1005 O  O    . HOH E 3 .  ? 4.637   -3.273  7.745   1.00 22.49 ? 309 HOH A O    1 
HETATM 1006 O  O    . HOH E 3 .  ? -6.607  -7.720  -13.035 1.00 21.12 ? 310 HOH A O    1 
HETATM 1007 O  O    . HOH E 3 .  ? -2.161  -4.800  -6.464  1.00 14.60 ? 311 HOH A O    1 
HETATM 1008 O  O    . HOH E 3 .  ? 2.928   -3.379  3.807   1.00 15.46 ? 312 HOH A O    1 
HETATM 1009 O  O    . HOH E 3 .  ? -8.359  3.414   -0.419  1.00 20.48 ? 313 HOH A O    1 
HETATM 1010 O  O    . HOH E 3 .  ? 7.247   -6.048  -1.779  1.00 21.39 ? 314 HOH A O    1 
HETATM 1011 O  O    . HOH E 3 .  ? -3.116  -11.257 0.708   1.00 14.38 ? 315 HOH A O    1 
HETATM 1012 O  O    . HOH E 3 .  ? 1.364   -11.221 -4.341  1.00 19.56 ? 316 HOH A O    1 
HETATM 1013 O  O    . HOH E 3 .  ? -7.884  8.269   6.178   1.00 21.02 ? 317 HOH A O    1 
HETATM 1014 O  O    . HOH E 3 .  ? -13.715 -2.366  -4.443  1.00 23.64 ? 318 HOH A O    1 
HETATM 1015 O  O    . HOH E 3 .  ? 0.146   -9.456  4.883   1.00 25.63 ? 319 HOH A O    1 
HETATM 1016 O  O    . HOH E 3 .  ? -10.779 2.721   -1.604  1.00 25.96 ? 320 HOH A O    1 
# 
loop_
_pdbx_poly_seq_scheme.asym_id 
_pdbx_poly_seq_scheme.entity_id 
_pdbx_poly_seq_scheme.seq_id 
_pdbx_poly_seq_scheme.mon_id 
_pdbx_poly_seq_scheme.ndb_seq_num 
_pdbx_poly_seq_scheme.pdb_seq_num 
_pdbx_poly_seq_scheme.auth_seq_num 
_pdbx_poly_seq_scheme.pdb_mon_id 
_pdbx_poly_seq_scheme.auth_mon_id 
_pdbx_poly_seq_scheme.pdb_strand_id 
_pdbx_poly_seq_scheme.pdb_ins_code 
_pdbx_poly_seq_scheme.hetero 
A 1 1  ARG 1  113 114 ARG ARG A . n 
A 1 2  LEU 2  114 115 LEU LEU A . n 
A 1 3  GLY 3  115 116 GLY GLY A . n 
A 1 4  SER 4  116 ?   ?   ?   A . n 
A 1 5  GLY 5  117 ?   ?   ?   A . n 
A 1 6  GLY 6  118 ?   ?   ?   A . n 
A 1 7  GLY 7  119 119 GLY GLY A . n 
A 1 8  VAL 8  120 120 VAL VAL A . n 
A 1 9  CYS 9  121 121 CYS CYS A . n 
A 1 10 GLY 10 122 122 GLY GLY A . n 
A 1 11 SER 11 123 123 SER SER A . n 
A 1 12 VAL 12 124 124 VAL VAL A . n 
A 1 13 TRP 13 125 125 TRP TRP A . n 
A 1 14 GLY 14 126 126 GLY GLY A . n 
A 1 15 GLN 15 127 127 GLN GLN A . n 
A 1 16 ASN 16 128 128 ASN ASN A . n 
A 1 17 ASP 17 129 129 ASP ASP A . n 
A 1 18 ILE 18 130 130 ILE ILE A . n 
A 1 19 ALA 19 131 131 ALA ALA A . n 
A 1 20 TYR 20 132 132 TYR TYR A . n 
A 1 21 ARG 21 133 133 ARG ARG A . n 
A 1 22 CYS 22 134 134 CYS CYS A . n 
A 1 23 ARG 23 135 135 ARG ARG A . n 
A 1 24 THR 24 136 136 THR THR A . n 
A 1 25 CYS 25 137 137 CYS CYS A . n 
A 1 26 GLU 26 138 138 GLU GLU A . n 
A 1 27 ASN 27 139 139 ASN ASN A . n 
A 1 28 ASP 28 140 140 ASP ASP A . n 
A 1 29 PRO 29 141 141 PRO PRO A . n 
A 1 30 THR 30 142 142 THR THR A . n 
A 1 31 CYS 31 143 143 CYS CYS A . n 
A 1 32 ALA 32 144 144 ALA ALA A . n 
A 1 33 ILE 33 145 145 ILE ILE A . n 
A 1 34 CYS 34 146 146 CYS CYS A . n 
A 1 35 VAL 35 147 147 VAL VAL A . n 
A 1 36 PRO 36 148 148 PRO PRO A . n 
A 1 37 CYS 37 149 149 CYS CYS A . n 
A 1 38 PHE 38 150 150 PHE PHE A . n 
A 1 39 GLN 39 151 151 GLN GLN A . n 
A 1 40 ASN 40 152 152 ASN ASN A . n 
A 1 41 GLY 41 153 153 GLY GLY A . n 
A 1 42 ASP 42 154 154 ASP ASP A . n 
A 1 43 HIS 43 155 155 HIS HIS A . n 
A 1 44 ASN 44 156 156 ASN ASN A . n 
A 1 45 SER 45 157 157 SER SER A . n 
A 1 46 HIS 46 158 158 HIS HIS A . n 
A 1 47 ASP 47 159 159 ASP ASP A . n 
A 1 48 TYR 48 160 160 TYR TYR A . n 
A 1 49 SER 49 161 161 SER SER A . n 
A 1 50 ILE 50 162 162 ILE ILE A . n 
A 1 51 ILE 51 163 163 ILE ILE A . n 
A 1 52 TYR 52 164 164 TYR TYR A . n 
A 1 53 THR 53 165 165 THR THR A . n 
A 1 54 GLY 54 166 166 GLY GLY A . n 
A 1 55 GLY 55 167 167 GLY GLY A . n 
A 1 56 GLY 56 168 168 GLY GLY A . n 
A 1 57 CYS 57 169 169 CYS CYS A . n 
A 1 58 CYS 58 170 170 CYS CYS A . n 
A 1 59 ASP 59 171 171 ASP ASP A . n 
A 1 60 CYS 60 172 172 CYS CYS A . n 
A 1 61 GLY 61 173 173 GLY GLY A . n 
A 1 62 ASP 62 174 174 ASP ASP A . n 
A 1 63 GLU 63 175 175 GLU GLU A . n 
A 1 64 THR 64 176 176 THR THR A . n 
A 1 65 ALA 65 177 177 ALA ALA A . n 
A 1 66 TRP 66 178 178 TRP TRP A . n 
A 1 67 LYS 67 179 179 LYS LYS A . n 
A 1 68 PRO 68 180 180 PRO PRO A . n 
A 1 69 ASP 69 181 181 ASP ASP A . n 
A 1 70 GLY 70 182 182 GLY GLY A . n 
A 1 71 PHE 71 183 183 PHE PHE A . n 
A 1 72 CYS 72 184 184 CYS CYS A . n 
A 1 73 SER 73 185 185 SER SER A . n 
A 1 74 ASN 74 186 186 ASN ASN A . n 
A 1 75 HIS 75 187 187 HIS HIS A . n 
A 1 76 LYS 76 188 188 LYS LYS A . n 
# 
_pdbx_contact_author.id                 2 
_pdbx_contact_author.email              hksong@korea.ac.kr 
_pdbx_contact_author.name_first         'Hyun Kyu' 
_pdbx_contact_author.name_last          Song 
_pdbx_contact_author.name_mi            ? 
_pdbx_contact_author.role               'principal investigator/group leader' 
_pdbx_contact_author.identifier_ORCID   0000-0001-5684-4059 
# 
loop_
_pdbx_nonpoly_scheme.asym_id 
_pdbx_nonpoly_scheme.entity_id 
_pdbx_nonpoly_scheme.mon_id 
_pdbx_nonpoly_scheme.ndb_seq_num 
_pdbx_nonpoly_scheme.pdb_seq_num 
_pdbx_nonpoly_scheme.auth_seq_num 
_pdbx_nonpoly_scheme.pdb_mon_id 
_pdbx_nonpoly_scheme.auth_mon_id 
_pdbx_nonpoly_scheme.pdb_strand_id 
_pdbx_nonpoly_scheme.pdb_ins_code 
B 2 ZN  1  201 201 ZN  ZN  A . 
C 2 ZN  1  202 301 ZN  ZN  A . 
D 2 ZN  1  203 401 ZN  ZN  A . 
E 3 HOH 1  301 26  HOH HOH A . 
E 3 HOH 2  302 32  HOH HOH A . 
E 3 HOH 3  303 14  HOH HOH A . 
E 3 HOH 4  304 33  HOH HOH A . 
E 3 HOH 5  305 9   HOH HOH A . 
E 3 HOH 6  306 11  HOH HOH A . 
E 3 HOH 7  307 39  HOH HOH A . 
E 3 HOH 8  308 2   HOH HOH A . 
E 3 HOH 9  309 25  HOH HOH A . 
E 3 HOH 10 310 6   HOH HOH A . 
E 3 HOH 11 311 7   HOH HOH A . 
E 3 HOH 12 312 4   HOH HOH A . 
E 3 HOH 13 313 13  HOH HOH A . 
E 3 HOH 14 314 16  HOH HOH A . 
E 3 HOH 15 315 3   HOH HOH A . 
E 3 HOH 16 316 15  HOH HOH A . 
E 3 HOH 17 317 21  HOH HOH A . 
E 3 HOH 18 318 24  HOH HOH A . 
E 3 HOH 19 319 28  HOH HOH A . 
E 3 HOH 20 320 19  HOH HOH A . 
# 
_pdbx_struct_assembly.id                   1 
_pdbx_struct_assembly.details              author_defined_assembly 
_pdbx_struct_assembly.method_details       ? 
_pdbx_struct_assembly.oligomeric_details   dimeric 
_pdbx_struct_assembly.oligomeric_count     2 
# 
_pdbx_struct_assembly_gen.assembly_id       1 
_pdbx_struct_assembly_gen.oper_expression   1,2 
_pdbx_struct_assembly_gen.asym_id_list      A,B,C,D,E 
# 
loop_
_pdbx_struct_oper_list.id 
_pdbx_struct_oper_list.type 
_pdbx_struct_oper_list.name 
_pdbx_struct_oper_list.symmetry_operation 
_pdbx_struct_oper_list.matrix[1][1] 
_pdbx_struct_oper_list.matrix[1][2] 
_pdbx_struct_oper_list.matrix[1][3] 
_pdbx_struct_oper_list.vector[1] 
_pdbx_struct_oper_list.matrix[2][1] 
_pdbx_struct_oper_list.matrix[2][2] 
_pdbx_struct_oper_list.matrix[2][3] 
_pdbx_struct_oper_list.vector[2] 
_pdbx_struct_oper_list.matrix[3][1] 
_pdbx_struct_oper_list.matrix[3][2] 
_pdbx_struct_oper_list.matrix[3][3] 
_pdbx_struct_oper_list.vector[3] 
1 'identity operation'         1_555 x,y,z     1.0000000000 0.0000000000 0.0000000000  0.0000000000  0.0000000000 1.0000000000  0.0000000000  0.0000000000   0.0000000000  0.0000000000  1.0000000000  0.0000000000   
2 'crystal symmetry operation' 2_545 -x,-y-1,z 0.8263155257 0.2793054706 -0.4890716778 -0.5433048573 0.2793054706 -0.9572847381 -0.0747956162 -17.6257046184 -0.4890716778 -0.0747956162 -0.8690307876 -12.0947543845 
# 
loop_
_pdbx_struct_conn_angle.id 
_pdbx_struct_conn_angle.ptnr1_label_atom_id 
_pdbx_struct_conn_angle.ptnr1_label_alt_id 
_pdbx_struct_conn_angle.ptnr1_label_asym_id 
_pdbx_struct_conn_angle.ptnr1_label_comp_id 
_pdbx_struct_conn_angle.ptnr1_label_seq_id 
_pdbx_struct_conn_angle.ptnr1_auth_atom_id 
_pdbx_struct_conn_angle.ptnr1_auth_asym_id 
_pdbx_struct_conn_angle.ptnr1_auth_comp_id 
_pdbx_struct_conn_angle.ptnr1_auth_seq_id 
_pdbx_struct_conn_angle.ptnr1_PDB_ins_code 
_pdbx_struct_conn_angle.ptnr1_symmetry 
_pdbx_struct_conn_angle.ptnr2_label_atom_id 
_pdbx_struct_conn_angle.ptnr2_label_alt_id 
_pdbx_struct_conn_angle.ptnr2_label_asym_id 
_pdbx_struct_conn_angle.ptnr2_label_comp_id 
_pdbx_struct_conn_angle.ptnr2_label_seq_id 
_pdbx_struct_conn_angle.ptnr2_auth_atom_id 
_pdbx_struct_conn_angle.ptnr2_auth_asym_id 
_pdbx_struct_conn_angle.ptnr2_auth_comp_id 
_pdbx_struct_conn_angle.ptnr2_auth_seq_id 
_pdbx_struct_conn_angle.ptnr2_PDB_ins_code 
_pdbx_struct_conn_angle.ptnr2_symmetry 
_pdbx_struct_conn_angle.ptnr3_label_atom_id 
_pdbx_struct_conn_angle.ptnr3_label_alt_id 
_pdbx_struct_conn_angle.ptnr3_label_asym_id 
_pdbx_struct_conn_angle.ptnr3_label_comp_id 
_pdbx_struct_conn_angle.ptnr3_label_seq_id 
_pdbx_struct_conn_angle.ptnr3_auth_atom_id 
_pdbx_struct_conn_angle.ptnr3_auth_asym_id 
_pdbx_struct_conn_angle.ptnr3_auth_comp_id 
_pdbx_struct_conn_angle.ptnr3_auth_seq_id 
_pdbx_struct_conn_angle.ptnr3_PDB_ins_code 
_pdbx_struct_conn_angle.ptnr3_symmetry 
_pdbx_struct_conn_angle.value 
_pdbx_struct_conn_angle.value_esd 
1  SG  ? A CYS 9  ? A CYS 121 ? 1_555 ZN ? C ZN . ? A ZN 202 ? 1_555 SG  ? A CYS 34 ? A CYS 146 ? 1_555 118.5 ? 
2  SG  ? A CYS 9  ? A CYS 121 ? 1_555 ZN ? C ZN . ? A ZN 202 ? 1_555 SG  ? A CYS 37 ? A CYS 149 ? 1_555 104.7 ? 
3  SG  ? A CYS 34 ? A CYS 146 ? 1_555 ZN ? C ZN . ? A ZN 202 ? 1_555 SG  ? A CYS 37 ? A CYS 149 ? 1_555 95.9  ? 
4  SG  ? A CYS 9  ? A CYS 121 ? 1_555 ZN ? C ZN . ? A ZN 202 ? 1_555 SG  ? A CYS 58 ? A CYS 170 ? 1_555 108.1 ? 
5  SG  ? A CYS 34 ? A CYS 146 ? 1_555 ZN ? C ZN . ? A ZN 202 ? 1_555 SG  ? A CYS 58 ? A CYS 170 ? 1_555 114.1 ? 
6  SG  ? A CYS 37 ? A CYS 149 ? 1_555 ZN ? C ZN . ? A ZN 202 ? 1_555 SG  ? A CYS 58 ? A CYS 170 ? 1_555 114.9 ? 
7  SG  ? A CYS 22 ? A CYS 134 ? 1_555 ZN ? D ZN . ? A ZN 203 ? 1_555 SG  ? A CYS 25 ? A CYS 137 ? 1_555 119.8 ? 
8  SG  ? A CYS 22 ? A CYS 134 ? 1_555 ZN ? D ZN . ? A ZN 203 ? 1_555 ND1 ? A HIS 43 ? A HIS 155 ? 1_555 117.3 ? 
9  SG  ? A CYS 25 ? A CYS 137 ? 1_555 ZN ? D ZN . ? A ZN 203 ? 1_555 ND1 ? A HIS 43 ? A HIS 155 ? 1_555 104.1 ? 
10 SG  ? A CYS 22 ? A CYS 134 ? 1_555 ZN ? D ZN . ? A ZN 203 ? 1_555 ND1 ? A HIS 46 ? A HIS 158 ? 1_555 107.9 ? 
11 SG  ? A CYS 25 ? A CYS 137 ? 1_555 ZN ? D ZN . ? A ZN 203 ? 1_555 ND1 ? A HIS 46 ? A HIS 158 ? 1_555 102.1 ? 
12 ND1 ? A HIS 43 ? A HIS 155 ? 1_555 ZN ? D ZN . ? A ZN 203 ? 1_555 ND1 ? A HIS 46 ? A HIS 158 ? 1_555 103.4 ? 
13 SG  ? A CYS 37 ? A CYS 149 ? 1_555 ZN ? B ZN . ? A ZN 201 ? 1_555 SG  ? A CYS 60 ? A CYS 172 ? 1_555 108.7 ? 
14 SG  ? A CYS 37 ? A CYS 149 ? 1_555 ZN ? B ZN . ? A ZN 201 ? 1_555 SG  ? A CYS 72 ? A CYS 184 ? 1_555 112.3 ? 
15 SG  ? A CYS 60 ? A CYS 172 ? 1_555 ZN ? B ZN . ? A ZN 201 ? 1_555 SG  ? A CYS 72 ? A CYS 184 ? 1_555 114.2 ? 
16 SG  ? A CYS 37 ? A CYS 149 ? 1_555 ZN ? B ZN . ? A ZN 201 ? 1_555 ND1 ? A HIS 75 ? A HIS 187 ? 1_555 106.1 ? 
17 SG  ? A CYS 60 ? A CYS 172 ? 1_555 ZN ? B ZN . ? A ZN 201 ? 1_555 ND1 ? A HIS 75 ? A HIS 187 ? 1_555 117.7 ? 
18 SG  ? A CYS 72 ? A CYS 184 ? 1_555 ZN ? B ZN . ? A ZN 201 ? 1_555 ND1 ? A HIS 75 ? A HIS 187 ? 1_555 97.4  ? 
# 
loop_
_pdbx_audit_revision_history.ordinal 
_pdbx_audit_revision_history.data_content_type 
_pdbx_audit_revision_history.major_revision 
_pdbx_audit_revision_history.minor_revision 
_pdbx_audit_revision_history.revision_date 
1 'Structure model' 1 0 2023-05-31 
2 'Structure model' 1 1 2023-11-29 
# 
_pdbx_audit_revision_details.ordinal             1 
_pdbx_audit_revision_details.revision_ordinal    1 
_pdbx_audit_revision_details.data_content_type   'Structure model' 
_pdbx_audit_revision_details.provider            repository 
_pdbx_audit_revision_details.type                'Initial release' 
_pdbx_audit_revision_details.description         ? 
_pdbx_audit_revision_details.details             ? 
# 
loop_
_pdbx_audit_revision_group.ordinal 
_pdbx_audit_revision_group.revision_ordinal 
_pdbx_audit_revision_group.data_content_type 
_pdbx_audit_revision_group.group 
1 2 'Structure model' 'Data collection'        
2 2 'Structure model' 'Refinement description' 
# 
loop_
_pdbx_audit_revision_category.ordinal 
_pdbx_audit_revision_category.revision_ordinal 
_pdbx_audit_revision_category.data_content_type 
_pdbx_audit_revision_category.category 
1 2 'Structure model' chem_comp_atom                
2 2 'Structure model' chem_comp_bond                
3 2 'Structure model' pdbx_initial_refinement_model 
# 
loop_
_software.citation_id 
_software.classification 
_software.compiler_name 
_software.compiler_version 
_software.contact_author 
_software.contact_author_email 
_software.date 
_software.description 
_software.dependencies 
_software.hardware 
_software.language 
_software.location 
_software.mods 
_software.name 
_software.os 
_software.os_version 
_software.type 
_software.version 
_software.pdbx_ordinal 
? refinement       ? ? ? ? ? ? ? ? ? ? ? PHENIX   ? ? ? '(1.14_3260: ???)' 1 
? 'data reduction' ? ? ? ? ? ? ? ? ? ? ? HKL-2000 ? ? ? .                  2 
? 'data scaling'   ? ? ? ? ? ? ? ? ? ? ? HKL-2000 ? ? ? .                  3 
? phasing          ? ? ? ? ? ? ? ? ? ? ? PHENIX   ? ? ? .                  4 
# 
_pdbx_entry_details.entry_id                 7XWF 
_pdbx_entry_details.has_ligand_of_interest   Y 
_pdbx_entry_details.compound_details         ? 
_pdbx_entry_details.source_details           ? 
_pdbx_entry_details.nonpolymer_details       ? 
_pdbx_entry_details.sequence_details         ? 
# 
loop_
_pdbx_unobs_or_zero_occ_residues.id 
_pdbx_unobs_or_zero_occ_residues.PDB_model_num 
_pdbx_unobs_or_zero_occ_residues.polymer_flag 
_pdbx_unobs_or_zero_occ_residues.occupancy_flag 
_pdbx_unobs_or_zero_occ_residues.auth_asym_id 
_pdbx_unobs_or_zero_occ_residues.auth_comp_id 
_pdbx_unobs_or_zero_occ_residues.auth_seq_id 
_pdbx_unobs_or_zero_occ_residues.PDB_ins_code 
_pdbx_unobs_or_zero_occ_residues.label_asym_id 
_pdbx_unobs_or_zero_occ_residues.label_comp_id 
_pdbx_unobs_or_zero_occ_residues.label_seq_id 
1 1 Y 1 A SER 116 ? A SER 4 
2 1 Y 1 A GLY 117 ? A GLY 5 
3 1 Y 1 A GLY 118 ? A GLY 6 
# 
loop_
_chem_comp_atom.comp_id 
_chem_comp_atom.atom_id 
_chem_comp_atom.type_symbol 
_chem_comp_atom.pdbx_aromatic_flag 
_chem_comp_atom.pdbx_stereo_config 
_chem_comp_atom.pdbx_ordinal 
ALA N    N  N N 1   
ALA CA   C  N S 2   
ALA C    C  N N 3   
ALA O    O  N N 4   
ALA CB   C  N N 5   
ALA OXT  O  N N 6   
ALA H    H  N N 7   
ALA H2   H  N N 8   
ALA HA   H  N N 9   
ALA HB1  H  N N 10  
ALA HB2  H  N N 11  
ALA HB3  H  N N 12  
ALA HXT  H  N N 13  
ARG N    N  N N 14  
ARG CA   C  N S 15  
ARG C    C  N N 16  
ARG O    O  N N 17  
ARG CB   C  N N 18  
ARG CG   C  N N 19  
ARG CD   C  N N 20  
ARG NE   N  N N 21  
ARG CZ   C  N N 22  
ARG NH1  N  N N 23  
ARG NH2  N  N N 24  
ARG OXT  O  N N 25  
ARG H    H  N N 26  
ARG H2   H  N N 27  
ARG HA   H  N N 28  
ARG HB2  H  N N 29  
ARG HB3  H  N N 30  
ARG HG2  H  N N 31  
ARG HG3  H  N N 32  
ARG HD2  H  N N 33  
ARG HD3  H  N N 34  
ARG HE   H  N N 35  
ARG HH11 H  N N 36  
ARG HH12 H  N N 37  
ARG HH21 H  N N 38  
ARG HH22 H  N N 39  
ARG HXT  H  N N 40  
ASN N    N  N N 41  
ASN CA   C  N S 42  
ASN C    C  N N 43  
ASN O    O  N N 44  
ASN CB   C  N N 45  
ASN CG   C  N N 46  
ASN OD1  O  N N 47  
ASN ND2  N  N N 48  
ASN OXT  O  N N 49  
ASN H    H  N N 50  
ASN H2   H  N N 51  
ASN HA   H  N N 52  
ASN HB2  H  N N 53  
ASN HB3  H  N N 54  
ASN HD21 H  N N 55  
ASN HD22 H  N N 56  
ASN HXT  H  N N 57  
ASP N    N  N N 58  
ASP CA   C  N S 59  
ASP C    C  N N 60  
ASP O    O  N N 61  
ASP CB   C  N N 62  
ASP CG   C  N N 63  
ASP OD1  O  N N 64  
ASP OD2  O  N N 65  
ASP OXT  O  N N 66  
ASP H    H  N N 67  
ASP H2   H  N N 68  
ASP HA   H  N N 69  
ASP HB2  H  N N 70  
ASP HB3  H  N N 71  
ASP HD2  H  N N 72  
ASP HXT  H  N N 73  
CYS N    N  N N 74  
CYS CA   C  N R 75  
CYS C    C  N N 76  
CYS O    O  N N 77  
CYS CB   C  N N 78  
CYS SG   S  N N 79  
CYS OXT  O  N N 80  
CYS H    H  N N 81  
CYS H2   H  N N 82  
CYS HA   H  N N 83  
CYS HB2  H  N N 84  
CYS HB3  H  N N 85  
CYS HG   H  N N 86  
CYS HXT  H  N N 87  
GLN N    N  N N 88  
GLN CA   C  N S 89  
GLN C    C  N N 90  
GLN O    O  N N 91  
GLN CB   C  N N 92  
GLN CG   C  N N 93  
GLN CD   C  N N 94  
GLN OE1  O  N N 95  
GLN NE2  N  N N 96  
GLN OXT  O  N N 97  
GLN H    H  N N 98  
GLN H2   H  N N 99  
GLN HA   H  N N 100 
GLN HB2  H  N N 101 
GLN HB3  H  N N 102 
GLN HG2  H  N N 103 
GLN HG3  H  N N 104 
GLN HE21 H  N N 105 
GLN HE22 H  N N 106 
GLN HXT  H  N N 107 
GLU N    N  N N 108 
GLU CA   C  N S 109 
GLU C    C  N N 110 
GLU O    O  N N 111 
GLU CB   C  N N 112 
GLU CG   C  N N 113 
GLU CD   C  N N 114 
GLU OE1  O  N N 115 
GLU OE2  O  N N 116 
GLU OXT  O  N N 117 
GLU H    H  N N 118 
GLU H2   H  N N 119 
GLU HA   H  N N 120 
GLU HB2  H  N N 121 
GLU HB3  H  N N 122 
GLU HG2  H  N N 123 
GLU HG3  H  N N 124 
GLU HE2  H  N N 125 
GLU HXT  H  N N 126 
GLY N    N  N N 127 
GLY CA   C  N N 128 
GLY C    C  N N 129 
GLY O    O  N N 130 
GLY OXT  O  N N 131 
GLY H    H  N N 132 
GLY H2   H  N N 133 
GLY HA2  H  N N 134 
GLY HA3  H  N N 135 
GLY HXT  H  N N 136 
HIS N    N  N N 137 
HIS CA   C  N S 138 
HIS C    C  N N 139 
HIS O    O  N N 140 
HIS CB   C  N N 141 
HIS CG   C  Y N 142 
HIS ND1  N  Y N 143 
HIS CD2  C  Y N 144 
HIS CE1  C  Y N 145 
HIS NE2  N  Y N 146 
HIS OXT  O  N N 147 
HIS H    H  N N 148 
HIS H2   H  N N 149 
HIS HA   H  N N 150 
HIS HB2  H  N N 151 
HIS HB3  H  N N 152 
HIS HD1  H  N N 153 
HIS HD2  H  N N 154 
HIS HE1  H  N N 155 
HIS HE2  H  N N 156 
HIS HXT  H  N N 157 
HOH O    O  N N 158 
HOH H1   H  N N 159 
HOH H2   H  N N 160 
ILE N    N  N N 161 
ILE CA   C  N S 162 
ILE C    C  N N 163 
ILE O    O  N N 164 
ILE CB   C  N S 165 
ILE CG1  C  N N 166 
ILE CG2  C  N N 167 
ILE CD1  C  N N 168 
ILE OXT  O  N N 169 
ILE H    H  N N 170 
ILE H2   H  N N 171 
ILE HA   H  N N 172 
ILE HB   H  N N 173 
ILE HG12 H  N N 174 
ILE HG13 H  N N 175 
ILE HG21 H  N N 176 
ILE HG22 H  N N 177 
ILE HG23 H  N N 178 
ILE HD11 H  N N 179 
ILE HD12 H  N N 180 
ILE HD13 H  N N 181 
ILE HXT  H  N N 182 
LEU N    N  N N 183 
LEU CA   C  N S 184 
LEU C    C  N N 185 
LEU O    O  N N 186 
LEU CB   C  N N 187 
LEU CG   C  N N 188 
LEU CD1  C  N N 189 
LEU CD2  C  N N 190 
LEU OXT  O  N N 191 
LEU H    H  N N 192 
LEU H2   H  N N 193 
LEU HA   H  N N 194 
LEU HB2  H  N N 195 
LEU HB3  H  N N 196 
LEU HG   H  N N 197 
LEU HD11 H  N N 198 
LEU HD12 H  N N 199 
LEU HD13 H  N N 200 
LEU HD21 H  N N 201 
LEU HD22 H  N N 202 
LEU HD23 H  N N 203 
LEU HXT  H  N N 204 
LYS N    N  N N 205 
LYS CA   C  N S 206 
LYS C    C  N N 207 
LYS O    O  N N 208 
LYS CB   C  N N 209 
LYS CG   C  N N 210 
LYS CD   C  N N 211 
LYS CE   C  N N 212 
LYS NZ   N  N N 213 
LYS OXT  O  N N 214 
LYS H    H  N N 215 
LYS H2   H  N N 216 
LYS HA   H  N N 217 
LYS HB2  H  N N 218 
LYS HB3  H  N N 219 
LYS HG2  H  N N 220 
LYS HG3  H  N N 221 
LYS HD2  H  N N 222 
LYS HD3  H  N N 223 
LYS HE2  H  N N 224 
LYS HE3  H  N N 225 
LYS HZ1  H  N N 226 
LYS HZ2  H  N N 227 
LYS HZ3  H  N N 228 
LYS HXT  H  N N 229 
PHE N    N  N N 230 
PHE CA   C  N S 231 
PHE C    C  N N 232 
PHE O    O  N N 233 
PHE CB   C  N N 234 
PHE CG   C  Y N 235 
PHE CD1  C  Y N 236 
PHE CD2  C  Y N 237 
PHE CE1  C  Y N 238 
PHE CE2  C  Y N 239 
PHE CZ   C  Y N 240 
PHE OXT  O  N N 241 
PHE H    H  N N 242 
PHE H2   H  N N 243 
PHE HA   H  N N 244 
PHE HB2  H  N N 245 
PHE HB3  H  N N 246 
PHE HD1  H  N N 247 
PHE HD2  H  N N 248 
PHE HE1  H  N N 249 
PHE HE2  H  N N 250 
PHE HZ   H  N N 251 
PHE HXT  H  N N 252 
PRO N    N  N N 253 
PRO CA   C  N S 254 
PRO C    C  N N 255 
PRO O    O  N N 256 
PRO CB   C  N N 257 
PRO CG   C  N N 258 
PRO CD   C  N N 259 
PRO OXT  O  N N 260 
PRO H    H  N N 261 
PRO HA   H  N N 262 
PRO HB2  H  N N 263 
PRO HB3  H  N N 264 
PRO HG2  H  N N 265 
PRO HG3  H  N N 266 
PRO HD2  H  N N 267 
PRO HD3  H  N N 268 
PRO HXT  H  N N 269 
SER N    N  N N 270 
SER CA   C  N S 271 
SER C    C  N N 272 
SER O    O  N N 273 
SER CB   C  N N 274 
SER OG   O  N N 275 
SER OXT  O  N N 276 
SER H    H  N N 277 
SER H2   H  N N 278 
SER HA   H  N N 279 
SER HB2  H  N N 280 
SER HB3  H  N N 281 
SER HG   H  N N 282 
SER HXT  H  N N 283 
THR N    N  N N 284 
THR CA   C  N S 285 
THR C    C  N N 286 
THR O    O  N N 287 
THR CB   C  N R 288 
THR OG1  O  N N 289 
THR CG2  C  N N 290 
THR OXT  O  N N 291 
THR H    H  N N 292 
THR H2   H  N N 293 
THR HA   H  N N 294 
THR HB   H  N N 295 
THR HG1  H  N N 296 
THR HG21 H  N N 297 
THR HG22 H  N N 298 
THR HG23 H  N N 299 
THR HXT  H  N N 300 
TRP N    N  N N 301 
TRP CA   C  N S 302 
TRP C    C  N N 303 
TRP O    O  N N 304 
TRP CB   C  N N 305 
TRP CG   C  Y N 306 
TRP CD1  C  Y N 307 
TRP CD2  C  Y N 308 
TRP NE1  N  Y N 309 
TRP CE2  C  Y N 310 
TRP CE3  C  Y N 311 
TRP CZ2  C  Y N 312 
TRP CZ3  C  Y N 313 
TRP CH2  C  Y N 314 
TRP OXT  O  N N 315 
TRP H    H  N N 316 
TRP H2   H  N N 317 
TRP HA   H  N N 318 
TRP HB2  H  N N 319 
TRP HB3  H  N N 320 
TRP HD1  H  N N 321 
TRP HE1  H  N N 322 
TRP HE3  H  N N 323 
TRP HZ2  H  N N 324 
TRP HZ3  H  N N 325 
TRP HH2  H  N N 326 
TRP HXT  H  N N 327 
TYR N    N  N N 328 
TYR CA   C  N S 329 
TYR C    C  N N 330 
TYR O    O  N N 331 
TYR CB   C  N N 332 
TYR CG   C  Y N 333 
TYR CD1  C  Y N 334 
TYR CD2  C  Y N 335 
TYR CE1  C  Y N 336 
TYR CE2  C  Y N 337 
TYR CZ   C  Y N 338 
TYR OH   O  N N 339 
TYR OXT  O  N N 340 
TYR H    H  N N 341 
TYR H2   H  N N 342 
TYR HA   H  N N 343 
TYR HB2  H  N N 344 
TYR HB3  H  N N 345 
TYR HD1  H  N N 346 
TYR HD2  H  N N 347 
TYR HE1  H  N N 348 
TYR HE2  H  N N 349 
TYR HH   H  N N 350 
TYR HXT  H  N N 351 
VAL N    N  N N 352 
VAL CA   C  N S 353 
VAL C    C  N N 354 
VAL O    O  N N 355 
VAL CB   C  N N 356 
VAL CG1  C  N N 357 
VAL CG2  C  N N 358 
VAL OXT  O  N N 359 
VAL H    H  N N 360 
VAL H2   H  N N 361 
VAL HA   H  N N 362 
VAL HB   H  N N 363 
VAL HG11 H  N N 364 
VAL HG12 H  N N 365 
VAL HG13 H  N N 366 
VAL HG21 H  N N 367 
VAL HG22 H  N N 368 
VAL HG23 H  N N 369 
VAL HXT  H  N N 370 
ZN  ZN   ZN N N 371 
# 
loop_
_chem_comp_bond.comp_id 
_chem_comp_bond.atom_id_1 
_chem_comp_bond.atom_id_2 
_chem_comp_bond.value_order 
_chem_comp_bond.pdbx_aromatic_flag 
_chem_comp_bond.pdbx_stereo_config 
_chem_comp_bond.pdbx_ordinal 
ALA N   CA   sing N N 1   
ALA N   H    sing N N 2   
ALA N   H2   sing N N 3   
ALA CA  C    sing N N 4   
ALA CA  CB   sing N N 5   
ALA CA  HA   sing N N 6   
ALA C   O    doub N N 7   
ALA C   OXT  sing N N 8   
ALA CB  HB1  sing N N 9   
ALA CB  HB2  sing N N 10  
ALA CB  HB3  sing N N 11  
ALA OXT HXT  sing N N 12  
ARG N   CA   sing N N 13  
ARG N   H    sing N N 14  
ARG N   H2   sing N N 15  
ARG CA  C    sing N N 16  
ARG CA  CB   sing N N 17  
ARG CA  HA   sing N N 18  
ARG C   O    doub N N 19  
ARG C   OXT  sing N N 20  
ARG CB  CG   sing N N 21  
ARG CB  HB2  sing N N 22  
ARG CB  HB3  sing N N 23  
ARG CG  CD   sing N N 24  
ARG CG  HG2  sing N N 25  
ARG CG  HG3  sing N N 26  
ARG CD  NE   sing N N 27  
ARG CD  HD2  sing N N 28  
ARG CD  HD3  sing N N 29  
ARG NE  CZ   sing N N 30  
ARG NE  HE   sing N N 31  
ARG CZ  NH1  sing N N 32  
ARG CZ  NH2  doub N N 33  
ARG NH1 HH11 sing N N 34  
ARG NH1 HH12 sing N N 35  
ARG NH2 HH21 sing N N 36  
ARG NH2 HH22 sing N N 37  
ARG OXT HXT  sing N N 38  
ASN N   CA   sing N N 39  
ASN N   H    sing N N 40  
ASN N   H2   sing N N 41  
ASN CA  C    sing N N 42  
ASN CA  CB   sing N N 43  
ASN CA  HA   sing N N 44  
ASN C   O    doub N N 45  
ASN C   OXT  sing N N 46  
ASN CB  CG   sing N N 47  
ASN CB  HB2  sing N N 48  
ASN CB  HB3  sing N N 49  
ASN CG  OD1  doub N N 50  
ASN CG  ND2  sing N N 51  
ASN ND2 HD21 sing N N 52  
ASN ND2 HD22 sing N N 53  
ASN OXT HXT  sing N N 54  
ASP N   CA   sing N N 55  
ASP N   H    sing N N 56  
ASP N   H2   sing N N 57  
ASP CA  C    sing N N 58  
ASP CA  CB   sing N N 59  
ASP CA  HA   sing N N 60  
ASP C   O    doub N N 61  
ASP C   OXT  sing N N 62  
ASP CB  CG   sing N N 63  
ASP CB  HB2  sing N N 64  
ASP CB  HB3  sing N N 65  
ASP CG  OD1  doub N N 66  
ASP CG  OD2  sing N N 67  
ASP OD2 HD2  sing N N 68  
ASP OXT HXT  sing N N 69  
CYS N   CA   sing N N 70  
CYS N   H    sing N N 71  
CYS N   H2   sing N N 72  
CYS CA  C    sing N N 73  
CYS CA  CB   sing N N 74  
CYS CA  HA   sing N N 75  
CYS C   O    doub N N 76  
CYS C   OXT  sing N N 77  
CYS CB  SG   sing N N 78  
CYS CB  HB2  sing N N 79  
CYS CB  HB3  sing N N 80  
CYS SG  HG   sing N N 81  
CYS OXT HXT  sing N N 82  
GLN N   CA   sing N N 83  
GLN N   H    sing N N 84  
GLN N   H2   sing N N 85  
GLN CA  C    sing N N 86  
GLN CA  CB   sing N N 87  
GLN CA  HA   sing N N 88  
GLN C   O    doub N N 89  
GLN C   OXT  sing N N 90  
GLN CB  CG   sing N N 91  
GLN CB  HB2  sing N N 92  
GLN CB  HB3  sing N N 93  
GLN CG  CD   sing N N 94  
GLN CG  HG2  sing N N 95  
GLN CG  HG3  sing N N 96  
GLN CD  OE1  doub N N 97  
GLN CD  NE2  sing N N 98  
GLN NE2 HE21 sing N N 99  
GLN NE2 HE22 sing N N 100 
GLN OXT HXT  sing N N 101 
GLU N   CA   sing N N 102 
GLU N   H    sing N N 103 
GLU N   H2   sing N N 104 
GLU CA  C    sing N N 105 
GLU CA  CB   sing N N 106 
GLU CA  HA   sing N N 107 
GLU C   O    doub N N 108 
GLU C   OXT  sing N N 109 
GLU CB  CG   sing N N 110 
GLU CB  HB2  sing N N 111 
GLU CB  HB3  sing N N 112 
GLU CG  CD   sing N N 113 
GLU CG  HG2  sing N N 114 
GLU CG  HG3  sing N N 115 
GLU CD  OE1  doub N N 116 
GLU CD  OE2  sing N N 117 
GLU OE2 HE2  sing N N 118 
GLU OXT HXT  sing N N 119 
GLY N   CA   sing N N 120 
GLY N   H    sing N N 121 
GLY N   H2   sing N N 122 
GLY CA  C    sing N N 123 
GLY CA  HA2  sing N N 124 
GLY CA  HA3  sing N N 125 
GLY C   O    doub N N 126 
GLY C   OXT  sing N N 127 
GLY OXT HXT  sing N N 128 
HIS N   CA   sing N N 129 
HIS N   H    sing N N 130 
HIS N   H2   sing N N 131 
HIS CA  C    sing N N 132 
HIS CA  CB   sing N N 133 
HIS CA  HA   sing N N 134 
HIS C   O    doub N N 135 
HIS C   OXT  sing N N 136 
HIS CB  CG   sing N N 137 
HIS CB  HB2  sing N N 138 
HIS CB  HB3  sing N N 139 
HIS CG  ND1  sing Y N 140 
HIS CG  CD2  doub Y N 141 
HIS ND1 CE1  doub Y N 142 
HIS ND1 HD1  sing N N 143 
HIS CD2 NE2  sing Y N 144 
HIS CD2 HD2  sing N N 145 
HIS CE1 NE2  sing Y N 146 
HIS CE1 HE1  sing N N 147 
HIS NE2 HE2  sing N N 148 
HIS OXT HXT  sing N N 149 
HOH O   H1   sing N N 150 
HOH O   H2   sing N N 151 
ILE N   CA   sing N N 152 
ILE N   H    sing N N 153 
ILE N   H2   sing N N 154 
ILE CA  C    sing N N 155 
ILE CA  CB   sing N N 156 
ILE CA  HA   sing N N 157 
ILE C   O    doub N N 158 
ILE C   OXT  sing N N 159 
ILE CB  CG1  sing N N 160 
ILE CB  CG2  sing N N 161 
ILE CB  HB   sing N N 162 
ILE CG1 CD1  sing N N 163 
ILE CG1 HG12 sing N N 164 
ILE CG1 HG13 sing N N 165 
ILE CG2 HG21 sing N N 166 
ILE CG2 HG22 sing N N 167 
ILE CG2 HG23 sing N N 168 
ILE CD1 HD11 sing N N 169 
ILE CD1 HD12 sing N N 170 
ILE CD1 HD13 sing N N 171 
ILE OXT HXT  sing N N 172 
LEU N   CA   sing N N 173 
LEU N   H    sing N N 174 
LEU N   H2   sing N N 175 
LEU CA  C    sing N N 176 
LEU CA  CB   sing N N 177 
LEU CA  HA   sing N N 178 
LEU C   O    doub N N 179 
LEU C   OXT  sing N N 180 
LEU CB  CG   sing N N 181 
LEU CB  HB2  sing N N 182 
LEU CB  HB3  sing N N 183 
LEU CG  CD1  sing N N 184 
LEU CG  CD2  sing N N 185 
LEU CG  HG   sing N N 186 
LEU CD1 HD11 sing N N 187 
LEU CD1 HD12 sing N N 188 
LEU CD1 HD13 sing N N 189 
LEU CD2 HD21 sing N N 190 
LEU CD2 HD22 sing N N 191 
LEU CD2 HD23 sing N N 192 
LEU OXT HXT  sing N N 193 
LYS N   CA   sing N N 194 
LYS N   H    sing N N 195 
LYS N   H2   sing N N 196 
LYS CA  C    sing N N 197 
LYS CA  CB   sing N N 198 
LYS CA  HA   sing N N 199 
LYS C   O    doub N N 200 
LYS C   OXT  sing N N 201 
LYS CB  CG   sing N N 202 
LYS CB  HB2  sing N N 203 
LYS CB  HB3  sing N N 204 
LYS CG  CD   sing N N 205 
LYS CG  HG2  sing N N 206 
LYS CG  HG3  sing N N 207 
LYS CD  CE   sing N N 208 
LYS CD  HD2  sing N N 209 
LYS CD  HD3  sing N N 210 
LYS CE  NZ   sing N N 211 
LYS CE  HE2  sing N N 212 
LYS CE  HE3  sing N N 213 
LYS NZ  HZ1  sing N N 214 
LYS NZ  HZ2  sing N N 215 
LYS NZ  HZ3  sing N N 216 
LYS OXT HXT  sing N N 217 
PHE N   CA   sing N N 218 
PHE N   H    sing N N 219 
PHE N   H2   sing N N 220 
PHE CA  C    sing N N 221 
PHE CA  CB   sing N N 222 
PHE CA  HA   sing N N 223 
PHE C   O    doub N N 224 
PHE C   OXT  sing N N 225 
PHE CB  CG   sing N N 226 
PHE CB  HB2  sing N N 227 
PHE CB  HB3  sing N N 228 
PHE CG  CD1  doub Y N 229 
PHE CG  CD2  sing Y N 230 
PHE CD1 CE1  sing Y N 231 
PHE CD1 HD1  sing N N 232 
PHE CD2 CE2  doub Y N 233 
PHE CD2 HD2  sing N N 234 
PHE CE1 CZ   doub Y N 235 
PHE CE1 HE1  sing N N 236 
PHE CE2 CZ   sing Y N 237 
PHE CE2 HE2  sing N N 238 
PHE CZ  HZ   sing N N 239 
PHE OXT HXT  sing N N 240 
PRO N   CA   sing N N 241 
PRO N   CD   sing N N 242 
PRO N   H    sing N N 243 
PRO CA  C    sing N N 244 
PRO CA  CB   sing N N 245 
PRO CA  HA   sing N N 246 
PRO C   O    doub N N 247 
PRO C   OXT  sing N N 248 
PRO CB  CG   sing N N 249 
PRO CB  HB2  sing N N 250 
PRO CB  HB3  sing N N 251 
PRO CG  CD   sing N N 252 
PRO CG  HG2  sing N N 253 
PRO CG  HG3  sing N N 254 
PRO CD  HD2  sing N N 255 
PRO CD  HD3  sing N N 256 
PRO OXT HXT  sing N N 257 
SER N   CA   sing N N 258 
SER N   H    sing N N 259 
SER N   H2   sing N N 260 
SER CA  C    sing N N 261 
SER CA  CB   sing N N 262 
SER CA  HA   sing N N 263 
SER C   O    doub N N 264 
SER C   OXT  sing N N 265 
SER CB  OG   sing N N 266 
SER CB  HB2  sing N N 267 
SER CB  HB3  sing N N 268 
SER OG  HG   sing N N 269 
SER OXT HXT  sing N N 270 
THR N   CA   sing N N 271 
THR N   H    sing N N 272 
THR N   H2   sing N N 273 
THR CA  C    sing N N 274 
THR CA  CB   sing N N 275 
THR CA  HA   sing N N 276 
THR C   O    doub N N 277 
THR C   OXT  sing N N 278 
THR CB  OG1  sing N N 279 
THR CB  CG2  sing N N 280 
THR CB  HB   sing N N 281 
THR OG1 HG1  sing N N 282 
THR CG2 HG21 sing N N 283 
THR CG2 HG22 sing N N 284 
THR CG2 HG23 sing N N 285 
THR OXT HXT  sing N N 286 
TRP N   CA   sing N N 287 
TRP N   H    sing N N 288 
TRP N   H2   sing N N 289 
TRP CA  C    sing N N 290 
TRP CA  CB   sing N N 291 
TRP CA  HA   sing N N 292 
TRP C   O    doub N N 293 
TRP C   OXT  sing N N 294 
TRP CB  CG   sing N N 295 
TRP CB  HB2  sing N N 296 
TRP CB  HB3  sing N N 297 
TRP CG  CD1  doub Y N 298 
TRP CG  CD2  sing Y N 299 
TRP CD1 NE1  sing Y N 300 
TRP CD1 HD1  sing N N 301 
TRP CD2 CE2  doub Y N 302 
TRP CD2 CE3  sing Y N 303 
TRP NE1 CE2  sing Y N 304 
TRP NE1 HE1  sing N N 305 
TRP CE2 CZ2  sing Y N 306 
TRP CE3 CZ3  doub Y N 307 
TRP CE3 HE3  sing N N 308 
TRP CZ2 CH2  doub Y N 309 
TRP CZ2 HZ2  sing N N 310 
TRP CZ3 CH2  sing Y N 311 
TRP CZ3 HZ3  sing N N 312 
TRP CH2 HH2  sing N N 313 
TRP OXT HXT  sing N N 314 
TYR N   CA   sing N N 315 
TYR N   H    sing N N 316 
TYR N   H2   sing N N 317 
TYR CA  C    sing N N 318 
TYR CA  CB   sing N N 319 
TYR CA  HA   sing N N 320 
TYR C   O    doub N N 321 
TYR C   OXT  sing N N 322 
TYR CB  CG   sing N N 323 
TYR CB  HB2  sing N N 324 
TYR CB  HB3  sing N N 325 
TYR CG  CD1  doub Y N 326 
TYR CG  CD2  sing Y N 327 
TYR CD1 CE1  sing Y N 328 
TYR CD1 HD1  sing N N 329 
TYR CD2 CE2  doub Y N 330 
TYR CD2 HD2  sing N N 331 
TYR CE1 CZ   doub Y N 332 
TYR CE1 HE1  sing N N 333 
TYR CE2 CZ   sing Y N 334 
TYR CE2 HE2  sing N N 335 
TYR CZ  OH   sing N N 336 
TYR OH  HH   sing N N 337 
TYR OXT HXT  sing N N 338 
VAL N   CA   sing N N 339 
VAL N   H    sing N N 340 
VAL N   H2   sing N N 341 
VAL CA  C    sing N N 342 
VAL CA  CB   sing N N 343 
VAL CA  HA   sing N N 344 
VAL C   O    doub N N 345 
VAL C   OXT  sing N N 346 
VAL CB  CG1  sing N N 347 
VAL CB  CG2  sing N N 348 
VAL CB  HB   sing N N 349 
VAL CG1 HG11 sing N N 350 
VAL CG1 HG12 sing N N 351 
VAL CG1 HG13 sing N N 352 
VAL CG2 HG21 sing N N 353 
VAL CG2 HG22 sing N N 354 
VAL CG2 HG23 sing N N 355 
VAL OXT HXT  sing N N 356 
# 
loop_
_pdbx_audit_support.funding_organization 
_pdbx_audit_support.country 
_pdbx_audit_support.grant_number 
_pdbx_audit_support.ordinal 
'National Research Foundation (NRF, Korea)' 'Korea, Republic Of' 2020R1A2C3008285    1 
'National Research Foundation (NRF, Korea)' 'Korea, Republic Of' 2021M3A9I4030068    2 
'National Research Foundation (NRF, Korea)' 'Korea, Republic Of' 2021R1A6A1A10045235 3 
# 
_pdbx_entity_instance_feature.ordinal        1 
_pdbx_entity_instance_feature.comp_id        ZN 
_pdbx_entity_instance_feature.asym_id        ? 
_pdbx_entity_instance_feature.seq_num        ? 
_pdbx_entity_instance_feature.auth_comp_id   ZN 
_pdbx_entity_instance_feature.auth_asym_id   ? 
_pdbx_entity_instance_feature.auth_seq_num   ? 
_pdbx_entity_instance_feature.feature_type   'SUBJECT OF INVESTIGATION' 
_pdbx_entity_instance_feature.details        ? 
# 
loop_
_pdbx_entity_nonpoly.entity_id 
_pdbx_entity_nonpoly.name 
_pdbx_entity_nonpoly.comp_id 
2 'ZINC ION' ZN  
3 water      HOH 
# 
_pdbx_initial_refinement_model.id               1 
_pdbx_initial_refinement_model.entity_id_list   ? 
_pdbx_initial_refinement_model.type             'experimental model' 
_pdbx_initial_refinement_model.source_name      PDB 
_pdbx_initial_refinement_model.accession_code   6LHN 
_pdbx_initial_refinement_model.details          ? 
# 
_pdbx_struct_assembly_auth_evidence.id                     1 
_pdbx_struct_assembly_auth_evidence.assembly_id            1 
_pdbx_struct_assembly_auth_evidence.experimental_support   none 
_pdbx_struct_assembly_auth_evidence.details                ? 
# 
